data_1RGO
#
_entry.id   1RGO
#
loop_
_entity.id
_entity.type
_entity.pdbx_description
1 polymer "RNA (5'-R(*UP*UP*AP*UP*UP*UP*AP*UP*U)-3')"
2 polymer 'Butyrate response factor 2'
3 non-polymer 'ZINC ION'
#
loop_
_entity_poly.entity_id
_entity_poly.type
_entity_poly.pdbx_seq_one_letter_code
_entity_poly.pdbx_strand_id
1 'polyribonucleotide' UUAUUUAUU D
2 'polypeptide(L)' STRYKTELCRPFEESGTCKYGEKCQFAHGFHELRSLTRHPKYKTELCRTFHTIGFCPYGPRCHFIHNADE A
#
# COMPACT_ATOMS: atom_id res chain seq x y z
N SER B 1 -5.78 -9.44 10.41
CA SER B 1 -5.79 -8.03 9.96
C SER B 1 -6.44 -7.93 8.59
N THR B 2 -7.25 -6.90 8.31
CA THR B 2 -7.86 -6.72 6.97
C THR B 2 -6.77 -6.36 5.95
N ARG B 3 -5.57 -5.92 6.36
CA ARG B 3 -4.48 -5.56 5.43
C ARG B 3 -3.73 -6.83 4.99
N TYR B 4 -4.17 -8.05 5.35
CA TYR B 4 -3.41 -9.27 5.08
C TYR B 4 -3.16 -9.41 3.56
N LYS B 5 -1.89 -9.50 3.10
CA LYS B 5 -1.56 -9.69 1.66
C LYS B 5 -2.27 -8.61 0.80
N THR B 6 -2.49 -7.39 1.31
CA THR B 6 -2.97 -6.27 0.47
C THR B 6 -1.77 -5.51 -0.11
N GLU B 7 -0.53 -5.80 0.30
CA GLU B 7 0.67 -5.10 -0.22
C GLU B 7 1.74 -6.13 -0.60
N LEU B 8 2.59 -5.86 -1.60
CA LEU B 8 3.63 -6.81 -2.05
C LEU B 8 4.61 -7.08 -0.90
N CYS B 9 5.10 -8.31 -0.72
CA CYS B 9 6.20 -8.59 0.20
C CYS B 9 7.51 -8.12 -0.44
N ARG B 10 8.03 -6.93 -0.08
CA ARG B 10 9.16 -6.33 -0.80
C ARG B 10 10.43 -7.21 -0.64
N PRO B 11 10.75 -7.75 0.56
CA PRO B 11 11.96 -8.58 0.75
C PRO B 11 11.87 -9.83 -0.15
N PHE B 12 10.68 -10.44 -0.34
CA PHE B 12 10.53 -11.59 -1.24
C PHE B 12 10.70 -11.13 -2.71
N GLU B 13 10.14 -10.00 -3.12
CA GLU B 13 10.30 -9.49 -4.51
C GLU B 13 11.78 -9.11 -4.75
N GLU B 14 12.55 -8.71 -3.74
CA GLU B 14 13.94 -8.25 -3.94
C GLU B 14 14.90 -9.47 -3.95
N SER B 15 14.77 -10.44 -3.04
CA SER B 15 15.79 -11.51 -2.86
C SER B 15 15.16 -12.89 -3.16
N GLY B 16 13.85 -13.01 -3.39
CA GLY B 16 13.23 -14.29 -3.76
C GLY B 16 13.08 -15.19 -2.52
N THR B 17 13.31 -14.68 -1.29
CA THR B 17 13.19 -15.50 -0.06
C THR B 17 12.48 -14.70 1.02
N CYS B 18 11.79 -15.34 1.98
CA CYS B 18 11.14 -14.63 3.08
C CYS B 18 11.19 -15.48 4.35
N LYS B 19 11.70 -14.98 5.48
CA LYS B 19 11.86 -15.79 6.72
C LYS B 19 10.48 -16.10 7.32
N TYR B 20 9.40 -15.45 6.90
CA TYR B 20 8.06 -15.71 7.44
C TYR B 20 7.40 -16.87 6.66
N GLY B 21 7.86 -17.21 5.45
CA GLY B 21 7.38 -18.41 4.73
C GLY B 21 5.87 -18.32 4.50
N GLU B 22 5.10 -19.41 4.66
CA GLU B 22 3.64 -19.41 4.38
C GLU B 22 2.89 -18.56 5.43
N LYS B 23 3.55 -18.07 6.49
CA LYS B 23 2.88 -17.26 7.52
C LYS B 23 3.13 -15.76 7.26
N CYS B 24 3.82 -15.38 6.17
CA CYS B 24 4.08 -13.97 5.87
C CYS B 24 2.75 -13.24 5.66
N GLN B 25 2.52 -12.09 6.31
CA GLN B 25 1.26 -11.37 6.19
C GLN B 25 1.27 -10.51 4.90
N PHE B 26 2.26 -10.63 4.00
CA PHE B 26 2.35 -9.79 2.79
C PHE B 26 2.33 -10.68 1.53
N ALA B 27 2.03 -10.14 0.34
CA ALA B 27 1.80 -10.96 -0.86
C ALA B 27 3.15 -11.42 -1.45
N HIS B 28 3.43 -12.72 -1.52
CA HIS B 28 4.61 -13.21 -2.26
C HIS B 28 4.29 -13.29 -3.77
N GLY B 29 3.01 -13.45 -4.16
CA GLY B 29 2.63 -13.42 -5.60
C GLY B 29 1.45 -12.47 -5.79
N PHE B 30 1.29 -11.84 -6.97
CA PHE B 30 0.12 -10.96 -7.24
C PHE B 30 -1.16 -11.81 -7.23
N HIS B 31 -1.10 -13.14 -7.41
CA HIS B 31 -2.27 -14.02 -7.30
C HIS B 31 -2.84 -13.98 -5.86
N GLU B 32 -2.07 -13.51 -4.85
CA GLU B 32 -2.54 -13.51 -3.45
C GLU B 32 -3.05 -12.11 -3.08
N LEU B 33 -2.85 -11.07 -3.91
CA LEU B 33 -3.26 -9.70 -3.57
C LEU B 33 -4.79 -9.65 -3.43
N ARG B 34 -5.33 -9.18 -2.30
CA ARG B 34 -6.81 -9.14 -2.09
C ARG B 34 -7.35 -7.73 -2.42
N SER B 35 -8.61 -7.42 -2.10
CA SER B 35 -9.19 -6.08 -2.38
C SER B 35 -9.31 -5.30 -1.06
N LEU B 36 -8.89 -4.01 -1.00
CA LEU B 36 -8.94 -3.24 0.25
C LEU B 36 -10.32 -2.57 0.38
N THR B 37 -11.02 -2.73 1.50
CA THR B 37 -12.26 -1.96 1.76
C THR B 37 -11.89 -0.52 2.16
N ARG B 38 -12.03 0.47 1.27
CA ARG B 38 -11.51 1.84 1.52
C ARG B 38 -12.67 2.80 1.75
N HIS B 39 -12.46 3.95 2.41
CA HIS B 39 -13.53 4.95 2.64
C HIS B 39 -14.12 5.40 1.28
N PRO B 40 -15.43 5.70 1.18
CA PRO B 40 -16.06 6.07 -0.11
C PRO B 40 -15.44 7.39 -0.64
N LYS B 41 -14.86 8.26 0.21
CA LYS B 41 -14.21 9.51 -0.26
C LYS B 41 -12.69 9.27 -0.49
N TYR B 42 -12.24 8.02 -0.65
CA TYR B 42 -10.80 7.72 -0.86
C TYR B 42 -10.22 8.63 -1.98
N LYS B 43 -9.20 9.45 -1.68
CA LYS B 43 -8.54 10.34 -2.67
C LYS B 43 -9.61 11.20 -3.41
N THR B 44 -10.42 11.97 -2.69
CA THR B 44 -11.32 12.97 -3.33
C THR B 44 -10.89 14.39 -2.90
N GLU B 45 -10.09 14.55 -1.83
CA GLU B 45 -9.59 15.88 -1.41
C GLU B 45 -8.05 15.88 -1.41
N LEU B 46 -7.38 17.04 -1.59
CA LEU B 46 -5.91 17.09 -1.70
C LEU B 46 -5.26 16.70 -0.36
N CYS B 47 -4.22 15.86 -0.34
CA CYS B 47 -3.50 15.54 0.89
C CYS B 47 -2.73 16.76 1.38
N ARG B 48 -3.04 17.31 2.55
CA ARG B 48 -2.36 18.52 3.07
C ARG B 48 -0.87 18.27 3.18
N THR B 49 -0.41 17.18 3.82
CA THR B 49 1.03 16.92 4.01
C THR B 49 1.74 16.86 2.65
N PHE B 50 1.24 16.12 1.65
CA PHE B 50 1.92 16.01 0.35
C PHE B 50 1.89 17.38 -0.37
N HIS B 51 0.80 18.13 -0.33
CA HIS B 51 0.72 19.45 -1.00
C HIS B 51 1.42 20.55 -0.13
N THR B 52 1.95 20.22 1.05
CA THR B 52 2.69 21.22 1.88
C THR B 52 4.17 20.83 1.97
N ILE B 53 4.53 19.67 2.54
CA ILE B 53 5.95 19.28 2.69
C ILE B 53 6.48 18.75 1.34
N GLY B 54 5.61 18.43 0.36
CA GLY B 54 6.06 17.76 -0.88
C GLY B 54 6.18 16.25 -0.65
N PHE B 55 5.84 15.73 0.54
CA PHE B 55 5.97 14.29 0.85
C PHE B 55 4.85 13.87 1.83
N CYS B 56 4.62 12.57 2.05
CA CYS B 56 3.60 12.12 3.01
C CYS B 56 4.08 10.80 3.67
N PRO B 57 4.05 10.68 5.01
CA PRO B 57 4.60 9.52 5.71
C PRO B 57 3.70 8.29 5.46
N TYR B 58 2.47 8.45 4.93
CA TYR B 58 1.59 7.30 4.64
C TYR B 58 1.93 6.73 3.24
N GLY B 59 2.65 7.47 2.37
CA GLY B 59 3.10 6.94 1.08
C GLY B 59 1.87 6.59 0.21
N PRO B 60 1.91 5.52 -0.61
CA PRO B 60 0.81 5.18 -1.51
C PRO B 60 -0.41 4.68 -0.68
N ARG B 61 -0.26 4.40 0.63
CA ARG B 61 -1.41 3.95 1.46
C ARG B 61 -2.24 5.17 1.90
N CYS B 62 -1.84 6.41 1.58
CA CYS B 62 -2.55 7.61 2.04
C CYS B 62 -3.98 7.63 1.45
N HIS B 63 -4.99 8.08 2.18
CA HIS B 63 -6.38 8.06 1.70
C HIS B 63 -6.71 9.42 1.03
N PHE B 64 -5.73 10.30 0.78
CA PHE B 64 -6.02 11.63 0.18
C PHE B 64 -5.19 11.81 -1.12
N ILE B 65 -5.57 12.73 -2.02
CA ILE B 65 -4.92 12.85 -3.35
C ILE B 65 -3.49 13.37 -3.19
N HIS B 66 -2.47 12.64 -3.65
CA HIS B 66 -1.09 13.17 -3.70
C HIS B 66 -0.87 13.88 -5.05
N ASN B 67 -0.34 13.22 -6.07
CA ASN B 67 -0.17 13.83 -7.41
C ASN B 67 -1.38 13.46 -8.29
N ALA B 68 -2.03 14.42 -8.97
CA ALA B 68 -3.18 14.13 -9.84
C ALA B 68 -2.69 13.46 -11.16
N ASP B 69 -1.38 13.41 -11.44
CA ASP B 69 -0.86 12.74 -12.65
C ASP B 69 -0.17 11.41 -12.25
N GLU B 70 -0.38 10.31 -12.98
CA GLU B 70 0.26 9.02 -12.66
C GLU B 70 1.74 9.07 -13.08
N SER B 1 -7.34 -9.51 9.59
CA SER B 1 -7.21 -8.12 9.08
C SER B 1 -7.70 -8.06 7.63
N THR B 2 -8.49 -7.07 7.23
CA THR B 2 -8.95 -6.93 5.83
C THR B 2 -7.76 -6.54 4.92
N ARG B 3 -6.64 -6.06 5.46
CA ARG B 3 -5.47 -5.66 4.63
C ARG B 3 -4.58 -6.89 4.36
N TYR B 4 -4.94 -8.09 4.82
CA TYR B 4 -4.10 -9.29 4.63
C TYR B 4 -3.81 -9.50 3.13
N LYS B 5 -2.52 -9.53 2.70
CA LYS B 5 -2.15 -9.78 1.27
C LYS B 5 -2.86 -8.77 0.33
N THR B 6 -3.14 -7.53 0.78
CA THR B 6 -3.65 -6.47 -0.14
C THR B 6 -2.46 -5.72 -0.76
N GLU B 7 -1.22 -5.91 -0.28
CA GLU B 7 -0.04 -5.21 -0.83
C GLU B 7 1.07 -6.23 -1.11
N LEU B 8 1.91 -6.03 -2.14
CA LEU B 8 2.97 -6.99 -2.49
C LEU B 8 3.99 -7.07 -1.36
N CYS B 9 4.53 -8.26 -1.05
CA CYS B 9 5.66 -8.39 -0.15
C CYS B 9 6.94 -7.95 -0.86
N ARG B 10 7.40 -6.70 -0.66
CA ARG B 10 8.50 -6.13 -1.47
C ARG B 10 9.82 -6.90 -1.20
N PRO B 11 10.14 -7.31 0.06
CA PRO B 11 11.34 -8.12 0.34
C PRO B 11 11.31 -9.40 -0.53
N PHE B 12 10.16 -10.07 -0.71
CA PHE B 12 10.07 -11.28 -1.53
C PHE B 12 10.24 -10.92 -3.02
N GLU B 13 9.64 -9.82 -3.51
CA GLU B 13 9.79 -9.41 -4.92
C GLU B 13 11.27 -8.99 -5.19
N GLU B 14 12.00 -8.45 -4.20
CA GLU B 14 13.36 -7.93 -4.44
C GLU B 14 14.39 -9.09 -4.36
N SER B 15 14.30 -9.98 -3.36
CA SER B 15 15.38 -10.99 -3.11
C SER B 15 14.83 -12.42 -3.26
N GLY B 16 13.52 -12.62 -3.49
CA GLY B 16 12.97 -13.97 -3.74
C GLY B 16 12.86 -14.75 -2.41
N THR B 17 13.08 -14.12 -1.24
CA THR B 17 13.03 -14.82 0.06
C THR B 17 12.26 -13.99 1.07
N CYS B 18 11.59 -14.59 2.08
CA CYS B 18 10.89 -13.83 3.11
C CYS B 18 11.00 -14.58 4.46
N LYS B 19 11.50 -13.95 5.53
CA LYS B 19 11.71 -14.63 6.83
C LYS B 19 10.34 -14.98 7.45
N TYR B 20 9.23 -14.40 7.00
CA TYR B 20 7.91 -14.70 7.57
C TYR B 20 7.31 -15.95 6.88
N GLY B 21 7.80 -16.35 5.69
CA GLY B 21 7.39 -17.63 5.07
C GLY B 21 5.87 -17.64 4.83
N GLU B 22 5.17 -18.76 5.04
CA GLU B 22 3.72 -18.85 4.76
C GLU B 22 2.93 -17.99 5.78
N LYS B 23 3.57 -17.43 6.82
CA LYS B 23 2.86 -16.60 7.82
C LYS B 23 3.07 -15.10 7.48
N CYS B 24 3.67 -14.75 6.33
CA CYS B 24 3.81 -13.35 5.93
C CYS B 24 2.42 -12.74 5.67
N GLN B 25 2.11 -11.57 6.22
CA GLN B 25 0.79 -10.95 6.05
C GLN B 25 0.71 -10.22 4.70
N PHE B 26 1.73 -10.31 3.82
CA PHE B 26 1.74 -9.57 2.55
C PHE B 26 1.75 -10.56 1.36
N ALA B 27 1.45 -10.14 0.13
CA ALA B 27 1.28 -11.06 -1.00
C ALA B 27 2.66 -11.51 -1.53
N HIS B 28 2.97 -12.81 -1.55
CA HIS B 28 4.20 -13.30 -2.23
C HIS B 28 3.90 -13.53 -3.73
N GLY B 29 2.64 -13.75 -4.14
CA GLY B 29 2.30 -13.86 -5.57
C GLY B 29 1.13 -12.92 -5.89
N PHE B 30 1.02 -12.37 -7.11
CA PHE B 30 -0.14 -11.56 -7.51
C PHE B 30 -1.42 -12.44 -7.51
N HIS B 31 -1.29 -13.77 -7.57
CA HIS B 31 -2.44 -14.69 -7.43
C HIS B 31 -3.06 -14.54 -6.01
N GLU B 32 -2.36 -13.94 -5.03
CA GLU B 32 -2.88 -13.83 -3.65
C GLU B 32 -3.32 -12.39 -3.37
N LEU B 33 -3.05 -11.41 -4.26
CA LEU B 33 -3.37 -9.99 -4.00
C LEU B 33 -4.89 -9.83 -3.82
N ARG B 34 -5.37 -9.24 -2.73
CA ARG B 34 -6.82 -9.01 -2.51
C ARG B 34 -7.15 -7.53 -2.74
N SER B 35 -8.36 -7.18 -3.16
CA SER B 35 -8.75 -5.76 -3.36
C SER B 35 -8.69 -5.03 -2.00
N LEU B 36 -8.25 -3.74 -1.96
CA LEU B 36 -8.09 -3.03 -0.69
C LEU B 36 -9.47 -2.57 -0.17
N THR B 37 -9.95 -3.05 0.98
CA THR B 37 -11.18 -2.52 1.60
C THR B 37 -10.90 -1.14 2.21
N ARG B 38 -11.38 -0.04 1.62
CA ARG B 38 -11.01 1.33 2.06
C ARG B 38 -12.27 2.20 2.15
N HIS B 39 -12.25 3.31 2.91
CA HIS B 39 -13.41 4.22 3.02
C HIS B 39 -13.84 4.69 1.60
N PRO B 40 -15.15 4.94 1.34
CA PRO B 40 -15.62 5.31 0.00
C PRO B 40 -14.98 6.67 -0.44
N LYS B 41 -14.48 7.51 0.49
CA LYS B 41 -13.82 8.79 0.11
C LYS B 41 -12.29 8.55 -0.11
N TYR B 42 -11.83 7.30 -0.22
CA TYR B 42 -10.39 7.01 -0.39
C TYR B 42 -9.80 7.84 -1.58
N LYS B 43 -8.76 8.66 -1.35
CA LYS B 43 -8.13 9.50 -2.39
C LYS B 43 -9.21 10.28 -3.19
N THR B 44 -10.08 11.04 -2.53
CA THR B 44 -11.01 11.98 -3.23
C THR B 44 -10.59 13.43 -2.93
N GLU B 45 -9.78 13.69 -1.90
CA GLU B 45 -9.31 15.06 -1.60
C GLU B 45 -7.77 15.13 -1.68
N LEU B 46 -7.17 16.29 -2.02
CA LEU B 46 -5.71 16.42 -2.10
C LEU B 46 -5.08 16.24 -0.71
N CYS B 47 -4.01 15.46 -0.57
CA CYS B 47 -3.32 15.32 0.72
C CYS B 47 -2.65 16.64 1.08
N ARG B 48 -3.07 17.32 2.16
CA ARG B 48 -2.52 18.63 2.55
C ARG B 48 -1.02 18.51 2.79
N THR B 49 -0.54 17.55 3.58
CA THR B 49 0.91 17.40 3.86
C THR B 49 1.69 17.22 2.53
N PHE B 50 1.26 16.34 1.62
CA PHE B 50 2.00 16.13 0.36
C PHE B 50 1.94 17.41 -0.52
N HIS B 51 0.80 18.10 -0.61
CA HIS B 51 0.68 19.31 -1.46
C HIS B 51 1.21 20.57 -0.70
N THR B 52 1.68 20.44 0.55
CA THR B 52 2.29 21.60 1.29
C THR B 52 3.78 21.35 1.50
N ILE B 53 4.19 20.29 2.23
CA ILE B 53 5.62 20.03 2.49
C ILE B 53 6.27 19.38 1.24
N GLY B 54 5.49 18.93 0.25
CA GLY B 54 6.03 18.18 -0.90
C GLY B 54 6.25 16.71 -0.50
N PHE B 55 5.89 16.29 0.73
CA PHE B 55 6.13 14.91 1.18
C PHE B 55 5.02 14.52 2.17
N CYS B 56 4.85 13.23 2.50
CA CYS B 56 3.84 12.80 3.47
C CYS B 56 4.40 11.61 4.30
N PRO B 57 4.35 11.66 5.65
CA PRO B 57 4.93 10.60 6.48
C PRO B 57 4.08 9.32 6.36
N TYR B 58 2.86 9.37 5.80
CA TYR B 58 2.03 8.16 5.63
C TYR B 58 2.47 7.40 4.36
N GLY B 59 3.19 8.03 3.43
CA GLY B 59 3.74 7.32 2.26
C GLY B 59 2.59 6.71 1.41
N PRO B 60 2.78 5.54 0.77
CA PRO B 60 1.77 4.97 -0.11
C PRO B 60 0.55 4.48 0.71
N ARG B 61 0.63 4.40 2.05
CA ARG B 61 -0.53 3.99 2.89
C ARG B 61 -1.46 5.19 3.13
N CYS B 62 -1.14 6.40 2.63
CA CYS B 62 -1.95 7.59 2.90
C CYS B 62 -3.33 7.45 2.21
N HIS B 63 -4.43 7.87 2.85
CA HIS B 63 -5.78 7.71 2.28
C HIS B 63 -6.13 8.95 1.42
N PHE B 64 -5.20 9.88 1.17
CA PHE B 64 -5.52 11.14 0.44
C PHE B 64 -4.69 11.21 -0.87
N ILE B 65 -5.08 12.04 -1.86
CA ILE B 65 -4.41 12.05 -3.19
C ILE B 65 -3.01 12.67 -3.06
N HIS B 66 -1.94 11.96 -3.35
CA HIS B 66 -0.59 12.54 -3.42
C HIS B 66 -0.35 13.11 -4.84
N ASN B 67 0.27 12.36 -5.76
CA ASN B 67 0.47 12.84 -7.14
C ASN B 67 -0.65 12.30 -8.04
N ALA B 68 -1.31 13.15 -8.84
CA ALA B 68 -2.40 12.69 -9.73
C ALA B 68 -1.80 11.93 -10.96
N ASP B 69 -0.46 11.95 -11.17
CA ASP B 69 0.16 11.21 -12.28
C ASP B 69 0.93 9.98 -11.72
N GLU B 70 0.83 8.81 -12.34
CA GLU B 70 1.56 7.62 -11.88
C GLU B 70 3.05 7.74 -12.24
N SER B 1 -7.09 -11.02 9.96
CA SER B 1 -6.53 -9.72 9.52
C SER B 1 -7.08 -9.37 8.14
N THR B 2 -7.84 -8.27 7.98
CA THR B 2 -8.40 -7.89 6.66
C THR B 2 -7.26 -7.47 5.72
N ARG B 3 -6.16 -6.89 6.22
CA ARG B 3 -5.03 -6.44 5.35
C ARG B 3 -4.17 -7.65 4.93
N TYR B 4 -4.54 -8.89 5.28
CA TYR B 4 -3.71 -10.08 4.99
C TYR B 4 -3.41 -10.15 3.46
N LYS B 5 -2.12 -10.20 3.05
CA LYS B 5 -1.74 -10.33 1.61
C LYS B 5 -2.44 -9.22 0.76
N THR B 6 -2.68 -8.03 1.31
CA THR B 6 -3.15 -6.88 0.49
C THR B 6 -1.94 -6.10 -0.06
N GLU B 7 -0.72 -6.30 0.49
CA GLU B 7 0.49 -5.59 0.01
C GLU B 7 1.56 -6.60 -0.42
N LEU B 8 2.39 -6.30 -1.43
CA LEU B 8 3.42 -7.23 -1.90
C LEU B 8 4.45 -7.50 -0.78
N CYS B 9 4.93 -8.74 -0.61
CA CYS B 9 6.04 -9.02 0.28
C CYS B 9 7.34 -8.54 -0.38
N ARG B 10 7.87 -7.35 -0.03
CA ARG B 10 9.00 -6.75 -0.76
C ARG B 10 10.28 -7.60 -0.55
N PRO B 11 10.56 -8.14 0.66
CA PRO B 11 11.72 -9.01 0.88
C PRO B 11 11.68 -10.20 -0.11
N PHE B 12 10.51 -10.81 -0.37
CA PHE B 12 10.40 -11.93 -1.31
C PHE B 12 10.59 -11.42 -2.76
N GLU B 13 10.02 -10.27 -3.13
CA GLU B 13 10.18 -9.72 -4.49
C GLU B 13 11.66 -9.33 -4.73
N GLU B 14 12.42 -8.90 -3.71
CA GLU B 14 13.80 -8.43 -3.89
C GLU B 14 14.78 -9.62 -3.88
N SER B 15 14.65 -10.59 -2.97
CA SER B 15 15.70 -11.64 -2.77
C SER B 15 15.11 -13.04 -3.06
N GLY B 16 13.81 -13.18 -3.32
CA GLY B 16 13.22 -14.48 -3.71
C GLY B 16 13.06 -15.39 -2.47
N THR B 17 13.29 -14.88 -1.24
CA THR B 17 13.17 -15.70 -0.01
C THR B 17 12.44 -14.94 1.07
N CYS B 18 11.74 -15.60 2.01
CA CYS B 18 11.06 -14.91 3.11
C CYS B 18 11.16 -15.77 4.39
N LYS B 19 11.67 -15.24 5.50
CA LYS B 19 11.86 -16.04 6.73
C LYS B 19 10.49 -16.39 7.36
N TYR B 20 9.40 -15.72 6.98
CA TYR B 20 8.07 -16.02 7.55
C TYR B 20 7.42 -17.20 6.77
N GLY B 21 7.85 -17.50 5.53
CA GLY B 21 7.36 -18.68 4.80
C GLY B 21 5.83 -18.61 4.65
N GLU B 22 5.09 -19.71 4.86
CA GLU B 22 3.62 -19.73 4.65
C GLU B 22 2.92 -18.91 5.76
N LYS B 23 3.62 -18.43 6.79
CA LYS B 23 3.01 -17.59 7.85
C LYS B 23 3.21 -16.11 7.51
N CYS B 24 3.86 -15.74 6.39
CA CYS B 24 4.04 -14.34 6.02
C CYS B 24 2.68 -13.69 5.73
N GLN B 25 2.35 -12.58 6.37
CA GLN B 25 1.03 -11.94 6.18
C GLN B 25 1.06 -11.06 4.90
N PHE B 26 2.09 -11.13 4.06
CA PHE B 26 2.18 -10.27 2.86
C PHE B 26 2.20 -11.16 1.59
N ALA B 27 1.90 -10.62 0.40
CA ALA B 27 1.69 -11.44 -0.80
C ALA B 27 3.05 -11.87 -1.38
N HIS B 28 3.35 -13.17 -1.48
CA HIS B 28 4.54 -13.64 -2.21
C HIS B 28 4.24 -13.72 -3.73
N GLY B 29 2.98 -13.88 -4.14
CA GLY B 29 2.61 -13.86 -5.57
C GLY B 29 1.48 -12.84 -5.80
N PHE B 30 1.43 -12.17 -6.96
CA PHE B 30 0.31 -11.26 -7.28
C PHE B 30 -1.00 -12.07 -7.38
N HIS B 31 -0.94 -13.39 -7.59
CA HIS B 31 -2.15 -14.24 -7.58
C HIS B 31 -2.81 -14.22 -6.18
N GLU B 32 -2.12 -13.77 -5.11
CA GLU B 32 -2.69 -13.78 -3.74
C GLU B 32 -3.09 -12.37 -3.32
N LEU B 33 -2.77 -11.30 -4.11
CA LEU B 33 -3.04 -9.92 -3.69
C LEU B 33 -4.55 -9.71 -3.50
N ARG B 34 -5.00 -9.21 -2.33
CA ARG B 34 -6.43 -8.94 -2.10
C ARG B 34 -6.69 -7.43 -2.19
N SER B 35 -7.87 -6.99 -2.63
CA SER B 35 -8.18 -5.54 -2.76
C SER B 35 -8.21 -4.90 -1.35
N LEU B 36 -7.83 -3.62 -1.20
CA LEU B 36 -7.86 -2.95 0.12
C LEU B 36 -9.24 -2.30 0.33
N THR B 37 -9.80 -2.33 1.54
CA THR B 37 -11.07 -1.62 1.83
C THR B 37 -10.77 -0.20 2.33
N ARG B 38 -11.04 0.86 1.55
CA ARG B 38 -10.72 2.26 1.96
C ARG B 38 -12.02 3.06 2.13
N HIS B 39 -12.01 4.17 2.86
CA HIS B 39 -13.22 5.02 3.03
C HIS B 39 -13.80 5.39 1.64
N PRO B 40 -15.14 5.51 1.48
CA PRO B 40 -15.75 5.79 0.17
C PRO B 40 -15.18 7.11 -0.42
N LYS B 41 -14.72 8.07 0.40
CA LYS B 41 -14.15 9.35 -0.11
C LYS B 41 -12.64 9.16 -0.42
N TYR B 42 -12.15 7.93 -0.68
CA TYR B 42 -10.72 7.68 -0.95
C TYR B 42 -10.20 8.69 -2.02
N LYS B 43 -9.19 9.54 -1.69
CA LYS B 43 -8.59 10.50 -2.64
C LYS B 43 -9.67 11.36 -3.32
N THR B 44 -10.50 12.09 -2.56
CA THR B 44 -11.41 13.10 -3.13
C THR B 44 -11.00 14.50 -2.65
N GLU B 45 -10.21 14.63 -1.57
CA GLU B 45 -9.70 15.94 -1.12
C GLU B 45 -8.17 15.99 -1.29
N LEU B 46 -7.56 17.17 -1.53
CA LEU B 46 -6.10 17.28 -1.66
C LEU B 46 -5.42 16.92 -0.33
N CYS B 47 -4.37 16.10 -0.33
CA CYS B 47 -3.63 15.79 0.89
C CYS B 47 -2.90 17.04 1.39
N ARG B 48 -3.26 17.59 2.57
CA ARG B 48 -2.63 18.81 3.10
C ARG B 48 -1.12 18.61 3.22
N THR B 49 -0.63 17.53 3.83
CA THR B 49 0.82 17.30 3.98
C THR B 49 1.51 17.30 2.60
N PHE B 50 1.01 16.57 1.59
CA PHE B 50 1.67 16.51 0.27
C PHE B 50 1.59 17.90 -0.42
N HIS B 51 0.48 18.62 -0.33
CA HIS B 51 0.34 19.94 -1.02
C HIS B 51 0.99 21.06 -0.15
N THR B 52 1.50 20.77 1.07
CA THR B 52 2.19 21.80 1.89
C THR B 52 3.68 21.46 2.00
N ILE B 53 4.08 20.32 2.57
CA ILE B 53 5.51 19.97 2.73
C ILE B 53 6.07 19.46 1.38
N GLY B 54 5.23 19.16 0.38
CA GLY B 54 5.70 18.54 -0.88
C GLY B 54 5.89 17.03 -0.67
N PHE B 55 5.57 16.47 0.51
CA PHE B 55 5.79 15.05 0.80
C PHE B 55 4.70 14.54 1.75
N CYS B 56 4.52 13.23 1.91
CA CYS B 56 3.55 12.69 2.87
C CYS B 56 4.09 11.35 3.44
N PRO B 57 4.12 11.15 4.77
CA PRO B 57 4.71 9.95 5.38
C PRO B 57 3.82 8.72 5.10
N TYR B 58 2.59 8.89 4.57
CA TYR B 58 1.74 7.74 4.22
C TYR B 58 2.07 7.24 2.80
N GLY B 59 2.76 8.03 1.96
CA GLY B 59 3.20 7.57 0.64
C GLY B 59 1.98 7.11 -0.19
N PRO B 60 2.06 6.01 -0.96
CA PRO B 60 0.97 5.57 -1.83
C PRO B 60 -0.21 5.03 -0.98
N ARG B 61 -0.04 4.78 0.33
CA ARG B 61 -1.14 4.26 1.19
C ARG B 61 -1.99 5.43 1.70
N CYS B 62 -1.70 6.69 1.35
CA CYS B 62 -2.46 7.85 1.86
C CYS B 62 -3.90 7.82 1.30
N HIS B 63 -4.91 8.20 2.08
CA HIS B 63 -6.31 8.18 1.63
C HIS B 63 -6.69 9.55 1.01
N PHE B 64 -5.72 10.45 0.72
CA PHE B 64 -6.04 11.79 0.17
C PHE B 64 -5.24 12.03 -1.13
N ILE B 65 -5.65 12.96 -2.01
CA ILE B 65 -5.04 13.11 -3.35
C ILE B 65 -3.62 13.66 -3.21
N HIS B 66 -2.59 12.97 -3.70
CA HIS B 66 -1.22 13.52 -3.73
C HIS B 66 -0.99 14.27 -5.06
N ASN B 67 -0.41 13.65 -6.09
CA ASN B 67 -0.15 14.33 -7.37
C ASN B 67 -1.31 14.05 -8.35
N ALA B 68 -1.95 15.07 -8.96
CA ALA B 68 -3.10 14.88 -9.85
C ALA B 68 -2.63 14.83 -11.33
N ASP B 69 -1.42 15.34 -11.68
CA ASP B 69 -0.97 15.41 -13.09
C ASP B 69 0.58 15.63 -13.13
N GLU B 70 1.26 15.41 -14.27
CA GLU B 70 2.70 15.63 -14.38
C GLU B 70 2.99 17.14 -14.44
N SER B 1 -6.12 -10.94 10.13
CA SER B 1 -6.03 -9.48 9.81
C SER B 1 -6.73 -9.20 8.49
N THR B 2 -7.52 -8.12 8.37
CA THR B 2 -8.17 -7.76 7.09
C THR B 2 -7.12 -7.28 6.08
N ARG B 3 -5.91 -6.88 6.51
CA ARG B 3 -4.85 -6.44 5.59
C ARG B 3 -4.07 -7.65 5.05
N TYR B 4 -4.43 -8.90 5.39
CA TYR B 4 -3.65 -10.09 5.01
C TYR B 4 -3.48 -10.13 3.46
N LYS B 5 -2.23 -10.16 2.93
CA LYS B 5 -1.97 -10.27 1.46
C LYS B 5 -2.74 -9.16 0.69
N THR B 6 -2.98 -7.99 1.27
CA THR B 6 -3.51 -6.83 0.50
C THR B 6 -2.35 -6.04 -0.12
N GLU B 7 -1.10 -6.32 0.25
CA GLU B 7 0.07 -5.61 -0.30
C GLU B 7 1.19 -6.62 -0.61
N LEU B 8 2.02 -6.39 -1.63
CA LEU B 8 3.05 -7.37 -2.04
C LEU B 8 4.14 -7.47 -0.98
N CYS B 9 4.73 -8.64 -0.74
CA CYS B 9 5.91 -8.77 0.10
C CYS B 9 7.14 -8.29 -0.68
N ARG B 10 7.62 -7.05 -0.48
CA ARG B 10 8.66 -6.47 -1.35
C ARG B 10 10.02 -7.19 -1.12
N PRO B 11 10.38 -7.59 0.13
CA PRO B 11 11.61 -8.36 0.37
C PRO B 11 11.61 -9.64 -0.51
N PHE B 12 10.47 -10.30 -0.73
CA PHE B 12 10.41 -11.49 -1.59
C PHE B 12 10.60 -11.07 -3.07
N GLU B 13 10.04 -9.95 -3.52
CA GLU B 13 10.27 -9.46 -4.92
C GLU B 13 11.77 -9.11 -5.10
N GLU B 14 12.46 -8.59 -4.09
CA GLU B 14 13.84 -8.09 -4.25
C GLU B 14 14.85 -9.25 -4.15
N SER B 15 14.71 -10.18 -3.20
CA SER B 15 15.76 -11.19 -2.92
C SER B 15 15.22 -12.61 -3.15
N GLY B 16 13.91 -12.79 -3.39
CA GLY B 16 13.35 -14.13 -3.69
C GLY B 16 13.22 -14.97 -2.40
N THR B 17 13.43 -14.39 -1.20
CA THR B 17 13.36 -15.14 0.07
C THR B 17 12.58 -14.33 1.12
N CYS B 18 11.93 -14.95 2.09
CA CYS B 18 11.22 -14.23 3.15
C CYS B 18 11.36 -14.98 4.49
N LYS B 19 11.88 -14.35 5.56
CA LYS B 19 12.13 -15.05 6.85
C LYS B 19 10.78 -15.42 7.50
N TYR B 20 9.65 -14.81 7.12
CA TYR B 20 8.35 -15.13 7.71
C TYR B 20 7.73 -16.36 7.01
N GLY B 21 8.14 -16.68 5.76
CA GLY B 21 7.66 -17.91 5.08
C GLY B 21 6.13 -17.89 4.96
N GLU B 22 5.42 -19.00 5.23
CA GLU B 22 3.94 -19.06 5.07
C GLU B 22 3.25 -18.23 6.18
N LYS B 23 3.98 -17.72 7.19
CA LYS B 23 3.39 -16.85 8.22
C LYS B 23 3.52 -15.38 7.79
N CYS B 24 4.16 -15.06 6.65
CA CYS B 24 4.26 -13.68 6.19
C CYS B 24 2.86 -13.14 5.85
N GLN B 25 2.45 -12.00 6.41
CA GLN B 25 1.09 -11.49 6.24
C GLN B 25 0.99 -10.71 4.91
N PHE B 26 1.99 -10.76 4.02
CA PHE B 26 1.96 -10.00 2.75
C PHE B 26 1.91 -10.98 1.56
N ALA B 27 1.55 -10.54 0.37
CA ALA B 27 1.36 -11.43 -0.78
C ALA B 27 2.74 -11.84 -1.34
N HIS B 28 3.08 -13.14 -1.38
CA HIS B 28 4.29 -13.60 -2.07
C HIS B 28 3.97 -13.81 -3.57
N GLY B 29 2.73 -14.12 -3.94
CA GLY B 29 2.33 -14.22 -5.36
C GLY B 29 1.46 -13.02 -5.73
N PHE B 30 1.65 -12.42 -6.91
CA PHE B 30 0.84 -11.26 -7.33
C PHE B 30 -0.64 -11.69 -7.49
N HIS B 31 -0.95 -12.99 -7.70
CA HIS B 31 -2.34 -13.44 -7.86
C HIS B 31 -3.01 -13.59 -6.47
N GLU B 32 -2.30 -13.33 -5.35
CA GLU B 32 -2.88 -13.49 -3.99
C GLU B 32 -3.35 -12.14 -3.46
N LEU B 33 -3.17 -11.03 -4.20
CA LEU B 33 -3.51 -9.68 -3.70
C LEU B 33 -5.03 -9.61 -3.45
N ARG B 34 -5.47 -9.24 -2.24
CA ARG B 34 -6.92 -9.21 -1.92
C ARG B 34 -7.45 -7.78 -2.05
N SER B 35 -8.71 -7.58 -2.47
CA SER B 35 -9.26 -6.22 -2.68
C SER B 35 -9.35 -5.48 -1.33
N LEU B 36 -9.03 -4.17 -1.26
CA LEU B 36 -9.21 -3.40 -0.03
C LEU B 36 -10.57 -2.67 -0.06
N THR B 37 -11.34 -2.66 1.03
CA THR B 37 -12.61 -1.90 1.07
C THR B 37 -12.30 -0.40 1.20
N ARG B 38 -12.39 0.39 0.11
CA ARG B 38 -11.93 1.80 0.12
C ARG B 38 -13.01 2.70 0.74
N HIS B 39 -12.64 3.70 1.55
CA HIS B 39 -13.63 4.66 2.09
C HIS B 39 -14.37 5.39 0.94
N PRO B 40 -15.65 5.77 1.10
CA PRO B 40 -16.43 6.39 0.00
C PRO B 40 -15.76 7.73 -0.42
N LYS B 41 -14.96 8.40 0.43
CA LYS B 41 -14.27 9.65 0.04
C LYS B 41 -12.78 9.35 -0.26
N TYR B 42 -12.39 8.09 -0.52
CA TYR B 42 -10.98 7.74 -0.77
C TYR B 42 -10.41 8.60 -1.93
N LYS B 43 -9.27 9.29 -1.73
CA LYS B 43 -8.65 10.17 -2.76
C LYS B 43 -9.70 11.15 -3.34
N THR B 44 -10.41 11.93 -2.51
CA THR B 44 -11.30 13.02 -3.01
C THR B 44 -10.79 14.38 -2.49
N GLU B 45 -9.93 14.42 -1.45
CA GLU B 45 -9.38 15.70 -0.93
C GLU B 45 -7.85 15.72 -1.10
N LEU B 46 -7.23 16.88 -1.33
CA LEU B 46 -5.77 16.98 -1.46
C LEU B 46 -5.09 16.62 -0.13
N CYS B 47 -4.04 15.81 -0.11
CA CYS B 47 -3.31 15.48 1.12
C CYS B 47 -2.56 16.72 1.61
N ARG B 48 -2.86 17.22 2.81
CA ARG B 48 -2.20 18.44 3.36
C ARG B 48 -0.68 18.23 3.38
N THR B 49 -0.15 17.16 3.98
CA THR B 49 1.31 16.96 4.09
C THR B 49 1.95 16.97 2.69
N PHE B 50 1.42 16.24 1.70
CA PHE B 50 2.03 16.17 0.36
C PHE B 50 1.92 17.54 -0.33
N HIS B 51 0.81 18.27 -0.22
CA HIS B 51 0.63 19.57 -0.92
C HIS B 51 1.25 20.73 -0.07
N THR B 52 1.78 20.48 1.14
CA THR B 52 2.40 21.56 1.97
C THR B 52 3.90 21.29 2.16
N ILE B 53 4.36 20.03 2.26
CA ILE B 53 5.81 19.72 2.43
C ILE B 53 6.37 19.13 1.12
N GLY B 54 5.53 18.73 0.15
CA GLY B 54 6.01 18.03 -1.05
C GLY B 54 6.23 16.53 -0.74
N PHE B 55 5.89 16.05 0.48
CA PHE B 55 6.15 14.65 0.86
C PHE B 55 5.05 14.19 1.84
N CYS B 56 4.89 12.87 2.09
CA CYS B 56 3.92 12.37 3.07
C CYS B 56 4.46 11.06 3.71
N PRO B 57 4.48 10.93 5.05
CA PRO B 57 5.09 9.77 5.72
C PRO B 57 4.23 8.51 5.50
N TYR B 58 3.00 8.62 4.99
CA TYR B 58 2.16 7.44 4.69
C TYR B 58 2.47 6.95 3.25
N GLY B 59 3.12 7.75 2.40
CA GLY B 59 3.53 7.30 1.05
C GLY B 59 2.29 6.86 0.24
N PRO B 60 2.37 5.80 -0.58
CA PRO B 60 1.24 5.37 -1.42
C PRO B 60 0.11 4.79 -0.54
N ARG B 61 0.34 4.54 0.77
CA ARG B 61 -0.71 4.00 1.66
C ARG B 61 -1.59 5.16 2.20
N CYS B 62 -1.32 6.42 1.82
CA CYS B 62 -2.13 7.57 2.29
C CYS B 62 -3.55 7.49 1.66
N HIS B 63 -4.60 7.94 2.34
CA HIS B 63 -5.97 7.87 1.82
C HIS B 63 -6.32 9.16 1.05
N PHE B 64 -5.41 10.15 0.97
CA PHE B 64 -5.74 11.47 0.39
C PHE B 64 -4.95 11.70 -0.91
N ILE B 65 -5.38 12.62 -1.80
CA ILE B 65 -4.77 12.75 -3.15
C ILE B 65 -3.34 13.32 -3.03
N HIS B 66 -2.32 12.62 -3.51
CA HIS B 66 -0.97 13.18 -3.59
C HIS B 66 -0.75 13.85 -4.96
N ASN B 67 -0.17 13.18 -5.95
CA ASN B 67 -0.03 13.74 -7.30
C ASN B 67 -1.20 13.26 -8.20
N ALA B 68 -1.87 14.14 -8.94
CA ALA B 68 -2.98 13.75 -9.84
C ALA B 68 -2.40 13.03 -11.10
N ASP B 69 -1.07 13.03 -11.32
CA ASP B 69 -0.46 12.31 -12.45
C ASP B 69 0.28 11.06 -11.92
N GLU B 70 0.15 9.89 -12.56
CA GLU B 70 0.87 8.68 -12.12
C GLU B 70 2.35 8.78 -12.53
N SER B 1 -6.93 -11.88 10.22
CA SER B 1 -6.42 -10.54 9.88
C SER B 1 -7.02 -10.09 8.55
N THR B 2 -7.77 -8.99 8.50
CA THR B 2 -8.39 -8.51 7.23
C THR B 2 -7.30 -8.00 6.27
N ARG B 3 -6.13 -7.55 6.77
CA ARG B 3 -5.04 -7.05 5.89
C ARG B 3 -4.19 -8.23 5.39
N TYR B 4 -4.56 -9.49 5.65
CA TYR B 4 -3.71 -10.64 5.29
C TYR B 4 -3.41 -10.63 3.77
N LYS B 5 -2.11 -10.63 3.35
CA LYS B 5 -1.73 -10.64 1.92
C LYS B 5 -2.44 -9.49 1.15
N THR B 6 -2.66 -8.33 1.76
CA THR B 6 -3.14 -7.14 1.02
C THR B 6 -1.94 -6.34 0.50
N GLU B 7 -0.70 -6.59 0.98
CA GLU B 7 0.50 -5.88 0.51
C GLU B 7 1.59 -6.89 0.12
N LEU B 8 2.44 -6.60 -0.88
CA LEU B 8 3.45 -7.56 -1.35
C LEU B 8 4.51 -7.79 -0.26
N CYS B 9 5.07 -9.00 -0.12
CA CYS B 9 6.21 -9.25 0.74
C CYS B 9 7.48 -8.76 0.02
N ARG B 10 8.03 -7.58 0.36
CA ARG B 10 9.12 -6.96 -0.42
C ARG B 10 10.44 -7.77 -0.22
N PRO B 11 10.75 -8.31 0.99
CA PRO B 11 11.93 -9.15 1.19
C PRO B 11 11.94 -10.31 0.18
N PHE B 12 10.79 -10.93 -0.13
CA PHE B 12 10.72 -12.01 -1.11
C PHE B 12 10.98 -11.44 -2.53
N GLU B 13 10.46 -10.26 -2.88
CA GLU B 13 10.71 -9.66 -4.21
C GLU B 13 12.22 -9.33 -4.34
N GLU B 14 12.91 -8.94 -3.27
CA GLU B 14 14.30 -8.44 -3.38
C GLU B 14 15.28 -9.63 -3.34
N SER B 15 15.10 -10.64 -2.47
CA SER B 15 16.12 -11.70 -2.26
C SER B 15 15.55 -13.08 -2.65
N GLY B 16 14.25 -13.20 -2.95
CA GLY B 16 13.68 -14.48 -3.43
C GLY B 16 13.46 -15.45 -2.24
N THR B 17 13.62 -15.00 -0.99
CA THR B 17 13.45 -15.89 0.19
C THR B 17 12.65 -15.17 1.28
N CYS B 18 11.95 -15.88 2.18
CA CYS B 18 11.23 -15.24 3.28
C CYS B 18 11.30 -16.15 4.53
N LYS B 19 11.77 -15.66 5.68
CA LYS B 19 11.93 -16.49 6.89
C LYS B 19 10.56 -16.90 7.44
N TYR B 20 9.46 -16.28 7.02
CA TYR B 20 8.11 -16.63 7.54
C TYR B 20 7.49 -17.75 6.67
N GLY B 21 7.92 -17.93 5.42
CA GLY B 21 7.45 -19.06 4.58
C GLY B 21 5.92 -18.98 4.41
N GLU B 22 5.19 -20.10 4.52
CA GLU B 22 3.72 -20.10 4.30
C GLU B 22 3.00 -19.37 5.45
N LYS B 23 3.69 -18.96 6.52
CA LYS B 23 3.05 -18.22 7.64
C LYS B 23 3.25 -16.71 7.46
N CYS B 24 3.89 -16.25 6.36
CA CYS B 24 4.06 -14.81 6.11
C CYS B 24 2.69 -14.14 5.91
N GLN B 25 2.36 -13.06 6.63
CA GLN B 25 1.06 -12.39 6.50
C GLN B 25 1.08 -11.45 5.26
N PHE B 26 2.11 -11.49 4.41
CA PHE B 26 2.19 -10.60 3.22
C PHE B 26 2.20 -11.44 1.93
N ALA B 27 1.86 -10.87 0.77
CA ALA B 27 1.67 -11.66 -0.46
C ALA B 27 3.04 -12.04 -1.06
N HIS B 28 3.35 -13.33 -1.24
CA HIS B 28 4.56 -13.75 -1.98
C HIS B 28 4.25 -13.78 -3.49
N GLY B 29 3.01 -14.04 -3.91
CA GLY B 29 2.63 -13.97 -5.33
C GLY B 29 1.81 -12.71 -5.59
N PHE B 30 2.03 -12.01 -6.70
CA PHE B 30 1.25 -10.81 -7.03
C PHE B 30 -0.23 -11.18 -7.23
N HIS B 31 -0.57 -12.44 -7.57
CA HIS B 31 -1.97 -12.85 -7.77
C HIS B 31 -2.63 -13.15 -6.39
N GLU B 32 -1.92 -13.02 -5.26
CA GLU B 32 -2.49 -13.31 -3.93
C GLU B 32 -2.94 -12.00 -3.27
N LEU B 33 -2.78 -10.83 -3.92
CA LEU B 33 -3.11 -9.56 -3.29
C LEU B 33 -4.62 -9.47 -3.05
N ARG B 34 -5.08 -9.23 -1.80
CA ARG B 34 -6.51 -9.03 -1.52
C ARG B 34 -6.85 -7.53 -1.59
N SER B 35 -8.04 -7.14 -2.06
CA SER B 35 -8.38 -5.71 -2.19
C SER B 35 -8.56 -5.09 -0.80
N LEU B 36 -8.28 -3.79 -0.60
CA LEU B 36 -8.57 -3.11 0.68
C LEU B 36 -9.87 -2.28 0.54
N THR B 37 -10.77 -2.30 1.52
CA THR B 37 -12.03 -1.53 1.44
C THR B 37 -11.71 -0.02 1.58
N ARG B 38 -11.75 0.76 0.49
CA ARG B 38 -11.37 2.19 0.54
C ARG B 38 -12.53 3.03 1.07
N HIS B 39 -12.30 4.04 1.91
CA HIS B 39 -13.38 4.92 2.42
C HIS B 39 -14.10 5.59 1.23
N PRO B 40 -15.44 5.80 1.29
CA PRO B 40 -16.20 6.37 0.16
C PRO B 40 -15.60 7.74 -0.27
N LYS B 41 -14.96 8.51 0.63
CA LYS B 41 -14.36 9.83 0.28
C LYS B 41 -12.91 9.63 -0.24
N TYR B 42 -12.53 8.45 -0.75
CA TYR B 42 -11.14 8.19 -1.18
C TYR B 42 -10.66 9.29 -2.16
N LYS B 43 -9.53 9.98 -1.86
CA LYS B 43 -8.99 11.07 -2.72
C LYS B 43 -10.12 12.04 -3.14
N THR B 44 -10.84 12.65 -2.20
CA THR B 44 -11.78 13.76 -2.52
C THR B 44 -11.25 15.07 -1.94
N GLU B 45 -10.32 15.05 -0.98
CA GLU B 45 -9.76 16.29 -0.38
C GLU B 45 -8.24 16.32 -0.60
N LEU B 46 -7.60 17.52 -0.67
CA LEU B 46 -6.16 17.62 -0.89
C LEU B 46 -5.39 17.04 0.31
N CYS B 47 -4.35 16.23 0.09
CA CYS B 47 -3.52 15.73 1.19
C CYS B 47 -2.71 16.88 1.80
N ARG B 48 -2.93 17.23 3.07
CA ARG B 48 -2.23 18.36 3.72
C ARG B 48 -0.72 18.15 3.68
N THR B 49 -0.20 16.98 4.09
CA THR B 49 1.26 16.73 4.07
C THR B 49 1.82 16.95 2.65
N PHE B 50 1.22 16.41 1.59
CA PHE B 50 1.75 16.58 0.23
C PHE B 50 1.61 18.06 -0.22
N HIS B 51 0.52 18.75 0.10
CA HIS B 51 0.31 20.14 -0.37
C HIS B 51 1.04 21.14 0.59
N THR B 52 1.62 20.68 1.71
CA THR B 52 2.36 21.59 2.65
C THR B 52 3.86 21.26 2.61
N ILE B 53 4.29 20.04 2.98
CA ILE B 53 5.74 19.68 2.98
C ILE B 53 6.20 19.38 1.53
N GLY B 54 5.28 19.22 0.56
CA GLY B 54 5.67 18.81 -0.81
C GLY B 54 5.89 17.30 -0.86
N PHE B 55 5.66 16.56 0.23
CA PHE B 55 5.92 15.11 0.28
C PHE B 55 4.90 14.42 1.19
N CYS B 56 4.72 13.09 1.13
CA CYS B 56 3.81 12.38 2.03
C CYS B 56 4.38 10.97 2.33
N PRO B 57 4.63 10.61 3.61
CA PRO B 57 5.23 9.31 3.95
C PRO B 57 4.30 8.16 3.54
N TYR B 58 3.02 8.42 3.19
CA TYR B 58 2.10 7.35 2.75
C TYR B 58 2.24 7.12 1.23
N GLY B 59 2.85 8.05 0.47
CA GLY B 59 3.18 7.82 -0.95
C GLY B 59 1.90 7.45 -1.73
N PRO B 60 1.97 6.56 -2.75
CA PRO B 60 0.81 6.21 -3.59
C PRO B 60 -0.29 5.53 -2.72
N ARG B 61 0.04 5.01 -1.53
CA ARG B 61 -0.96 4.34 -0.66
C ARG B 61 -1.76 5.39 0.14
N CYS B 62 -1.51 6.70 -0.03
CA CYS B 62 -2.23 7.74 0.71
C CYS B 62 -3.71 7.77 0.26
N HIS B 63 -4.67 8.03 1.16
CA HIS B 63 -6.10 8.05 0.80
C HIS B 63 -6.53 9.48 0.43
N PHE B 64 -5.60 10.46 0.30
CA PHE B 64 -5.98 11.86 0.01
C PHE B 64 -5.31 12.31 -1.32
N ILE B 65 -5.80 13.39 -1.98
CA ILE B 65 -5.33 13.77 -3.33
C ILE B 65 -3.89 14.34 -3.24
N HIS B 66 -2.90 13.72 -3.87
CA HIS B 66 -1.56 14.32 -3.98
C HIS B 66 -1.52 15.25 -5.21
N ASN B 67 -1.16 14.76 -6.40
CA ASN B 67 -1.26 15.56 -7.63
C ASN B 67 -2.60 15.24 -8.34
N ALA B 68 -3.37 16.24 -8.79
CA ALA B 68 -4.70 15.99 -9.37
C ALA B 68 -4.57 15.12 -10.65
N ASP B 69 -5.09 13.86 -10.65
CA ASP B 69 -5.04 13.00 -11.85
C ASP B 69 -6.07 13.50 -12.88
N GLU B 70 -5.69 13.71 -14.14
CA GLU B 70 -6.62 14.19 -15.19
C GLU B 70 -6.38 13.42 -16.50
N SER B 1 -6.35 -10.02 9.81
CA SER B 1 -6.12 -8.61 9.41
C SER B 1 -6.84 -8.32 8.10
N THR B 2 -7.54 -7.19 7.95
CA THR B 2 -8.21 -6.83 6.67
C THR B 2 -7.15 -6.48 5.62
N ARG B 3 -5.89 -6.20 5.99
CA ARG B 3 -4.82 -5.88 5.02
C ARG B 3 -4.01 -7.15 4.69
N TYR B 4 -4.46 -8.35 5.09
CA TYR B 4 -3.68 -9.58 4.89
C TYR B 4 -3.37 -9.77 3.38
N LYS B 5 -2.10 -9.87 2.97
CA LYS B 5 -1.72 -10.11 1.55
C LYS B 5 -2.40 -9.07 0.63
N THR B 6 -2.64 -7.82 1.08
CA THR B 6 -3.09 -6.73 0.18
C THR B 6 -1.86 -6.00 -0.40
N GLU B 7 -0.65 -6.27 0.07
CA GLU B 7 0.56 -5.59 -0.43
C GLU B 7 1.64 -6.63 -0.77
N LEU B 8 2.49 -6.41 -1.78
CA LEU B 8 3.49 -7.40 -2.20
C LEU B 8 4.54 -7.60 -1.09
N CYS B 9 5.02 -8.83 -0.85
CA CYS B 9 6.16 -9.07 0.02
C CYS B 9 7.45 -8.70 -0.72
N ARG B 10 8.03 -7.50 -0.50
CA ARG B 10 9.14 -7.01 -1.34
C ARG B 10 10.43 -7.82 -1.04
N PRO B 11 10.72 -8.23 0.23
CA PRO B 11 11.90 -9.07 0.53
C PRO B 11 11.86 -10.35 -0.34
N PHE B 12 10.70 -10.99 -0.54
CA PHE B 12 10.60 -12.20 -1.36
C PHE B 12 10.85 -11.84 -2.85
N GLU B 13 10.32 -10.74 -3.36
CA GLU B 13 10.56 -10.33 -4.77
C GLU B 13 12.06 -9.96 -4.96
N GLU B 14 12.75 -9.46 -3.93
CA GLU B 14 14.15 -8.98 -4.09
C GLU B 14 15.13 -10.17 -3.98
N SER B 15 14.96 -11.09 -3.00
CA SER B 15 15.99 -12.12 -2.72
C SER B 15 15.41 -13.53 -2.95
N GLY B 16 14.11 -13.68 -3.22
CA GLY B 16 13.53 -15.01 -3.53
C GLY B 16 13.32 -15.81 -2.23
N THR B 17 13.49 -15.21 -1.03
CA THR B 17 13.33 -15.93 0.25
C THR B 17 12.56 -15.07 1.24
N CYS B 18 11.85 -15.65 2.22
CA CYS B 18 11.14 -14.86 3.24
C CYS B 18 11.22 -15.59 4.60
N LYS B 19 11.72 -14.95 5.67
CA LYS B 19 11.88 -15.62 6.98
C LYS B 19 10.51 -15.95 7.58
N TYR B 20 9.41 -15.32 7.15
CA TYR B 20 8.08 -15.59 7.71
C TYR B 20 7.46 -16.82 7.00
N GLY B 21 7.94 -17.22 5.81
CA GLY B 21 7.49 -18.48 5.17
C GLY B 21 5.97 -18.44 4.94
N GLU B 22 5.23 -19.53 5.20
CA GLU B 22 3.78 -19.59 4.91
C GLU B 22 3.00 -18.70 5.90
N LYS B 23 3.64 -18.14 6.94
CA LYS B 23 2.95 -17.26 7.91
C LYS B 23 3.16 -15.79 7.51
N CYS B 24 3.84 -15.49 6.38
CA CYS B 24 4.07 -14.11 5.97
C CYS B 24 2.72 -13.44 5.66
N GLN B 25 2.39 -12.31 6.28
CA GLN B 25 1.10 -11.66 6.10
C GLN B 25 1.09 -10.84 4.79
N PHE B 26 2.11 -10.95 3.93
CA PHE B 26 2.18 -10.15 2.68
C PHE B 26 2.18 -11.09 1.46
N ALA B 27 1.86 -10.60 0.26
CA ALA B 27 1.65 -11.46 -0.91
C ALA B 27 3.00 -11.92 -1.48
N HIS B 28 3.30 -13.22 -1.52
CA HIS B 28 4.50 -13.73 -2.22
C HIS B 28 4.20 -13.84 -3.74
N GLY B 29 2.93 -14.00 -4.14
CA GLY B 29 2.56 -14.00 -5.58
C GLY B 29 1.39 -13.05 -5.82
N PHE B 30 1.26 -12.44 -7.01
CA PHE B 30 0.10 -11.56 -7.32
C PHE B 30 -1.20 -12.41 -7.31
N HIS B 31 -1.13 -13.75 -7.44
CA HIS B 31 -2.31 -14.62 -7.33
C HIS B 31 -2.90 -14.52 -5.90
N GLU B 32 -2.16 -14.01 -4.89
CA GLU B 32 -2.66 -13.97 -3.51
C GLU B 32 -3.10 -12.53 -3.16
N LEU B 33 -2.82 -11.51 -4.00
CA LEU B 33 -3.14 -10.12 -3.68
C LEU B 33 -4.66 -9.95 -3.51
N ARG B 34 -5.15 -9.45 -2.37
CA ARG B 34 -6.60 -9.22 -2.18
C ARG B 34 -6.93 -7.76 -2.43
N SER B 35 -8.10 -7.42 -2.98
CA SER B 35 -8.47 -6.03 -3.29
C SER B 35 -8.61 -5.22 -1.99
N LEU B 36 -8.25 -3.92 -1.95
CA LEU B 36 -8.43 -3.08 -0.75
C LEU B 36 -9.81 -2.41 -0.80
N THR B 37 -10.65 -2.56 0.23
CA THR B 37 -11.95 -1.85 0.28
C THR B 37 -11.71 -0.35 0.50
N ARG B 38 -11.90 0.50 -0.52
CA ARG B 38 -11.54 1.93 -0.42
C ARG B 38 -12.59 2.67 0.43
N HIS B 39 -12.18 3.54 1.36
CA HIS B 39 -13.13 4.35 2.17
C HIS B 39 -14.02 5.20 1.20
N PRO B 40 -15.29 5.51 1.57
CA PRO B 40 -16.19 6.26 0.69
C PRO B 40 -15.57 7.64 0.32
N LYS B 41 -14.69 8.23 1.15
CA LYS B 41 -14.05 9.53 0.84
C LYS B 41 -12.58 9.30 0.44
N TYR B 42 -12.16 8.07 0.10
CA TYR B 42 -10.75 7.79 -0.26
C TYR B 42 -10.26 8.76 -1.35
N LYS B 43 -9.22 9.59 -1.07
CA LYS B 43 -8.66 10.56 -2.05
C LYS B 43 -9.80 11.40 -2.69
N THR B 44 -10.61 12.11 -1.90
CA THR B 44 -11.58 13.10 -2.45
C THR B 44 -11.10 14.52 -2.11
N GLU B 45 -10.25 14.71 -1.08
CA GLU B 45 -9.73 16.06 -0.73
C GLU B 45 -8.19 16.08 -0.93
N LEU B 46 -7.59 17.24 -1.25
CA LEU B 46 -6.13 17.33 -1.44
C LEU B 46 -5.40 17.04 -0.11
N CYS B 47 -4.35 16.22 -0.11
CA CYS B 47 -3.54 16.00 1.09
C CYS B 47 -2.85 17.30 1.50
N ARG B 48 -3.22 17.92 2.63
CA ARG B 48 -2.65 19.23 3.04
C ARG B 48 -1.16 19.06 3.36
N THR B 49 -0.65 17.85 3.61
CA THR B 49 0.79 17.64 3.85
C THR B 49 1.53 17.55 2.52
N PHE B 50 1.07 16.74 1.54
CA PHE B 50 1.75 16.63 0.23
C PHE B 50 1.67 17.98 -0.51
N HIS B 51 0.56 18.72 -0.45
CA HIS B 51 0.42 20.00 -1.18
C HIS B 51 1.09 21.16 -0.36
N THR B 52 1.64 20.91 0.85
CA THR B 52 2.40 21.95 1.61
C THR B 52 3.89 21.57 1.66
N ILE B 53 4.28 20.44 2.26
CA ILE B 53 5.70 20.07 2.39
C ILE B 53 6.23 19.53 1.04
N GLY B 54 5.36 19.19 0.07
CA GLY B 54 5.79 18.52 -1.17
C GLY B 54 5.97 17.01 -0.90
N PHE B 55 5.70 16.53 0.32
CA PHE B 55 5.90 15.11 0.67
C PHE B 55 4.83 14.67 1.68
N CYS B 56 4.67 13.38 1.97
CA CYS B 56 3.72 12.91 2.98
C CYS B 56 4.26 11.63 3.64
N PRO B 57 4.29 11.51 4.99
CA PRO B 57 4.87 10.36 5.67
C PRO B 57 3.97 9.12 5.46
N TYR B 58 2.73 9.26 4.95
CA TYR B 58 1.85 8.11 4.69
C TYR B 58 2.16 7.53 3.29
N GLY B 59 2.82 8.27 2.40
CA GLY B 59 3.24 7.72 1.09
C GLY B 59 2.00 7.26 0.30
N PRO B 60 2.07 6.14 -0.45
CA PRO B 60 0.95 5.70 -1.30
C PRO B 60 -0.21 5.20 -0.42
N ARG B 61 -0.03 4.95 0.89
CA ARG B 61 -1.12 4.48 1.77
C ARG B 61 -1.93 5.68 2.28
N CYS B 62 -1.59 6.93 1.92
CA CYS B 62 -2.33 8.11 2.39
C CYS B 62 -3.77 8.07 1.85
N HIS B 63 -4.78 8.43 2.64
CA HIS B 63 -6.18 8.38 2.19
C HIS B 63 -6.56 9.72 1.53
N PHE B 64 -5.61 10.63 1.24
CA PHE B 64 -5.94 11.94 0.65
C PHE B 64 -5.19 12.12 -0.70
N ILE B 65 -5.66 12.99 -1.61
CA ILE B 65 -5.09 13.08 -2.98
C ILE B 65 -3.67 13.66 -2.92
N HIS B 66 -2.65 12.96 -3.44
CA HIS B 66 -1.30 13.53 -3.57
C HIS B 66 -1.13 14.17 -4.95
N ASN B 67 -0.60 13.46 -5.95
CA ASN B 67 -0.49 14.00 -7.32
C ASN B 67 -1.70 13.51 -8.15
N ALA B 68 -2.35 14.38 -8.94
CA ALA B 68 -3.45 13.96 -9.82
C ALA B 68 -2.90 13.06 -10.98
N ASP B 69 -3.76 12.38 -11.76
CA ASP B 69 -3.29 11.48 -12.84
C ASP B 69 -3.75 12.05 -14.20
N GLU B 70 -2.88 12.09 -15.23
CA GLU B 70 -3.25 12.59 -16.57
C GLU B 70 -4.13 11.55 -17.27
N SER B 1 -6.62 -9.39 10.35
CA SER B 1 -6.56 -7.99 9.85
C SER B 1 -7.10 -7.93 8.42
N THR B 2 -7.90 -6.93 8.05
CA THR B 2 -8.41 -6.80 6.66
C THR B 2 -7.26 -6.45 5.70
N ARG B 3 -6.12 -5.94 6.19
CA ARG B 3 -4.97 -5.60 5.31
C ARG B 3 -4.17 -6.87 4.97
N TYR B 4 -4.60 -8.07 5.39
CA TYR B 4 -3.80 -9.29 5.21
C TYR B 4 -3.52 -9.52 3.70
N LYS B 5 -2.24 -9.58 3.27
CA LYS B 5 -1.87 -9.86 1.85
C LYS B 5 -2.59 -8.86 0.91
N THR B 6 -2.84 -7.61 1.33
CA THR B 6 -3.36 -6.56 0.40
C THR B 6 -2.19 -5.76 -0.19
N GLU B 7 -0.94 -5.94 0.29
CA GLU B 7 0.22 -5.19 -0.22
C GLU B 7 1.34 -6.17 -0.62
N LEU B 8 2.17 -5.87 -1.62
CA LEU B 8 3.23 -6.79 -2.08
C LEU B 8 4.24 -7.04 -0.95
N CYS B 9 4.76 -8.25 -0.79
CA CYS B 9 5.88 -8.50 0.10
C CYS B 9 7.17 -8.03 -0.56
N ARG B 10 7.69 -6.83 -0.23
CA ARG B 10 8.82 -6.24 -0.98
C ARG B 10 10.10 -7.09 -0.74
N PRO B 11 10.38 -7.60 0.48
CA PRO B 11 11.54 -8.46 0.71
C PRO B 11 11.51 -9.67 -0.25
N PHE B 12 10.34 -10.29 -0.49
CA PHE B 12 10.24 -11.44 -1.41
C PHE B 12 10.40 -10.95 -2.87
N GLU B 13 9.81 -9.82 -3.26
CA GLU B 13 9.95 -9.31 -4.64
C GLU B 13 11.43 -8.91 -4.91
N GLU B 14 12.19 -8.47 -3.90
CA GLU B 14 13.56 -7.97 -4.13
C GLU B 14 14.55 -9.15 -4.12
N SER B 15 14.45 -10.11 -3.17
CA SER B 15 15.51 -11.14 -2.99
C SER B 15 14.94 -12.55 -3.24
N GLY B 16 13.63 -12.71 -3.48
CA GLY B 16 13.04 -14.04 -3.82
C GLY B 16 12.92 -14.91 -2.57
N THR B 17 13.16 -14.37 -1.35
CA THR B 17 13.08 -15.18 -0.10
C THR B 17 12.36 -14.39 0.98
N CYS B 18 11.68 -15.03 1.95
CA CYS B 18 11.02 -14.33 3.03
C CYS B 18 11.11 -15.15 4.33
N LYS B 19 11.63 -14.61 5.44
CA LYS B 19 11.82 -15.39 6.68
C LYS B 19 10.44 -15.72 7.31
N TYR B 20 9.35 -15.09 6.88
CA TYR B 20 8.03 -15.38 7.44
C TYR B 20 7.39 -16.59 6.68
N GLY B 21 7.84 -16.92 5.47
CA GLY B 21 7.39 -18.14 4.76
C GLY B 21 5.87 -18.09 4.56
N GLU B 22 5.14 -19.20 4.73
CA GLU B 22 3.68 -19.24 4.48
C GLU B 22 2.94 -18.40 5.54
N LYS B 23 3.61 -17.88 6.58
CA LYS B 23 2.96 -17.07 7.63
C LYS B 23 3.16 -15.57 7.32
N CYS B 24 3.81 -15.19 6.20
CA CYS B 24 4.02 -13.79 5.88
C CYS B 24 2.67 -13.09 5.66
N GLN B 25 2.41 -11.94 6.28
CA GLN B 25 1.13 -11.25 6.17
C GLN B 25 1.08 -10.43 4.86
N PHE B 26 2.07 -10.54 3.95
CA PHE B 26 2.10 -9.73 2.71
C PHE B 26 2.09 -10.66 1.48
N ALA B 27 1.80 -10.15 0.28
CA ALA B 27 1.59 -11.00 -0.91
C ALA B 27 2.96 -11.42 -1.51
N HIS B 28 3.29 -12.71 -1.56
CA HIS B 28 4.47 -13.19 -2.31
C HIS B 28 4.11 -13.31 -3.81
N GLY B 29 2.83 -13.52 -4.18
CA GLY B 29 2.41 -13.53 -5.60
C GLY B 29 1.12 -12.71 -5.74
N PHE B 30 0.83 -12.13 -6.92
CA PHE B 30 -0.41 -11.36 -7.15
C PHE B 30 -1.64 -12.30 -7.02
N HIS B 31 -1.48 -13.62 -7.17
CA HIS B 31 -2.59 -14.58 -6.97
C HIS B 31 -3.05 -14.55 -5.49
N GLU B 32 -2.23 -14.06 -4.54
CA GLU B 32 -2.61 -14.03 -3.12
C GLU B 32 -3.32 -12.72 -2.78
N LEU B 33 -3.29 -11.69 -3.65
CA LEU B 33 -3.90 -10.39 -3.34
C LEU B 33 -5.42 -10.56 -3.18
N ARG B 34 -6.01 -10.20 -2.03
CA ARG B 34 -7.44 -10.45 -1.77
C ARG B 34 -8.28 -9.26 -2.28
N SER B 35 -9.54 -9.46 -2.70
CA SER B 35 -10.37 -8.37 -3.26
C SER B 35 -10.91 -7.48 -2.12
N LEU B 36 -10.13 -6.50 -1.60
CA LEU B 36 -10.61 -5.60 -0.54
C LEU B 36 -11.11 -4.28 -1.17
N THR B 37 -12.33 -3.83 -0.87
CA THR B 37 -12.84 -2.55 -1.41
C THR B 37 -12.10 -1.37 -0.73
N ARG B 38 -12.01 -0.19 -1.38
CA ARG B 38 -11.25 0.96 -0.82
C ARG B 38 -12.17 1.80 0.10
N HIS B 39 -11.63 2.61 1.01
CA HIS B 39 -12.45 3.48 1.89
C HIS B 39 -13.32 4.42 1.03
N PRO B 40 -14.57 4.75 1.43
CA PRO B 40 -15.49 5.54 0.59
C PRO B 40 -14.87 6.94 0.27
N LYS B 41 -14.00 7.49 1.14
CA LYS B 41 -13.37 8.82 0.88
C LYS B 41 -11.90 8.64 0.50
N TYR B 42 -11.45 7.44 0.11
CA TYR B 42 -10.04 7.22 -0.29
C TYR B 42 -9.63 8.25 -1.37
N LYS B 43 -8.64 9.14 -1.09
CA LYS B 43 -8.15 10.14 -2.06
C LYS B 43 -9.35 10.91 -2.68
N THR B 44 -10.19 11.55 -1.89
CA THR B 44 -11.23 12.48 -2.43
C THR B 44 -10.77 13.93 -2.24
N GLU B 45 -9.92 14.24 -1.25
CA GLU B 45 -9.45 15.63 -1.01
C GLU B 45 -7.91 15.68 -1.13
N LEU B 46 -7.31 16.86 -1.42
CA LEU B 46 -5.85 16.98 -1.57
C LEU B 46 -5.16 16.74 -0.21
N CYS B 47 -4.04 16.03 -0.16
CA CYS B 47 -3.27 15.86 1.07
C CYS B 47 -2.64 17.20 1.47
N ARG B 48 -3.05 17.81 2.58
CA ARG B 48 -2.54 19.13 3.01
C ARG B 48 -1.04 19.02 3.34
N THR B 49 -0.50 17.83 3.59
CA THR B 49 0.95 17.68 3.88
C THR B 49 1.72 17.56 2.55
N PHE B 50 1.31 16.72 1.60
CA PHE B 50 2.02 16.58 0.31
C PHE B 50 1.94 17.91 -0.48
N HIS B 51 0.82 18.62 -0.47
CA HIS B 51 0.69 19.88 -1.23
C HIS B 51 1.29 21.07 -0.41
N THR B 52 1.82 20.86 0.80
CA THR B 52 2.54 21.94 1.55
C THR B 52 4.03 21.61 1.64
N ILE B 53 4.44 20.50 2.27
CA ILE B 53 5.88 20.17 2.42
C ILE B 53 6.45 19.62 1.09
N GLY B 54 5.60 19.25 0.11
CA GLY B 54 6.07 18.56 -1.10
C GLY B 54 6.29 17.07 -0.80
N PHE B 55 6.02 16.59 0.43
CA PHE B 55 6.25 15.20 0.80
C PHE B 55 5.18 14.75 1.82
N CYS B 56 5.04 13.46 2.12
CA CYS B 56 4.08 12.99 3.13
C CYS B 56 4.64 11.74 3.83
N PRO B 57 4.68 11.67 5.18
CA PRO B 57 5.27 10.53 5.89
C PRO B 57 4.40 9.28 5.71
N TYR B 58 3.15 9.39 5.22
CA TYR B 58 2.30 8.20 4.99
C TYR B 58 2.63 7.58 3.62
N GLY B 59 3.30 8.30 2.71
CA GLY B 59 3.73 7.72 1.42
C GLY B 59 2.49 7.30 0.61
N PRO B 60 2.57 6.20 -0.19
CA PRO B 60 1.45 5.79 -1.05
C PRO B 60 0.28 5.27 -0.18
N ARG B 61 0.47 4.99 1.12
CA ARG B 61 -0.62 4.50 2.00
C ARG B 61 -1.48 5.70 2.48
N CYS B 62 -1.14 6.95 2.12
CA CYS B 62 -1.91 8.12 2.57
C CYS B 62 -3.35 8.04 2.00
N HIS B 63 -4.38 8.37 2.78
CA HIS B 63 -5.77 8.29 2.31
C HIS B 63 -6.16 9.60 1.58
N PHE B 64 -5.21 10.50 1.25
CA PHE B 64 -5.55 11.78 0.60
C PHE B 64 -4.76 11.92 -0.73
N ILE B 65 -5.22 12.75 -1.69
CA ILE B 65 -4.62 12.81 -3.04
C ILE B 65 -3.21 13.42 -2.97
N HIS B 66 -2.17 12.74 -3.46
CA HIS B 66 -0.83 13.32 -3.55
C HIS B 66 -0.60 13.89 -4.98
N ASN B 67 0.05 13.16 -5.89
CA ASN B 67 0.23 13.62 -7.27
C ASN B 67 -0.88 13.03 -8.17
N ALA B 68 -1.47 13.81 -9.09
CA ALA B 68 -2.46 13.27 -10.03
C ALA B 68 -1.75 12.30 -11.03
N ASP B 69 -2.49 11.52 -11.84
CA ASP B 69 -1.87 10.55 -12.78
C ASP B 69 -2.16 10.99 -14.23
N GLU B 70 -1.18 10.98 -15.14
CA GLU B 70 -1.40 11.36 -16.54
C GLU B 70 -2.16 10.24 -17.27
N SER B 1 -10.72 -2.30 8.27
CA SER B 1 -10.45 -3.23 7.14
C SER B 1 -9.16 -4.01 7.42
N THR B 2 -9.00 -5.23 6.91
CA THR B 2 -7.78 -6.04 7.16
C THR B 2 -6.67 -5.64 6.18
N ARG B 3 -5.46 -6.24 6.25
CA ARG B 3 -4.35 -5.88 5.33
C ARG B 3 -3.64 -7.16 4.84
N TYR B 4 -4.11 -8.37 5.19
CA TYR B 4 -3.36 -9.61 4.90
C TYR B 4 -3.16 -9.76 3.38
N LYS B 5 -1.90 -9.83 2.89
CA LYS B 5 -1.61 -9.99 1.43
C LYS B 5 -2.33 -8.88 0.62
N THR B 6 -2.53 -7.68 1.17
CA THR B 6 -3.01 -6.52 0.37
C THR B 6 -1.82 -5.79 -0.26
N GLU B 7 -0.57 -6.09 0.15
CA GLU B 7 0.63 -5.45 -0.42
C GLU B 7 1.70 -6.52 -0.75
N LEU B 8 2.51 -6.35 -1.80
CA LEU B 8 3.51 -7.37 -2.20
C LEU B 8 4.55 -7.55 -1.08
N CYS B 9 5.07 -8.77 -0.86
CA CYS B 9 6.20 -8.98 0.04
C CYS B 9 7.49 -8.59 -0.70
N ARG B 10 8.03 -7.37 -0.50
CA ARG B 10 9.16 -6.88 -1.30
C ARG B 10 10.43 -7.71 -1.00
N PRO B 11 10.72 -8.12 0.26
CA PRO B 11 11.87 -8.97 0.57
C PRO B 11 11.82 -10.25 -0.30
N PHE B 12 10.65 -10.87 -0.50
CA PHE B 12 10.54 -12.09 -1.32
C PHE B 12 10.73 -11.72 -2.81
N GLU B 13 10.17 -10.62 -3.31
CA GLU B 13 10.34 -10.23 -4.72
C GLU B 13 11.83 -9.85 -4.98
N GLU B 14 12.56 -9.33 -4.00
CA GLU B 14 13.94 -8.85 -4.21
C GLU B 14 14.93 -10.03 -4.12
N SER B 15 14.82 -10.92 -3.12
CA SER B 15 15.88 -11.95 -2.86
C SER B 15 15.29 -13.37 -3.01
N GLY B 16 13.98 -13.54 -3.25
CA GLY B 16 13.40 -14.88 -3.48
C GLY B 16 13.26 -15.65 -2.15
N THR B 17 13.48 -15.01 -0.98
CA THR B 17 13.41 -15.71 0.32
C THR B 17 12.66 -14.84 1.33
N CYS B 18 11.97 -15.41 2.31
CA CYS B 18 11.27 -14.62 3.34
C CYS B 18 11.34 -15.37 4.69
N LYS B 19 11.85 -14.75 5.76
CA LYS B 19 12.03 -15.44 7.06
C LYS B 19 10.66 -15.73 7.69
N TYR B 20 9.57 -15.11 7.24
CA TYR B 20 8.24 -15.36 7.80
C TYR B 20 7.60 -16.60 7.11
N GLY B 21 8.07 -17.02 5.93
CA GLY B 21 7.62 -18.28 5.31
C GLY B 21 6.10 -18.23 5.06
N GLU B 22 5.35 -19.31 5.30
CA GLU B 22 3.90 -19.36 5.01
C GLU B 22 3.14 -18.45 6.00
N LYS B 23 3.78 -17.90 7.05
CA LYS B 23 3.10 -17.02 8.01
C LYS B 23 3.35 -15.54 7.64
N CYS B 24 4.02 -15.23 6.51
CA CYS B 24 4.21 -13.85 6.09
C CYS B 24 2.86 -13.19 5.81
N GLN B 25 2.58 -12.01 6.35
CA GLN B 25 1.28 -11.35 6.18
C GLN B 25 1.27 -10.56 4.84
N PHE B 26 2.30 -10.69 3.98
CA PHE B 26 2.33 -9.95 2.70
C PHE B 26 2.27 -10.94 1.52
N ALA B 27 1.95 -10.51 0.30
CA ALA B 27 1.71 -11.43 -0.83
C ALA B 27 3.07 -11.92 -1.38
N HIS B 28 3.37 -13.22 -1.35
CA HIS B 28 4.55 -13.76 -2.03
C HIS B 28 4.25 -13.94 -3.54
N GLY B 29 3.00 -14.18 -3.94
CA GLY B 29 2.64 -14.29 -5.37
C GLY B 29 1.81 -13.06 -5.78
N PHE B 30 2.02 -12.50 -6.97
CA PHE B 30 1.25 -11.33 -7.43
C PHE B 30 -0.25 -11.70 -7.53
N HIS B 31 -0.61 -12.98 -7.74
CA HIS B 31 -2.02 -13.38 -7.88
C HIS B 31 -2.69 -13.47 -6.47
N GLU B 32 -1.96 -13.20 -5.38
CA GLU B 32 -2.54 -13.29 -4.01
C GLU B 32 -2.93 -11.91 -3.52
N LEU B 33 -2.74 -10.83 -4.31
CA LEU B 33 -2.99 -9.46 -3.83
C LEU B 33 -4.50 -9.28 -3.58
N ARG B 34 -4.91 -8.85 -2.39
CA ARG B 34 -6.33 -8.55 -2.11
C ARG B 34 -6.59 -7.05 -2.27
N SER B 35 -7.77 -6.63 -2.75
CA SER B 35 -8.12 -5.20 -2.86
C SER B 35 -9.27 -4.89 -1.91
N LEU B 36 -9.03 -4.35 -0.71
CA LEU B 36 -10.08 -4.09 0.27
C LEU B 36 -10.91 -2.86 -0.15
N THR B 37 -12.19 -2.76 0.23
CA THR B 37 -13.04 -1.61 -0.14
C THR B 37 -12.46 -0.33 0.48
N ARG B 38 -12.55 0.83 -0.20
CA ARG B 38 -11.93 2.07 0.29
C ARG B 38 -13.00 2.97 0.95
N HIS B 39 -12.62 3.93 1.81
CA HIS B 39 -13.58 4.85 2.45
C HIS B 39 -14.41 5.59 1.36
N PRO B 40 -15.69 5.93 1.60
CA PRO B 40 -16.53 6.59 0.59
C PRO B 40 -15.86 7.93 0.12
N LYS B 41 -15.07 8.62 0.96
CA LYS B 41 -14.40 9.89 0.56
C LYS B 41 -12.90 9.62 0.26
N TYR B 42 -12.49 8.37 0.00
CA TYR B 42 -11.08 8.04 -0.28
C TYR B 42 -10.54 8.93 -1.43
N LYS B 43 -9.44 9.67 -1.21
CA LYS B 43 -8.82 10.57 -2.22
C LYS B 43 -9.91 11.46 -2.86
N THR B 44 -10.66 12.24 -2.08
CA THR B 44 -11.57 13.28 -2.62
C THR B 44 -11.04 14.67 -2.24
N GLU B 45 -10.14 14.80 -1.25
CA GLU B 45 -9.58 16.10 -0.86
C GLU B 45 -8.04 16.08 -1.01
N LEU B 46 -7.38 17.22 -1.27
CA LEU B 46 -5.91 17.25 -1.46
C LEU B 46 -5.21 16.90 -0.14
N CYS B 47 -4.20 16.02 -0.14
CA CYS B 47 -3.46 15.69 1.07
C CYS B 47 -2.64 16.91 1.53
N ARG B 48 -2.89 17.46 2.72
CA ARG B 48 -2.16 18.65 3.22
C ARG B 48 -0.66 18.37 3.25
N THR B 49 -0.19 17.29 3.87
CA THR B 49 1.26 17.01 3.97
C THR B 49 1.89 16.96 2.58
N PHE B 50 1.31 16.24 1.60
CA PHE B 50 1.92 16.14 0.26
C PHE B 50 1.85 17.52 -0.46
N HIS B 51 0.77 18.30 -0.31
CA HIS B 51 0.65 19.59 -1.02
C HIS B 51 1.34 20.74 -0.20
N THR B 52 1.86 20.48 1.01
CA THR B 52 2.52 21.54 1.83
C THR B 52 4.02 21.22 2.00
N ILE B 53 4.42 19.95 2.16
CA ILE B 53 5.85 19.59 2.33
C ILE B 53 6.38 18.97 1.01
N GLY B 54 5.52 18.60 0.06
CA GLY B 54 5.97 17.88 -1.16
C GLY B 54 6.13 16.38 -0.85
N PHE B 55 5.79 15.91 0.37
CA PHE B 55 5.99 14.51 0.75
C PHE B 55 4.89 14.09 1.74
N CYS B 56 4.64 12.79 1.95
CA CYS B 56 3.67 12.33 2.95
C CYS B 56 4.13 10.98 3.55
N PRO B 57 4.15 10.81 4.87
CA PRO B 57 4.71 9.60 5.50
C PRO B 57 3.77 8.40 5.25
N TYR B 58 2.54 8.60 4.74
CA TYR B 58 1.63 7.48 4.44
C TYR B 58 1.89 6.96 3.01
N GLY B 59 2.58 7.72 2.14
CA GLY B 59 2.95 7.23 0.80
C GLY B 59 1.69 6.83 0.00
N PRO B 60 1.74 5.82 -0.90
CA PRO B 60 0.59 5.44 -1.72
C PRO B 60 -0.58 4.96 -0.82
N ARG B 61 -0.33 4.56 0.44
CA ARG B 61 -1.41 4.09 1.35
C ARG B 61 -2.14 5.29 1.97
N CYS B 62 -1.79 6.55 1.63
CA CYS B 62 -2.49 7.72 2.15
C CYS B 62 -3.95 7.73 1.65
N HIS B 63 -4.92 8.20 2.43
CA HIS B 63 -6.32 8.18 2.02
C HIS B 63 -6.69 9.54 1.37
N PHE B 64 -5.73 10.45 1.11
CA PHE B 64 -6.04 11.77 0.51
C PHE B 64 -5.29 11.93 -0.84
N ILE B 65 -5.69 12.86 -1.71
CA ILE B 65 -5.11 12.96 -3.08
C ILE B 65 -3.67 13.47 -2.99
N HIS B 66 -2.67 12.73 -3.48
CA HIS B 66 -1.30 13.23 -3.59
C HIS B 66 -1.11 13.92 -4.97
N ASN B 67 -0.59 13.24 -5.98
CA ASN B 67 -0.46 13.81 -7.33
C ASN B 67 -1.68 13.43 -8.19
N ALA B 68 -2.34 14.37 -8.88
CA ALA B 68 -3.50 14.06 -9.72
C ALA B 68 -3.03 13.34 -11.02
N ASP B 69 -1.72 13.29 -11.33
CA ASP B 69 -1.22 12.58 -12.52
C ASP B 69 -0.50 11.28 -12.08
N GLU B 70 -0.73 10.15 -12.77
CA GLU B 70 -0.07 8.87 -12.40
C GLU B 70 1.40 8.90 -12.83
N SER B 1 -5.92 -8.76 10.53
CA SER B 1 -5.64 -7.35 10.16
C SER B 1 -6.29 -7.05 8.81
N THR B 2 -6.91 -5.87 8.63
CA THR B 2 -7.49 -5.48 7.32
C THR B 2 -6.35 -5.23 6.30
N ARG B 3 -5.10 -4.99 6.75
CA ARG B 3 -3.96 -4.75 5.83
C ARG B 3 -3.31 -6.09 5.44
N TYR B 4 -3.90 -7.25 5.77
CA TYR B 4 -3.24 -8.54 5.55
C TYR B 4 -3.02 -8.76 4.03
N LYS B 5 -1.77 -8.92 3.56
CA LYS B 5 -1.47 -9.22 2.14
C LYS B 5 -2.13 -8.17 1.22
N THR B 6 -2.28 -6.91 1.64
CA THR B 6 -2.76 -5.82 0.74
C THR B 6 -1.56 -5.12 0.10
N GLU B 7 -0.30 -5.47 0.45
CA GLU B 7 0.89 -4.79 -0.09
C GLU B 7 1.94 -5.85 -0.51
N LEU B 8 2.79 -5.58 -1.52
CA LEU B 8 3.77 -6.56 -2.00
C LEU B 8 4.82 -6.85 -0.92
N CYS B 9 5.30 -8.09 -0.77
CA CYS B 9 6.44 -8.39 0.09
C CYS B 9 7.73 -7.98 -0.64
N ARG B 10 8.34 -6.83 -0.32
CA ARG B 10 9.49 -6.30 -1.09
C ARG B 10 10.69 -7.26 -0.97
N PRO B 11 11.00 -7.81 0.24
CA PRO B 11 12.12 -8.77 0.39
C PRO B 11 11.95 -9.95 -0.59
N PHE B 12 10.73 -10.48 -0.79
CA PHE B 12 10.50 -11.59 -1.73
C PHE B 12 10.65 -11.08 -3.18
N GLU B 13 10.15 -9.89 -3.53
CA GLU B 13 10.27 -9.37 -4.91
C GLU B 13 11.77 -9.08 -5.21
N GLU B 14 12.59 -8.71 -4.21
CA GLU B 14 13.99 -8.30 -4.45
C GLU B 14 14.91 -9.54 -4.48
N SER B 15 14.76 -10.50 -3.55
CA SER B 15 15.75 -11.61 -3.41
C SER B 15 15.07 -12.97 -3.67
N GLY B 16 13.74 -13.04 -3.83
CA GLY B 16 13.05 -14.31 -4.17
C GLY B 16 12.93 -15.20 -2.90
N THR B 17 13.23 -14.68 -1.70
CA THR B 17 13.17 -15.50 -0.47
C THR B 17 12.49 -14.71 0.66
N CYS B 18 11.81 -15.34 1.62
CA CYS B 18 11.20 -14.63 2.75
C CYS B 18 11.25 -15.53 4.01
N LYS B 19 11.85 -15.09 5.12
CA LYS B 19 12.01 -15.93 6.33
C LYS B 19 10.64 -16.17 7.00
N TYR B 20 9.59 -15.43 6.64
CA TYR B 20 8.26 -15.60 7.26
C TYR B 20 7.49 -16.71 6.52
N GLY B 21 7.83 -17.05 5.26
CA GLY B 21 7.19 -18.17 4.55
C GLY B 21 5.67 -17.98 4.49
N GLU B 22 4.85 -19.00 4.75
CA GLU B 22 3.38 -18.89 4.63
C GLU B 22 2.80 -18.02 5.78
N LYS B 23 3.61 -17.60 6.76
CA LYS B 23 3.14 -16.72 7.84
C LYS B 23 3.44 -15.25 7.49
N CYS B 24 4.06 -14.95 6.33
CA CYS B 24 4.31 -13.56 5.92
C CYS B 24 2.98 -12.84 5.69
N GLN B 25 2.75 -11.67 6.30
CA GLN B 25 1.48 -10.94 6.13
C GLN B 25 1.55 -10.07 4.85
N PHE B 26 2.50 -10.29 3.94
CA PHE B 26 2.62 -9.47 2.71
C PHE B 26 2.55 -10.38 1.46
N ALA B 27 2.28 -9.85 0.27
CA ALA B 27 2.01 -10.67 -0.92
C ALA B 27 3.33 -11.17 -1.54
N HIS B 28 3.56 -12.49 -1.65
CA HIS B 28 4.70 -13.03 -2.43
C HIS B 28 4.32 -13.11 -3.92
N GLY B 29 3.04 -13.23 -4.27
CA GLY B 29 2.59 -13.16 -5.68
C GLY B 29 1.34 -12.27 -5.77
N PHE B 30 0.96 -11.76 -6.95
CA PHE B 30 -0.24 -10.93 -7.10
C PHE B 30 -1.50 -11.76 -6.73
N HIS B 31 -1.44 -13.10 -6.75
CA HIS B 31 -2.58 -13.96 -6.36
C HIS B 31 -2.85 -13.80 -4.84
N GLU B 32 -1.91 -13.30 -4.02
CA GLU B 32 -2.13 -13.11 -2.58
C GLU B 32 -2.87 -11.79 -2.33
N LEU B 33 -2.84 -10.81 -3.26
CA LEU B 33 -3.40 -9.47 -3.00
C LEU B 33 -4.92 -9.57 -2.78
N ARG B 34 -5.45 -9.14 -1.63
CA ARG B 34 -6.91 -9.18 -1.35
C ARG B 34 -7.55 -7.83 -1.70
N SER B 35 -8.83 -7.79 -2.13
CA SER B 35 -9.50 -6.52 -2.45
C SER B 35 -9.72 -5.69 -1.17
N LEU B 36 -9.41 -4.38 -1.15
CA LEU B 36 -9.70 -3.51 0.00
C LEU B 36 -11.02 -2.75 -0.24
N THR B 37 -11.89 -2.60 0.76
CA THR B 37 -13.12 -1.79 0.61
C THR B 37 -12.75 -0.29 0.60
N ARG B 38 -12.85 0.41 -0.55
CA ARG B 38 -12.41 1.81 -0.64
C ARG B 38 -13.43 2.74 0.04
N HIS B 39 -13.01 3.68 0.88
CA HIS B 39 -13.94 4.63 1.53
C HIS B 39 -14.72 5.42 0.44
N PRO B 40 -15.99 5.84 0.69
CA PRO B 40 -16.79 6.56 -0.31
C PRO B 40 -16.05 7.85 -0.77
N LYS B 41 -15.22 8.49 0.09
CA LYS B 41 -14.46 9.71 -0.30
C LYS B 41 -12.98 9.36 -0.54
N TYR B 42 -12.62 8.08 -0.74
CA TYR B 42 -11.22 7.69 -0.98
C TYR B 42 -10.60 8.54 -2.13
N LYS B 43 -9.45 9.22 -1.90
CA LYS B 43 -8.76 10.06 -2.92
C LYS B 43 -9.77 11.05 -3.56
N THR B 44 -10.49 11.86 -2.77
CA THR B 44 -11.33 12.96 -3.33
C THR B 44 -10.79 14.32 -2.84
N GLU B 45 -9.92 14.37 -1.82
CA GLU B 45 -9.33 15.65 -1.35
C GLU B 45 -7.80 15.60 -1.46
N LEU B 46 -7.13 16.73 -1.73
CA LEU B 46 -5.66 16.76 -1.84
C LEU B 46 -5.04 16.42 -0.47
N CYS B 47 -4.07 15.52 -0.40
CA CYS B 47 -3.36 15.25 0.86
C CYS B 47 -2.59 16.50 1.29
N ARG B 48 -2.99 17.18 2.37
CA ARG B 48 -2.39 18.47 2.76
C ARG B 48 -0.90 18.27 3.05
N THR B 49 -0.49 17.25 3.81
CA THR B 49 0.93 17.00 4.10
C THR B 49 1.72 16.77 2.78
N PHE B 50 1.24 15.95 1.84
CA PHE B 50 1.96 15.73 0.57
C PHE B 50 2.03 17.05 -0.24
N HIS B 51 0.96 17.84 -0.30
CA HIS B 51 0.96 19.13 -1.04
C HIS B 51 1.61 20.25 -0.19
N THR B 52 2.11 19.98 1.02
CA THR B 52 2.84 20.99 1.83
C THR B 52 4.32 20.60 1.94
N ILE B 53 4.66 19.47 2.59
CA ILE B 53 6.08 19.06 2.77
C ILE B 53 6.61 18.45 1.45
N GLY B 54 5.75 18.13 0.47
CA GLY B 54 6.20 17.41 -0.74
C GLY B 54 6.28 15.90 -0.44
N PHE B 55 5.92 15.44 0.77
CA PHE B 55 6.03 14.03 1.14
C PHE B 55 4.91 13.67 2.14
N CYS B 56 4.63 12.38 2.38
CA CYS B 56 3.60 11.98 3.33
C CYS B 56 4.04 10.68 4.05
N PRO B 57 4.01 10.61 5.40
CA PRO B 57 4.50 9.45 6.13
C PRO B 57 3.57 8.25 5.93
N TYR B 58 2.35 8.43 5.38
CA TYR B 58 1.45 7.29 5.13
C TYR B 58 1.79 6.64 3.76
N GLY B 59 2.55 7.32 2.88
CA GLY B 59 3.03 6.70 1.63
C GLY B 59 1.83 6.30 0.74
N PRO B 60 1.92 5.20 -0.05
CA PRO B 60 0.83 4.81 -0.96
C PRO B 60 -0.38 4.31 -0.14
N ARG B 61 -0.25 4.07 1.18
CA ARG B 61 -1.38 3.64 2.02
C ARG B 61 -2.21 4.88 2.44
N CYS B 62 -1.86 6.11 2.01
CA CYS B 62 -2.60 7.31 2.41
C CYS B 62 -3.99 7.33 1.74
N HIS B 63 -5.05 7.82 2.41
CA HIS B 63 -6.41 7.82 1.85
C HIS B 63 -6.66 9.12 1.04
N PHE B 64 -5.69 10.05 0.97
CA PHE B 64 -5.92 11.37 0.34
C PHE B 64 -5.07 11.49 -0.95
N ILE B 65 -5.41 12.40 -1.89
CA ILE B 65 -4.75 12.44 -3.21
C ILE B 65 -3.30 12.94 -3.07
N HIS B 66 -2.29 12.15 -3.42
CA HIS B 66 -0.91 12.63 -3.49
C HIS B 66 -0.66 13.30 -4.85
N ASN B 67 -0.09 12.61 -5.85
CA ASN B 67 0.20 13.22 -7.15
C ASN B 67 -0.95 12.91 -8.13
N ALA B 68 -1.56 13.92 -8.76
CA ALA B 68 -2.74 13.71 -9.62
C ALA B 68 -2.31 13.57 -11.11
N ASP B 69 -1.08 13.99 -11.50
CA ASP B 69 -0.68 14.00 -12.93
C ASP B 69 0.88 14.10 -13.04
N GLU B 70 1.48 13.87 -14.21
CA GLU B 70 2.95 13.98 -14.38
C GLU B 70 3.35 15.47 -14.40
N SER B 1 -6.73 -8.99 10.37
CA SER B 1 -6.33 -7.63 9.93
C SER B 1 -6.78 -7.40 8.50
N THR B 2 -7.41 -6.27 8.17
CA THR B 2 -7.90 -6.01 6.78
C THR B 2 -6.71 -5.82 5.83
N ARG B 3 -5.50 -5.44 6.33
CA ARG B 3 -4.32 -5.23 5.46
C ARG B 3 -3.61 -6.58 5.19
N TYR B 4 -4.21 -7.73 5.52
CA TYR B 4 -3.53 -9.02 5.38
C TYR B 4 -3.23 -9.30 3.88
N LYS B 5 -1.94 -9.46 3.48
CA LYS B 5 -1.56 -9.78 2.07
C LYS B 5 -2.20 -8.75 1.10
N THR B 6 -2.38 -7.50 1.48
CA THR B 6 -2.88 -6.45 0.55
C THR B 6 -1.68 -5.71 -0.07
N GLU B 7 -0.44 -5.97 0.36
CA GLU B 7 0.75 -5.25 -0.14
C GLU B 7 1.84 -6.26 -0.55
N LEU B 8 2.69 -5.96 -1.54
CA LEU B 8 3.71 -6.91 -2.01
C LEU B 8 4.74 -7.18 -0.89
N CYS B 9 5.20 -8.43 -0.72
CA CYS B 9 6.32 -8.72 0.17
C CYS B 9 7.63 -8.30 -0.52
N ARG B 10 8.20 -7.13 -0.21
CA ARG B 10 9.34 -6.59 -0.97
C ARG B 10 10.59 -7.49 -0.79
N PRO B 11 10.87 -8.04 0.42
CA PRO B 11 12.00 -8.96 0.62
C PRO B 11 11.88 -10.15 -0.37
N PHE B 12 10.68 -10.69 -0.62
CA PHE B 12 10.50 -11.78 -1.59
C PHE B 12 10.67 -11.24 -3.02
N GLU B 13 10.17 -10.05 -3.36
CA GLU B 13 10.31 -9.51 -4.72
C GLU B 13 11.81 -9.21 -5.02
N GLU B 14 12.62 -8.83 -4.01
CA GLU B 14 14.02 -8.42 -4.24
C GLU B 14 14.94 -9.66 -4.24
N SER B 15 14.78 -10.62 -3.32
CA SER B 15 15.77 -11.72 -3.14
C SER B 15 15.11 -13.08 -3.42
N GLY B 16 13.79 -13.17 -3.63
CA GLY B 16 13.13 -14.44 -4.01
C GLY B 16 12.97 -15.33 -2.76
N THR B 17 13.26 -14.85 -1.54
CA THR B 17 13.16 -15.67 -0.31
C THR B 17 12.48 -14.87 0.80
N CYS B 18 11.78 -15.51 1.76
CA CYS B 18 11.18 -14.79 2.88
C CYS B 18 11.27 -15.66 4.16
N LYS B 19 11.84 -15.16 5.25
CA LYS B 19 12.04 -15.96 6.49
C LYS B 19 10.68 -16.26 7.13
N TYR B 20 9.61 -15.52 6.82
CA TYR B 20 8.29 -15.75 7.42
C TYR B 20 7.56 -16.90 6.68
N GLY B 21 7.96 -17.25 5.45
CA GLY B 21 7.42 -18.45 4.76
C GLY B 21 5.90 -18.33 4.62
N GLU B 22 5.12 -19.40 4.83
CA GLU B 22 3.65 -19.38 4.62
C GLU B 22 2.97 -18.53 5.71
N LYS B 23 3.69 -18.09 6.77
CA LYS B 23 3.11 -17.21 7.81
C LYS B 23 3.40 -15.74 7.48
N CYS B 24 4.05 -15.42 6.35
CA CYS B 24 4.27 -14.02 5.95
C CYS B 24 2.91 -13.33 5.73
N GLN B 25 2.65 -12.18 6.33
CA GLN B 25 1.37 -11.48 6.17
C GLN B 25 1.41 -10.60 4.90
N PHE B 26 2.40 -10.75 4.00
CA PHE B 26 2.51 -9.91 2.80
C PHE B 26 2.46 -10.80 1.53
N ALA B 27 2.20 -10.24 0.34
CA ALA B 27 1.95 -11.06 -0.86
C ALA B 27 3.28 -11.53 -1.48
N HIS B 28 3.56 -12.83 -1.58
CA HIS B 28 4.71 -13.34 -2.35
C HIS B 28 4.33 -13.42 -3.84
N GLY B 29 3.05 -13.56 -4.20
CA GLY B 29 2.62 -13.52 -5.61
C GLY B 29 1.40 -12.60 -5.75
N PHE B 30 1.16 -12.00 -6.92
CA PHE B 30 -0.02 -11.13 -7.13
C PHE B 30 -1.31 -11.96 -6.98
N HIS B 31 -1.27 -13.30 -7.15
CA HIS B 31 -2.44 -14.16 -6.96
C HIS B 31 -2.88 -14.11 -5.46
N GLU B 32 -2.04 -13.66 -4.52
CA GLU B 32 -2.39 -13.65 -3.09
C GLU B 32 -3.02 -12.30 -2.72
N LEU B 33 -2.97 -11.27 -3.56
CA LEU B 33 -3.43 -9.92 -3.19
C LEU B 33 -4.95 -9.93 -2.95
N ARG B 34 -5.43 -9.52 -1.76
CA ARG B 34 -6.89 -9.38 -1.51
C ARG B 34 -7.32 -7.93 -1.80
N SER B 35 -8.54 -7.69 -2.29
CA SER B 35 -9.00 -6.31 -2.61
C SER B 35 -9.17 -5.50 -1.30
N LEU B 36 -8.78 -4.21 -1.26
CA LEU B 36 -9.01 -3.36 -0.08
C LEU B 36 -10.35 -2.62 -0.23
N THR B 37 -11.20 -2.56 0.80
CA THR B 37 -12.43 -1.73 0.76
C THR B 37 -12.04 -0.24 0.86
N ARG B 38 -12.15 0.54 -0.23
CA ARG B 38 -11.65 1.94 -0.24
C ARG B 38 -12.64 2.84 0.52
N HIS B 39 -12.16 3.81 1.32
CA HIS B 39 -13.05 4.75 2.04
C HIS B 39 -14.03 5.43 1.03
N PRO B 40 -15.28 5.77 1.42
CA PRO B 40 -16.26 6.34 0.50
C PRO B 40 -15.70 7.64 -0.14
N LYS B 41 -14.81 8.39 0.52
CA LYS B 41 -14.21 9.61 -0.06
C LYS B 41 -12.72 9.39 -0.34
N TYR B 42 -12.25 8.14 -0.52
CA TYR B 42 -10.82 7.84 -0.81
C TYR B 42 -10.29 8.80 -1.92
N LYS B 43 -9.26 9.63 -1.61
CA LYS B 43 -8.59 10.51 -2.61
C LYS B 43 -9.64 11.37 -3.35
N THR B 44 -10.47 12.13 -2.64
CA THR B 44 -11.35 13.15 -3.28
C THR B 44 -10.93 14.56 -2.82
N GLU B 45 -10.12 14.71 -1.75
CA GLU B 45 -9.59 16.02 -1.33
C GLU B 45 -8.04 16.01 -1.43
N LEU B 46 -7.38 17.16 -1.62
CA LEU B 46 -5.91 17.21 -1.73
C LEU B 46 -5.27 16.86 -0.37
N CYS B 47 -4.25 16.01 -0.32
CA CYS B 47 -3.54 15.72 0.93
C CYS B 47 -2.78 16.96 1.40
N ARG B 48 -3.11 17.55 2.54
CA ARG B 48 -2.46 18.78 3.02
C ARG B 48 -0.96 18.53 3.18
N THR B 49 -0.53 17.48 3.88
CA THR B 49 0.92 17.19 4.09
C THR B 49 1.64 17.04 2.74
N PHE B 50 1.13 16.26 1.78
CA PHE B 50 1.82 16.09 0.47
C PHE B 50 1.86 17.44 -0.28
N HIS B 51 0.79 18.24 -0.29
CA HIS B 51 0.76 19.53 -1.01
C HIS B 51 1.41 20.65 -0.14
N THR B 52 1.93 20.36 1.07
CA THR B 52 2.66 21.36 1.88
C THR B 52 4.14 20.98 1.99
N ILE B 53 4.49 19.83 2.60
CA ILE B 53 5.90 19.43 2.76
C ILE B 53 6.44 18.83 1.44
N GLY B 54 5.58 18.53 0.45
CA GLY B 54 6.02 17.83 -0.78
C GLY B 54 6.12 16.32 -0.49
N PHE B 55 5.77 15.83 0.71
CA PHE B 55 5.88 14.40 1.05
C PHE B 55 4.77 14.03 2.04
N CYS B 56 4.48 12.74 2.25
CA CYS B 56 3.45 12.31 3.21
C CYS B 56 3.88 10.99 3.87
N PRO B 57 3.92 10.89 5.22
CA PRO B 57 4.37 9.68 5.92
C PRO B 57 3.42 8.50 5.63
N TYR B 58 2.22 8.71 5.06
CA TYR B 58 1.31 7.60 4.74
C TYR B 58 1.61 7.06 3.32
N GLY B 59 2.37 7.78 2.48
CA GLY B 59 2.84 7.24 1.18
C GLY B 59 1.63 6.79 0.33
N PRO B 60 1.71 5.67 -0.43
CA PRO B 60 0.64 5.24 -1.31
C PRO B 60 -0.57 4.75 -0.48
N ARG B 61 -0.43 4.50 0.83
CA ARG B 61 -1.55 4.07 1.69
C ARG B 61 -2.39 5.29 2.12
N CYS B 62 -2.05 6.52 1.72
CA CYS B 62 -2.74 7.72 2.18
C CYS B 62 -4.17 7.77 1.58
N HIS B 63 -5.18 8.25 2.31
CA HIS B 63 -6.57 8.28 1.82
C HIS B 63 -6.85 9.63 1.12
N PHE B 64 -5.83 10.44 0.77
CA PHE B 64 -6.05 11.78 0.19
C PHE B 64 -5.23 11.94 -1.11
N ILE B 65 -5.56 12.89 -2.00
CA ILE B 65 -4.91 12.97 -3.33
C ILE B 65 -3.47 13.48 -3.18
N HIS B 66 -2.47 12.70 -3.56
CA HIS B 66 -1.08 13.17 -3.63
C HIS B 66 -0.82 13.80 -5.02
N ASN B 67 -0.22 13.10 -5.98
CA ASN B 67 0.03 13.65 -7.31
C ASN B 67 -1.11 13.24 -8.26
N ALA B 68 -1.70 14.16 -9.03
CA ALA B 68 -2.78 13.83 -9.97
C ALA B 68 -2.20 13.03 -11.19
N ASP B 69 -0.87 12.96 -11.38
CA ASP B 69 -0.27 12.19 -12.48
C ASP B 69 0.42 10.94 -11.93
N GLU B 70 0.25 9.76 -12.55
CA GLU B 70 0.88 8.52 -12.06
C GLU B 70 2.37 8.54 -12.39
N SER B 1 -8.32 -9.26 9.45
CA SER B 1 -7.70 -7.94 9.16
C SER B 1 -8.17 -7.43 7.81
N THR B 2 -8.48 -6.14 7.65
CA THR B 2 -8.89 -5.58 6.34
C THR B 2 -7.66 -5.38 5.44
N ARG B 3 -6.42 -5.62 5.93
CA ARG B 3 -5.20 -5.42 5.11
C ARG B 3 -4.33 -6.69 5.17
N TYR B 4 -4.90 -7.90 5.12
CA TYR B 4 -4.12 -9.14 5.09
C TYR B 4 -3.71 -9.46 3.64
N LYS B 5 -2.40 -9.55 3.32
CA LYS B 5 -1.92 -9.84 1.94
C LYS B 5 -2.57 -8.85 0.93
N THR B 6 -2.88 -7.62 1.31
CA THR B 6 -3.40 -6.60 0.37
C THR B 6 -2.22 -5.79 -0.22
N GLU B 7 -0.98 -5.96 0.27
CA GLU B 7 0.18 -5.22 -0.25
C GLU B 7 1.27 -6.20 -0.69
N LEU B 8 2.07 -5.90 -1.73
CA LEU B 8 3.11 -6.82 -2.22
C LEU B 8 4.15 -7.05 -1.11
N CYS B 9 4.68 -8.27 -0.96
CA CYS B 9 5.82 -8.52 -0.09
C CYS B 9 7.09 -8.03 -0.79
N ARG B 10 7.62 -6.83 -0.46
CA ARG B 10 8.72 -6.22 -1.22
C ARG B 10 10.01 -7.05 -1.04
N PRO B 11 10.32 -7.59 0.17
CA PRO B 11 11.50 -8.46 0.35
C PRO B 11 11.43 -9.66 -0.62
N PHE B 12 10.25 -10.28 -0.83
CA PHE B 12 10.12 -11.42 -1.76
C PHE B 12 10.30 -10.91 -3.21
N GLU B 13 9.73 -9.77 -3.61
CA GLU B 13 9.89 -9.24 -4.97
C GLU B 13 11.38 -8.86 -5.21
N GLU B 14 12.14 -8.43 -4.19
CA GLU B 14 13.53 -7.95 -4.39
C GLU B 14 14.51 -9.14 -4.36
N SER B 15 14.38 -10.08 -3.40
CA SER B 15 15.44 -11.12 -3.17
C SER B 15 14.84 -12.52 -3.40
N GLY B 16 13.52 -12.68 -3.53
CA GLY B 16 12.89 -14.00 -3.73
C GLY B 16 12.74 -14.71 -2.37
N THR B 17 13.75 -14.73 -1.50
CA THR B 17 13.63 -15.42 -0.19
C THR B 17 12.79 -14.56 0.76
N CYS B 18 12.06 -15.15 1.73
CA CYS B 18 11.32 -14.39 2.74
C CYS B 18 11.38 -15.13 4.09
N LYS B 19 11.88 -14.52 5.17
CA LYS B 19 12.07 -15.22 6.47
C LYS B 19 10.71 -15.58 7.09
N TYR B 20 9.61 -14.94 6.69
CA TYR B 20 8.30 -15.22 7.28
C TYR B 20 7.65 -16.43 6.57
N GLY B 21 8.07 -16.81 5.36
CA GLY B 21 7.60 -18.04 4.70
C GLY B 21 6.06 -18.00 4.57
N GLU B 22 5.34 -19.11 4.86
CA GLU B 22 3.87 -19.16 4.68
C GLU B 22 3.17 -18.31 5.75
N LYS B 23 3.88 -17.78 6.76
CA LYS B 23 3.27 -16.90 7.77
C LYS B 23 3.41 -15.43 7.35
N CYS B 24 4.04 -15.12 6.20
CA CYS B 24 4.21 -13.73 5.79
C CYS B 24 2.83 -13.10 5.49
N GLN B 25 2.48 -12.00 6.14
CA GLN B 25 1.14 -11.41 6.01
C GLN B 25 1.06 -10.57 4.71
N PHE B 26 2.05 -10.61 3.81
CA PHE B 26 2.06 -9.78 2.59
C PHE B 26 2.05 -10.67 1.34
N ALA B 27 1.73 -10.16 0.15
CA ALA B 27 1.50 -10.99 -1.04
C ALA B 27 2.84 -11.42 -1.66
N HIS B 28 3.17 -12.72 -1.72
CA HIS B 28 4.35 -13.19 -2.48
C HIS B 28 4.01 -13.28 -3.99
N GLY B 29 2.74 -13.49 -4.37
CA GLY B 29 2.33 -13.47 -5.79
C GLY B 29 1.08 -12.60 -5.95
N PHE B 30 0.74 -12.13 -7.16
CA PHE B 30 -0.49 -11.34 -7.38
C PHE B 30 -1.73 -12.21 -7.10
N HIS B 31 -1.62 -13.56 -7.18
CA HIS B 31 -2.72 -14.46 -6.79
C HIS B 31 -3.02 -14.33 -5.28
N GLU B 32 -2.10 -13.79 -4.46
CA GLU B 32 -2.33 -13.65 -3.01
C GLU B 32 -3.05 -12.32 -2.71
N LEU B 33 -3.05 -11.34 -3.63
CA LEU B 33 -3.59 -10.00 -3.34
C LEU B 33 -5.11 -10.08 -3.14
N ARG B 34 -5.64 -9.68 -1.98
CA ARG B 34 -7.11 -9.60 -1.77
C ARG B 34 -7.57 -8.15 -2.03
N SER B 35 -8.80 -7.91 -2.50
CA SER B 35 -9.30 -6.55 -2.77
C SER B 35 -9.38 -5.75 -1.45
N LEU B 36 -8.96 -4.47 -1.40
CA LEU B 36 -8.99 -3.68 -0.16
C LEU B 36 -10.39 -3.08 0.04
N THR B 37 -10.99 -3.14 1.22
CA THR B 37 -12.22 -2.39 1.52
C THR B 37 -11.87 -0.94 1.83
N ARG B 38 -12.05 0.00 0.89
CA ARG B 38 -11.53 1.39 1.05
C ARG B 38 -12.69 2.35 1.37
N HIS B 39 -12.44 3.47 2.05
CA HIS B 39 -13.49 4.49 2.32
C HIS B 39 -14.05 5.03 0.97
N PRO B 40 -15.35 5.39 0.88
CA PRO B 40 -15.95 5.83 -0.39
C PRO B 40 -15.28 7.15 -0.89
N LYS B 41 -14.66 7.96 -0.01
CA LYS B 41 -13.98 9.21 -0.44
C LYS B 41 -12.48 8.93 -0.71
N TYR B 42 -12.05 7.68 -0.91
CA TYR B 42 -10.63 7.35 -1.13
C TYR B 42 -10.06 8.21 -2.30
N LYS B 43 -8.95 8.95 -2.08
CA LYS B 43 -8.31 9.81 -3.11
C LYS B 43 -9.36 10.75 -3.75
N THR B 44 -10.09 11.56 -2.99
CA THR B 44 -11.00 12.60 -3.56
C THR B 44 -10.54 14.00 -3.12
N GLU B 45 -9.72 14.14 -2.06
CA GLU B 45 -9.25 15.46 -1.60
C GLU B 45 -7.71 15.50 -1.66
N LEU B 46 -7.08 16.66 -1.92
CA LEU B 46 -5.62 16.78 -1.97
C LEU B 46 -5.02 16.53 -0.57
N CYS B 47 -3.96 15.74 -0.43
CA CYS B 47 -3.32 15.52 0.86
C CYS B 47 -2.62 16.81 1.31
N ARG B 48 -3.01 17.39 2.46
CA ARG B 48 -2.42 18.65 2.95
C ARG B 48 -0.90 18.49 3.09
N THR B 49 -0.39 17.47 3.80
CA THR B 49 1.06 17.32 4.02
C THR B 49 1.80 17.22 2.67
N PHE B 50 1.33 16.40 1.72
CA PHE B 50 2.05 16.24 0.43
C PHE B 50 1.98 17.55 -0.38
N HIS B 51 0.86 18.27 -0.40
CA HIS B 51 0.74 19.51 -1.22
C HIS B 51 1.27 20.74 -0.41
N THR B 52 1.72 20.58 0.85
CA THR B 52 2.27 21.72 1.64
C THR B 52 3.77 21.49 1.94
N ILE B 53 4.23 20.25 2.16
CA ILE B 53 5.66 19.98 2.46
C ILE B 53 6.32 19.30 1.23
N GLY B 54 5.55 18.81 0.24
CA GLY B 54 6.12 18.02 -0.87
C GLY B 54 6.30 16.56 -0.41
N PHE B 55 5.89 16.18 0.81
CA PHE B 55 6.10 14.82 1.33
C PHE B 55 4.94 14.44 2.26
N CYS B 56 4.73 13.15 2.60
CA CYS B 56 3.69 12.74 3.55
C CYS B 56 4.19 11.51 4.36
N PRO B 57 4.09 11.51 5.70
CA PRO B 57 4.63 10.43 6.52
C PRO B 57 3.79 9.15 6.33
N TYR B 58 2.59 9.22 5.74
CA TYR B 58 1.77 8.02 5.48
C TYR B 58 2.21 7.36 4.16
N GLY B 59 2.93 8.06 3.28
CA GLY B 59 3.48 7.45 2.06
C GLY B 59 2.34 6.83 1.22
N PRO B 60 2.53 5.63 0.63
CA PRO B 60 1.53 5.03 -0.26
C PRO B 60 0.30 4.55 0.56
N ARG B 61 0.36 4.50 1.91
CA ARG B 61 -0.81 4.08 2.72
C ARG B 61 -1.75 5.29 2.94
N CYS B 62 -1.40 6.51 2.49
CA CYS B 62 -2.23 7.70 2.72
C CYS B 62 -3.55 7.57 1.95
N HIS B 63 -4.69 8.01 2.51
CA HIS B 63 -5.99 7.88 1.83
C HIS B 63 -6.26 9.12 0.95
N PHE B 64 -5.36 10.12 0.91
CA PHE B 64 -5.65 11.40 0.23
C PHE B 64 -4.79 11.52 -1.04
N ILE B 65 -5.16 12.38 -2.01
CA ILE B 65 -4.45 12.46 -3.31
C ILE B 65 -3.05 13.04 -3.12
N HIS B 66 -1.98 12.32 -3.45
CA HIS B 66 -0.62 12.88 -3.47
C HIS B 66 -0.32 13.45 -4.86
N ASN B 67 0.33 12.71 -5.78
CA ASN B 67 0.55 13.17 -7.15
C ASN B 67 -0.56 12.62 -8.07
N ALA B 68 -1.21 13.45 -8.91
CA ALA B 68 -2.28 12.97 -9.81
C ALA B 68 -1.65 12.19 -11.01
N ASP B 69 -0.32 12.18 -11.17
CA ASP B 69 0.35 11.40 -12.23
C ASP B 69 1.05 10.18 -11.61
N GLU B 70 0.96 8.98 -12.21
CA GLU B 70 1.64 7.78 -11.68
C GLU B 70 3.14 7.87 -11.99
N SER B 1 -10.12 0.39 6.51
CA SER B 1 -10.01 -0.86 5.73
C SER B 1 -8.88 -1.73 6.27
N THR B 2 -8.86 -3.05 6.02
CA THR B 2 -7.82 -3.96 6.59
C THR B 2 -6.50 -3.79 5.81
N ARG B 3 -5.38 -4.40 6.26
CA ARG B 3 -4.07 -4.27 5.56
C ARG B 3 -3.37 -5.64 5.53
N TYR B 4 -4.08 -6.76 5.51
CA TYR B 4 -3.46 -8.08 5.41
C TYR B 4 -3.21 -8.43 3.92
N LYS B 5 -1.94 -8.65 3.49
CA LYS B 5 -1.62 -8.98 2.07
C LYS B 5 -2.25 -7.93 1.12
N THR B 6 -2.37 -6.67 1.52
CA THR B 6 -2.82 -5.60 0.60
C THR B 6 -1.61 -4.95 -0.07
N GLU B 7 -0.37 -5.24 0.37
CA GLU B 7 0.84 -4.58 -0.18
C GLU B 7 1.86 -5.67 -0.59
N LEU B 8 2.69 -5.43 -1.62
CA LEU B 8 3.65 -6.45 -2.11
C LEU B 8 4.72 -6.73 -1.04
N CYS B 9 5.18 -7.97 -0.89
CA CYS B 9 6.34 -8.28 -0.05
C CYS B 9 7.63 -7.93 -0.81
N ARG B 10 8.23 -6.75 -0.59
CA ARG B 10 9.34 -6.26 -1.42
C ARG B 10 10.61 -7.13 -1.18
N PRO B 11 10.92 -7.59 0.07
CA PRO B 11 12.07 -8.48 0.31
C PRO B 11 11.94 -9.74 -0.57
N PHE B 12 10.74 -10.30 -0.76
CA PHE B 12 10.55 -11.48 -1.62
C PHE B 12 10.78 -11.10 -3.09
N GLU B 13 10.33 -9.93 -3.56
CA GLU B 13 10.54 -9.51 -4.96
C GLU B 13 12.05 -9.27 -5.21
N GLU B 14 12.82 -8.80 -4.21
CA GLU B 14 14.22 -8.40 -4.41
C GLU B 14 15.13 -9.63 -4.35
N SER B 15 14.97 -10.54 -3.37
CA SER B 15 15.94 -11.64 -3.13
C SER B 15 15.25 -13.02 -3.34
N GLY B 16 13.94 -13.08 -3.56
CA GLY B 16 13.26 -14.36 -3.86
C GLY B 16 13.06 -15.18 -2.57
N THR B 17 13.34 -14.62 -1.38
CA THR B 17 13.22 -15.38 -0.11
C THR B 17 12.52 -14.50 0.94
N CYS B 18 11.80 -15.07 1.91
CA CYS B 18 11.18 -14.30 2.99
C CYS B 18 11.21 -15.11 4.30
N LYS B 19 11.80 -14.61 5.38
CA LYS B 19 11.96 -15.38 6.63
C LYS B 19 10.59 -15.64 7.29
N TYR B 20 9.52 -14.92 6.90
CA TYR B 20 8.20 -15.12 7.50
C TYR B 20 7.47 -16.28 6.77
N GLY B 21 7.88 -16.68 5.56
CA GLY B 21 7.32 -17.86 4.89
C GLY B 21 5.80 -17.70 4.71
N GLU B 22 4.99 -18.74 4.94
CA GLU B 22 3.52 -18.67 4.72
C GLU B 22 2.87 -17.77 5.80
N LYS B 23 3.60 -17.32 6.84
CA LYS B 23 3.04 -16.41 7.87
C LYS B 23 3.37 -14.95 7.51
N CYS B 24 4.02 -14.68 6.36
CA CYS B 24 4.27 -13.30 5.92
C CYS B 24 2.92 -12.59 5.69
N GLN B 25 2.70 -11.41 6.26
CA GLN B 25 1.43 -10.68 6.10
C GLN B 25 1.45 -9.86 4.79
N PHE B 26 2.44 -10.06 3.88
CA PHE B 26 2.53 -9.27 2.63
C PHE B 26 2.43 -10.20 1.42
N ALA B 27 2.17 -9.70 0.22
CA ALA B 27 1.88 -10.55 -0.95
C ALA B 27 3.22 -11.05 -1.57
N HIS B 28 3.52 -12.35 -1.59
CA HIS B 28 4.66 -12.88 -2.35
C HIS B 28 4.29 -12.98 -3.85
N GLY B 29 3.00 -13.07 -4.21
CA GLY B 29 2.57 -13.03 -5.62
C GLY B 29 1.28 -12.20 -5.75
N PHE B 30 0.95 -11.66 -6.93
CA PHE B 30 -0.26 -10.83 -7.09
C PHE B 30 -1.52 -11.70 -6.85
N HIS B 31 -1.44 -13.02 -6.95
CA HIS B 31 -2.59 -13.91 -6.66
C HIS B 31 -2.98 -13.81 -5.16
N GLU B 32 -2.08 -13.35 -4.28
CA GLU B 32 -2.41 -13.23 -2.84
C GLU B 32 -3.04 -11.86 -2.56
N LEU B 33 -2.95 -10.88 -3.48
CA LEU B 33 -3.46 -9.53 -3.22
C LEU B 33 -4.98 -9.58 -3.01
N ARG B 34 -5.52 -9.07 -1.90
CA ARG B 34 -6.98 -9.03 -1.67
C ARG B 34 -7.54 -7.69 -2.14
N SER B 35 -8.77 -7.60 -2.64
CA SER B 35 -9.39 -6.33 -3.03
C SER B 35 -9.59 -5.44 -1.78
N LEU B 36 -9.12 -4.19 -1.77
CA LEU B 36 -9.32 -3.29 -0.62
C LEU B 36 -10.69 -2.61 -0.72
N THR B 37 -11.54 -2.67 0.30
CA THR B 37 -12.82 -1.92 0.31
C THR B 37 -12.51 -0.41 0.37
N ARG B 38 -12.73 0.36 -0.70
CA ARG B 38 -12.31 1.78 -0.75
C ARG B 38 -13.31 2.64 0.00
N HIS B 39 -12.88 3.53 0.90
CA HIS B 39 -13.80 4.46 1.59
C HIS B 39 -14.56 5.32 0.55
N PRO B 40 -15.82 5.74 0.82
CA PRO B 40 -16.61 6.51 -0.15
C PRO B 40 -15.91 7.86 -0.48
N LYS B 41 -15.03 8.40 0.40
CA LYS B 41 -14.29 9.65 0.12
C LYS B 41 -12.80 9.30 -0.21
N TYR B 42 -12.46 8.04 -0.48
CA TYR B 42 -11.08 7.64 -0.82
C TYR B 42 -10.52 8.54 -1.96
N LYS B 43 -9.38 9.24 -1.74
CA LYS B 43 -8.74 10.10 -2.78
C LYS B 43 -9.77 11.11 -3.35
N THR B 44 -10.44 11.91 -2.51
CA THR B 44 -11.32 13.02 -3.00
C THR B 44 -10.76 14.38 -2.53
N GLU B 45 -9.89 14.43 -1.51
CA GLU B 45 -9.29 15.71 -1.05
C GLU B 45 -7.77 15.66 -1.19
N LEU B 46 -7.08 16.78 -1.44
CA LEU B 46 -5.61 16.79 -1.58
C LEU B 46 -4.96 16.44 -0.24
N CYS B 47 -3.98 15.53 -0.20
CA CYS B 47 -3.29 15.19 1.06
C CYS B 47 -2.45 16.39 1.52
N ARG B 48 -2.73 16.96 2.69
CA ARG B 48 -2.01 18.16 3.19
C ARG B 48 -0.52 17.87 3.27
N THR B 49 -0.09 16.81 3.95
CA THR B 49 1.35 16.49 4.11
C THR B 49 2.03 16.33 2.73
N PHE B 50 1.45 15.59 1.78
CA PHE B 50 2.07 15.43 0.45
C PHE B 50 2.13 16.79 -0.28
N HIS B 51 1.11 17.64 -0.18
CA HIS B 51 1.08 18.94 -0.91
C HIS B 51 1.77 20.05 -0.06
N THR B 52 2.27 19.77 1.16
CA THR B 52 2.96 20.80 2.00
C THR B 52 4.43 20.43 2.18
N ILE B 53 4.78 19.15 2.35
CA ILE B 53 6.20 18.73 2.53
C ILE B 53 6.71 18.07 1.22
N GLY B 54 5.85 17.78 0.24
CA GLY B 54 6.27 17.04 -0.96
C GLY B 54 6.38 15.54 -0.64
N PHE B 55 5.98 15.08 0.56
CA PHE B 55 6.09 13.67 0.94
C PHE B 55 4.99 13.32 1.96
N CYS B 56 4.67 12.04 2.18
CA CYS B 56 3.65 11.65 3.15
C CYS B 56 4.09 10.34 3.85
N PRO B 57 4.09 10.27 5.20
CA PRO B 57 4.57 9.10 5.91
C PRO B 57 3.59 7.93 5.74
N TYR B 58 2.38 8.14 5.19
CA TYR B 58 1.43 7.02 4.98
C TYR B 58 1.73 6.35 3.61
N GLY B 59 2.47 6.99 2.70
CA GLY B 59 2.91 6.33 1.45
C GLY B 59 1.67 5.93 0.61
N PRO B 60 1.70 4.79 -0.11
CA PRO B 60 0.61 4.38 -0.99
C PRO B 60 -0.63 3.96 -0.15
N ARG B 61 -0.49 3.76 1.17
CA ARG B 61 -1.63 3.40 2.04
C ARG B 61 -2.41 4.67 2.44
N CYS B 62 -2.04 5.86 1.98
CA CYS B 62 -2.71 7.10 2.38
C CYS B 62 -4.12 7.15 1.75
N HIS B 63 -5.12 7.74 2.42
CA HIS B 63 -6.50 7.78 1.91
C HIS B 63 -6.73 9.11 1.14
N PHE B 64 -5.73 10.02 1.05
CA PHE B 64 -5.94 11.36 0.46
C PHE B 64 -5.11 11.50 -0.83
N ILE B 65 -5.43 12.46 -1.74
CA ILE B 65 -4.82 12.49 -3.09
C ILE B 65 -3.37 12.97 -2.99
N HIS B 66 -2.38 12.16 -3.35
CA HIS B 66 -1.00 12.62 -3.49
C HIS B 66 -0.81 13.27 -4.88
N ASN B 67 -0.38 12.53 -5.91
CA ASN B 67 -0.35 13.07 -7.27
C ASN B 67 -1.63 12.66 -8.02
N ALA B 68 -2.31 13.58 -8.72
CA ALA B 68 -3.61 13.28 -9.36
C ALA B 68 -3.40 12.30 -10.54
N ASP B 69 -3.61 10.98 -10.35
CA ASP B 69 -3.54 10.00 -11.46
C ASP B 69 -4.90 9.18 -11.52
N GLU B 70 -5.11 8.32 -12.52
CA GLU B 70 -6.37 7.56 -12.63
C GLU B 70 -6.36 6.41 -11.60
N SER B 1 -5.68 -9.58 11.17
CA SER B 1 -5.62 -8.15 10.77
C SER B 1 -6.29 -7.97 9.41
N THR B 2 -7.06 -6.89 9.19
CA THR B 2 -7.68 -6.63 7.87
C THR B 2 -6.61 -6.25 6.85
N ARG B 3 -5.37 -5.89 7.28
CA ARG B 3 -4.29 -5.53 6.34
C ARG B 3 -3.61 -6.79 5.80
N TYR B 4 -4.08 -8.00 6.14
CA TYR B 4 -3.36 -9.25 5.80
C TYR B 4 -3.18 -9.35 4.26
N LYS B 5 -1.93 -9.46 3.74
CA LYS B 5 -1.67 -9.60 2.29
C LYS B 5 -2.36 -8.46 1.49
N THR B 6 -2.52 -7.26 2.06
CA THR B 6 -2.99 -6.08 1.27
C THR B 6 -1.79 -5.32 0.67
N GLU B 7 -0.54 -5.65 1.05
CA GLU B 7 0.66 -4.96 0.52
C GLU B 7 1.66 -5.99 -0.02
N LEU B 8 2.44 -5.66 -1.07
CA LEU B 8 3.39 -6.61 -1.67
C LEU B 8 4.51 -6.95 -0.67
N CYS B 9 4.98 -8.20 -0.60
CA CYS B 9 6.18 -8.55 0.16
C CYS B 9 7.42 -8.14 -0.63
N ARG B 10 8.05 -6.99 -0.33
CA ARG B 10 9.16 -6.46 -1.17
C ARG B 10 10.40 -7.36 -1.04
N PRO B 11 10.77 -7.87 0.18
CA PRO B 11 11.93 -8.76 0.35
C PRO B 11 11.81 -9.97 -0.60
N PHE B 12 10.62 -10.57 -0.78
CA PHE B 12 10.44 -11.72 -1.68
C PHE B 12 10.63 -11.27 -3.14
N GLU B 13 10.10 -10.12 -3.56
CA GLU B 13 10.29 -9.63 -4.94
C GLU B 13 11.78 -9.29 -5.18
N GLU B 14 12.54 -8.85 -4.16
CA GLU B 14 13.93 -8.40 -4.37
C GLU B 14 14.88 -9.61 -4.38
N SER B 15 14.75 -10.58 -3.46
CA SER B 15 15.78 -11.66 -3.29
C SER B 15 15.14 -13.04 -3.55
N GLY B 16 13.82 -13.15 -3.78
CA GLY B 16 13.18 -14.43 -4.12
C GLY B 16 13.05 -15.30 -2.85
N THR B 17 13.33 -14.78 -1.64
CA THR B 17 13.23 -15.58 -0.40
C THR B 17 12.55 -14.76 0.69
N CYS B 18 11.88 -15.39 1.67
CA CYS B 18 11.25 -14.66 2.78
C CYS B 18 11.38 -15.47 4.08
N LYS B 19 11.96 -14.92 5.15
CA LYS B 19 12.18 -15.68 6.40
C LYS B 19 10.83 -15.98 7.07
N TYR B 20 9.75 -15.25 6.78
CA TYR B 20 8.45 -15.49 7.39
C TYR B 20 7.73 -16.66 6.67
N GLY B 21 8.15 -17.04 5.45
CA GLY B 21 7.66 -18.28 4.81
C GLY B 21 6.14 -18.21 4.60
N GLU B 22 5.39 -19.31 4.77
CA GLU B 22 3.94 -19.34 4.52
C GLU B 22 3.21 -18.49 5.58
N LYS B 23 3.88 -18.02 6.64
CA LYS B 23 3.23 -17.18 7.67
C LYS B 23 3.50 -15.70 7.37
N CYS B 24 4.15 -15.34 6.24
CA CYS B 24 4.39 -13.95 5.91
C CYS B 24 3.05 -13.21 5.71
N GLN B 25 2.81 -12.09 6.38
CA GLN B 25 1.53 -11.40 6.32
C GLN B 25 1.47 -10.50 5.06
N PHE B 26 2.43 -10.60 4.12
CA PHE B 26 2.45 -9.74 2.91
C PHE B 26 2.39 -10.61 1.64
N ALA B 27 2.08 -10.04 0.46
CA ALA B 27 1.79 -10.84 -0.74
C ALA B 27 3.10 -11.29 -1.40
N HIS B 28 3.38 -12.60 -1.52
CA HIS B 28 4.54 -13.08 -2.33
C HIS B 28 4.15 -13.09 -3.82
N GLY B 29 2.87 -13.19 -4.19
CA GLY B 29 2.43 -13.05 -5.59
C GLY B 29 1.14 -12.23 -5.63
N PHE B 30 0.74 -11.68 -6.80
CA PHE B 30 -0.49 -10.88 -6.90
C PHE B 30 -1.73 -11.77 -6.59
N HIS B 31 -1.62 -13.10 -6.66
CA HIS B 31 -2.74 -14.00 -6.30
C HIS B 31 -3.02 -13.93 -4.78
N GLU B 32 -2.06 -13.45 -3.94
CA GLU B 32 -2.30 -13.32 -2.48
C GLU B 32 -3.07 -12.03 -2.18
N LEU B 33 -3.04 -11.01 -3.06
CA LEU B 33 -3.68 -9.72 -2.78
C LEU B 33 -5.20 -9.90 -2.64
N ARG B 34 -5.82 -9.50 -1.53
CA ARG B 34 -7.27 -9.72 -1.30
C ARG B 34 -8.08 -8.57 -1.92
N SER B 35 -9.32 -8.81 -2.39
CA SER B 35 -10.11 -7.76 -3.08
C SER B 35 -10.72 -6.79 -2.04
N LEU B 36 -9.98 -5.78 -1.54
CA LEU B 36 -10.52 -4.81 -0.58
C LEU B 36 -11.19 -3.64 -1.34
N THR B 37 -12.44 -3.28 -1.04
CA THR B 37 -13.07 -2.06 -1.60
C THR B 37 -12.43 -0.82 -0.95
N ARG B 38 -12.37 0.34 -1.64
CA ARG B 38 -11.62 1.52 -1.13
C ARG B 38 -12.56 2.41 -0.30
N HIS B 39 -12.02 3.28 0.57
CA HIS B 39 -12.85 4.17 1.42
C HIS B 39 -13.80 5.02 0.51
N PRO B 40 -15.03 5.37 0.96
CA PRO B 40 -15.98 6.12 0.12
C PRO B 40 -15.37 7.47 -0.33
N LYS B 41 -14.48 8.11 0.46
CA LYS B 41 -13.85 9.39 0.08
C LYS B 41 -12.39 9.15 -0.33
N TYR B 42 -11.99 7.93 -0.72
CA TYR B 42 -10.60 7.63 -1.10
C TYR B 42 -10.11 8.62 -2.19
N LYS B 43 -9.06 9.43 -1.90
CA LYS B 43 -8.48 10.39 -2.87
C LYS B 43 -9.58 11.34 -3.40
N THR B 44 -10.29 12.08 -2.55
CA THR B 44 -11.25 13.13 -3.01
C THR B 44 -10.77 14.52 -2.57
N GLU B 45 -9.96 14.65 -1.51
CA GLU B 45 -9.44 15.97 -1.07
C GLU B 45 -7.90 15.99 -1.17
N LEU B 46 -7.26 17.15 -1.41
CA LEU B 46 -5.79 17.23 -1.54
C LEU B 46 -5.13 16.88 -0.20
N CYS B 47 -4.07 16.05 -0.17
CA CYS B 47 -3.36 15.74 1.07
C CYS B 47 -2.58 16.97 1.54
N ARG B 48 -2.89 17.52 2.71
CA ARG B 48 -2.19 18.72 3.24
C ARG B 48 -0.69 18.45 3.32
N THR B 49 -0.23 17.36 3.96
CA THR B 49 1.21 17.11 4.13
C THR B 49 1.91 17.04 2.75
N PHE B 50 1.38 16.29 1.77
CA PHE B 50 2.04 16.17 0.45
C PHE B 50 2.01 17.53 -0.28
N HIS B 51 0.92 18.29 -0.23
CA HIS B 51 0.85 19.60 -0.93
C HIS B 51 1.54 20.71 -0.07
N THR B 52 2.07 20.41 1.13
CA THR B 52 2.81 21.41 1.95
C THR B 52 4.29 21.02 2.03
N ILE B 53 4.66 19.87 2.63
CA ILE B 53 6.08 19.48 2.77
C ILE B 53 6.60 18.92 1.44
N GLY B 54 5.73 18.59 0.46
CA GLY B 54 6.16 17.92 -0.77
C GLY B 54 6.25 16.39 -0.53
N PHE B 55 5.92 15.90 0.67
CA PHE B 55 6.03 14.47 0.99
C PHE B 55 4.91 14.06 1.97
N CYS B 56 4.65 12.77 2.19
CA CYS B 56 3.65 12.34 3.18
C CYS B 56 4.10 11.01 3.82
N PRO B 57 4.07 10.88 5.17
CA PRO B 57 4.59 9.69 5.85
C PRO B 57 3.66 8.48 5.58
N TYR B 58 2.45 8.67 5.02
CA TYR B 58 1.56 7.54 4.71
C TYR B 58 1.87 7.01 3.29
N GLY B 59 2.59 7.76 2.44
CA GLY B 59 3.02 7.25 1.13
C GLY B 59 1.80 6.83 0.30
N PRO B 60 1.86 5.73 -0.48
CA PRO B 60 0.75 5.31 -1.34
C PRO B 60 -0.43 4.82 -0.50
N ARG B 61 -0.26 4.56 0.82
CA ARG B 61 -1.37 4.10 1.69
C ARG B 61 -2.19 5.32 2.17
N CYS B 62 -1.84 6.57 1.80
CA CYS B 62 -2.57 7.75 2.25
C CYS B 62 -3.98 7.76 1.62
N HIS B 63 -5.02 8.22 2.32
CA HIS B 63 -6.38 8.24 1.78
C HIS B 63 -6.65 9.58 1.07
N PHE B 64 -5.68 10.50 0.95
CA PHE B 64 -5.92 11.83 0.38
C PHE B 64 -5.10 12.01 -0.93
N ILE B 65 -5.48 12.92 -1.84
CA ILE B 65 -4.84 13.03 -3.18
C ILE B 65 -3.40 13.54 -3.02
N HIS B 66 -2.39 12.79 -3.48
CA HIS B 66 -1.01 13.29 -3.54
C HIS B 66 -0.77 13.97 -4.90
N ASN B 67 -0.22 13.28 -5.90
CA ASN B 67 -0.04 13.85 -7.25
C ASN B 67 -1.24 13.45 -8.14
N ALA B 68 -1.87 14.39 -8.86
CA ALA B 68 -3.01 14.07 -9.74
C ALA B 68 -2.49 13.35 -11.03
N ASP B 69 -1.18 13.29 -11.29
CA ASP B 69 -0.63 12.57 -12.45
C ASP B 69 0.04 11.27 -11.99
N GLU B 70 -0.17 10.13 -12.68
CA GLU B 70 0.47 8.86 -12.30
C GLU B 70 1.95 8.88 -12.68
N SER B 1 -6.11 -10.45 10.10
CA SER B 1 -6.01 -9.03 9.69
C SER B 1 -6.70 -8.83 8.35
N THR B 2 -7.47 -7.75 8.15
CA THR B 2 -8.11 -7.46 6.84
C THR B 2 -7.03 -7.08 5.82
N ARG B 3 -5.81 -6.69 6.23
CA ARG B 3 -4.73 -6.32 5.28
C ARG B 3 -3.94 -7.58 4.89
N TYR B 4 -4.34 -8.80 5.31
CA TYR B 4 -3.56 -10.02 5.04
C TYR B 4 -3.31 -10.16 3.53
N LYS B 5 -2.05 -10.26 3.07
CA LYS B 5 -1.72 -10.46 1.62
C LYS B 5 -2.44 -9.39 0.76
N THR B 6 -2.63 -8.16 1.24
CA THR B 6 -3.15 -7.05 0.39
C THR B 6 -1.97 -6.31 -0.24
N GLU B 7 -0.73 -6.50 0.25
CA GLU B 7 0.45 -5.81 -0.30
C GLU B 7 1.53 -6.83 -0.66
N LEU B 8 2.35 -6.59 -1.69
CA LEU B 8 3.35 -7.59 -2.13
C LEU B 8 4.41 -7.78 -1.04
N CYS B 9 4.93 -9.00 -0.85
CA CYS B 9 6.09 -9.22 0.01
C CYS B 9 7.36 -8.86 -0.75
N ARG B 10 7.90 -7.64 -0.60
CA ARG B 10 9.01 -7.16 -1.44
C ARG B 10 10.30 -7.96 -1.14
N PRO B 11 10.61 -8.35 0.13
CA PRO B 11 11.80 -9.17 0.44
C PRO B 11 11.78 -10.46 -0.40
N PHE B 12 10.62 -11.10 -0.62
CA PHE B 12 10.53 -12.31 -1.45
C PHE B 12 10.76 -11.94 -2.93
N GLU B 13 10.22 -10.82 -3.44
CA GLU B 13 10.43 -10.44 -4.86
C GLU B 13 11.92 -10.06 -5.09
N GLU B 14 12.62 -9.52 -4.08
CA GLU B 14 13.99 -9.01 -4.25
C GLU B 14 15.01 -10.15 -4.16
N SER B 15 14.90 -11.06 -3.18
CA SER B 15 15.96 -12.07 -2.92
C SER B 15 15.40 -13.50 -3.14
N GLY B 16 14.08 -13.68 -3.36
CA GLY B 16 13.53 -15.02 -3.65
C GLY B 16 13.35 -15.80 -2.35
N THR B 17 13.54 -15.21 -1.16
CA THR B 17 13.42 -15.93 0.12
C THR B 17 12.65 -15.08 1.14
N CYS B 18 11.96 -15.68 2.11
CA CYS B 18 11.27 -14.91 3.15
C CYS B 18 11.34 -15.68 4.49
N LYS B 19 11.87 -15.09 5.57
CA LYS B 19 12.07 -15.81 6.85
C LYS B 19 10.71 -16.14 7.48
N TYR B 20 9.61 -15.50 7.09
CA TYR B 20 8.29 -15.78 7.67
C TYR B 20 7.63 -16.97 6.94
N GLY B 21 8.08 -17.35 5.73
CA GLY B 21 7.59 -18.57 5.06
C GLY B 21 6.05 -18.50 4.91
N GLU B 22 5.31 -19.57 5.22
CA GLU B 22 3.84 -19.60 5.02
C GLU B 22 3.14 -18.72 6.08
N LYS B 23 3.85 -18.21 7.10
CA LYS B 23 3.25 -17.31 8.11
C LYS B 23 3.46 -15.84 7.70
N CYS B 24 4.10 -15.55 6.54
CA CYS B 24 4.26 -14.18 6.06
C CYS B 24 2.87 -13.56 5.80
N GLN B 25 2.54 -12.40 6.38
CA GLN B 25 1.22 -11.78 6.19
C GLN B 25 1.21 -10.97 4.88
N PHE B 26 2.21 -11.08 3.99
CA PHE B 26 2.25 -10.30 2.73
C PHE B 26 2.20 -11.25 1.53
N ALA B 27 1.82 -10.79 0.33
CA ALA B 27 1.61 -11.68 -0.81
C ALA B 27 2.95 -12.12 -1.41
N HIS B 28 3.30 -13.41 -1.41
CA HIS B 28 4.49 -13.91 -2.11
C HIS B 28 4.20 -14.02 -3.62
N GLY B 29 2.94 -14.20 -4.04
CA GLY B 29 2.59 -14.23 -5.47
C GLY B 29 1.42 -13.28 -5.74
N PHE B 30 1.32 -12.66 -6.93
CA PHE B 30 0.17 -11.79 -7.27
C PHE B 30 -1.13 -12.61 -7.26
N HIS B 31 -1.08 -13.94 -7.38
CA HIS B 31 -2.29 -14.79 -7.34
C HIS B 31 -2.91 -14.73 -5.92
N GLU B 32 -2.21 -14.23 -4.89
CA GLU B 32 -2.74 -14.23 -3.51
C GLU B 32 -3.24 -12.82 -3.15
N LEU B 33 -2.98 -11.77 -3.97
CA LEU B 33 -3.33 -10.38 -3.61
C LEU B 33 -4.85 -10.28 -3.36
N ARG B 34 -5.29 -9.71 -2.24
CA ARG B 34 -6.73 -9.54 -1.95
C ARG B 34 -7.13 -8.07 -2.17
N SER B 35 -8.34 -7.78 -2.66
CA SER B 35 -8.76 -6.38 -2.96
C SER B 35 -8.91 -5.59 -1.64
N LEU B 36 -8.59 -4.29 -1.61
CA LEU B 36 -8.79 -3.47 -0.40
C LEU B 36 -10.11 -2.68 -0.54
N THR B 37 -11.00 -2.68 0.47
CA THR B 37 -12.23 -1.87 0.44
C THR B 37 -11.85 -0.37 0.54
N ARG B 38 -12.04 0.44 -0.53
CA ARG B 38 -11.59 1.85 -0.54
C ARG B 38 -12.56 2.71 0.28
N HIS B 39 -12.07 3.63 1.13
CA HIS B 39 -12.94 4.53 1.91
C HIS B 39 -13.88 5.32 0.96
N PRO B 40 -15.13 5.65 1.37
CA PRO B 40 -16.09 6.34 0.48
C PRO B 40 -15.53 7.74 0.09
N LYS B 41 -14.64 8.36 0.88
CA LYS B 41 -14.03 9.66 0.52
C LYS B 41 -12.55 9.44 0.10
N TYR B 42 -12.12 8.22 -0.23
CA TYR B 42 -10.73 7.94 -0.64
C TYR B 42 -10.30 8.92 -1.77
N LYS B 43 -9.22 9.73 -1.56
CA LYS B 43 -8.67 10.65 -2.59
C LYS B 43 -9.79 11.58 -3.13
N THR B 44 -10.55 12.27 -2.28
CA THR B 44 -11.55 13.28 -2.73
C THR B 44 -11.06 14.71 -2.37
N GLU B 45 -10.16 14.88 -1.39
CA GLU B 45 -9.66 16.22 -1.01
C GLU B 45 -8.12 16.26 -1.11
N LEU B 46 -7.51 17.44 -1.31
CA LEU B 46 -6.04 17.54 -1.46
C LEU B 46 -5.35 17.22 -0.13
N CYS B 47 -4.29 16.41 -0.12
CA CYS B 47 -3.54 16.13 1.10
C CYS B 47 -2.79 17.38 1.56
N ARG B 48 -3.10 17.94 2.73
CA ARG B 48 -2.46 19.18 3.22
C ARG B 48 -0.94 18.98 3.28
N THR B 49 -0.43 17.93 3.93
CA THR B 49 1.03 17.70 4.03
C THR B 49 1.66 17.64 2.63
N PHE B 50 1.10 16.89 1.67
CA PHE B 50 1.70 16.80 0.32
C PHE B 50 1.65 18.19 -0.38
N HIS B 51 0.56 18.96 -0.26
CA HIS B 51 0.40 20.24 -1.00
C HIS B 51 0.97 21.42 -0.16
N THR B 52 1.44 21.21 1.08
CA THR B 52 2.02 22.32 1.90
C THR B 52 3.52 22.07 2.13
N ILE B 53 3.99 20.83 2.31
CA ILE B 53 5.42 20.53 2.52
C ILE B 53 6.02 19.91 1.24
N GLY B 54 5.21 19.55 0.23
CA GLY B 54 5.71 18.86 -0.97
C GLY B 54 6.02 17.38 -0.63
N PHE B 55 5.56 16.86 0.51
CA PHE B 55 5.87 15.47 0.91
C PHE B 55 4.81 14.97 1.90
N CYS B 56 4.67 13.66 2.13
CA CYS B 56 3.70 13.12 3.08
C CYS B 56 4.24 11.81 3.69
N PRO B 57 4.27 11.65 5.03
CA PRO B 57 4.86 10.47 5.66
C PRO B 57 3.95 9.24 5.45
N TYR B 58 2.72 9.41 4.93
CA TYR B 58 1.83 8.26 4.66
C TYR B 58 2.12 7.70 3.24
N GLY B 59 2.81 8.45 2.36
CA GLY B 59 3.23 7.93 1.04
C GLY B 59 1.99 7.50 0.22
N PRO B 60 2.08 6.46 -0.63
CA PRO B 60 0.96 6.03 -1.48
C PRO B 60 -0.18 5.44 -0.60
N ARG B 61 0.08 5.10 0.68
CA ARG B 61 -0.98 4.56 1.58
C ARG B 61 -1.81 5.73 2.16
N CYS B 62 -1.56 6.99 1.77
CA CYS B 62 -2.34 8.12 2.29
C CYS B 62 -3.78 8.07 1.73
N HIS B 63 -4.78 8.56 2.46
CA HIS B 63 -6.19 8.52 1.99
C HIS B 63 -6.54 9.84 1.25
N PHE B 64 -5.61 10.80 1.14
CA PHE B 64 -5.91 12.13 0.57
C PHE B 64 -5.15 12.33 -0.76
N ILE B 65 -5.58 13.23 -1.66
CA ILE B 65 -5.01 13.33 -3.03
C ILE B 65 -3.58 13.89 -2.96
N HIS B 66 -2.57 13.16 -3.40
CA HIS B 66 -1.21 13.71 -3.54
C HIS B 66 -1.06 14.38 -4.93
N ASN B 67 -0.50 13.71 -5.94
CA ASN B 67 -0.33 14.31 -7.26
C ASN B 67 -1.51 13.90 -8.17
N ALA B 68 -2.15 14.84 -8.88
CA ALA B 68 -3.36 14.53 -9.68
C ALA B 68 -2.94 13.82 -11.02
N ASP B 69 -1.63 13.76 -11.36
CA ASP B 69 -1.19 13.09 -12.59
C ASP B 69 -0.46 11.77 -12.24
N GLU B 70 -0.69 10.66 -12.94
CA GLU B 70 -0.02 9.39 -12.64
C GLU B 70 1.43 9.45 -13.13
N SER B 1 -6.32 -9.86 9.55
CA SER B 1 -6.45 -8.39 9.50
C SER B 1 -7.01 -7.96 8.14
N THR B 2 -7.61 -6.77 8.01
CA THR B 2 -8.17 -6.31 6.70
C THR B 2 -7.03 -6.04 5.71
N ARG B 3 -5.80 -5.73 6.16
CA ARG B 3 -4.66 -5.45 5.26
C ARG B 3 -3.91 -6.77 4.93
N TYR B 4 -4.47 -7.95 5.21
CA TYR B 4 -3.75 -9.22 5.00
C TYR B 4 -3.51 -9.42 3.48
N LYS B 5 -2.24 -9.53 3.03
CA LYS B 5 -1.92 -9.74 1.58
C LYS B 5 -2.58 -8.63 0.72
N THR B 6 -2.71 -7.40 1.20
CA THR B 6 -3.17 -6.26 0.35
C THR B 6 -1.96 -5.53 -0.25
N GLU B 7 -0.72 -5.83 0.17
CA GLU B 7 0.48 -5.15 -0.37
C GLU B 7 1.55 -6.20 -0.75
N LEU B 8 2.40 -5.95 -1.76
CA LEU B 8 3.40 -6.93 -2.21
C LEU B 8 4.47 -7.14 -1.12
N CYS B 9 4.99 -8.36 -0.94
CA CYS B 9 6.16 -8.59 -0.09
C CYS B 9 7.43 -8.21 -0.85
N ARG B 10 8.03 -7.03 -0.63
CA ARG B 10 9.16 -6.55 -1.46
C ARG B 10 10.41 -7.43 -1.19
N PRO B 11 10.70 -7.85 0.07
CA PRO B 11 11.86 -8.73 0.35
C PRO B 11 11.79 -9.98 -0.54
N PHE B 12 10.61 -10.58 -0.76
CA PHE B 12 10.49 -11.77 -1.61
C PHE B 12 10.72 -11.38 -3.09
N GLU B 13 10.22 -10.24 -3.57
CA GLU B 13 10.46 -9.80 -4.96
C GLU B 13 11.96 -9.50 -5.17
N GLU B 14 12.70 -9.03 -4.15
CA GLU B 14 14.10 -8.59 -4.34
C GLU B 14 15.05 -9.80 -4.19
N SER B 15 14.85 -10.70 -3.21
CA SER B 15 15.85 -11.76 -2.91
C SER B 15 15.23 -13.16 -3.12
N GLY B 16 13.92 -13.28 -3.39
CA GLY B 16 13.29 -14.59 -3.67
C GLY B 16 13.12 -15.39 -2.36
N THR B 17 13.34 -14.80 -1.18
CA THR B 17 13.21 -15.53 0.10
C THR B 17 12.48 -14.66 1.12
N CYS B 18 11.79 -15.24 2.12
CA CYS B 18 11.12 -14.46 3.16
C CYS B 18 11.20 -15.22 4.49
N LYS B 19 11.74 -14.62 5.57
CA LYS B 19 11.90 -15.33 6.87
C LYS B 19 10.54 -15.60 7.51
N TYR B 20 9.46 -14.94 7.09
CA TYR B 20 8.13 -15.16 7.67
C TYR B 20 7.45 -16.37 6.98
N GLY B 21 7.88 -16.77 5.77
CA GLY B 21 7.38 -18.00 5.13
C GLY B 21 5.86 -17.92 4.95
N GLU B 22 5.10 -18.99 5.23
CA GLU B 22 3.63 -19.00 5.02
C GLU B 22 2.94 -18.10 6.06
N LYS B 23 3.65 -17.58 7.07
CA LYS B 23 3.05 -16.65 8.07
C LYS B 23 3.28 -15.20 7.62
N CYS B 24 3.92 -14.94 6.47
CA CYS B 24 4.13 -13.57 5.99
C CYS B 24 2.78 -12.93 5.65
N GLN B 25 2.43 -11.77 6.21
CA GLN B 25 1.14 -11.15 5.99
C GLN B 25 1.15 -10.36 4.66
N PHE B 26 2.21 -10.46 3.82
CA PHE B 26 2.30 -9.67 2.57
C PHE B 26 2.32 -10.62 1.36
N ALA B 27 1.98 -10.17 0.15
CA ALA B 27 1.77 -11.05 -1.00
C ALA B 27 3.13 -11.51 -1.57
N HIS B 28 3.45 -12.82 -1.55
CA HIS B 28 4.63 -13.34 -2.28
C HIS B 28 4.29 -13.48 -3.77
N GLY B 29 3.02 -13.66 -4.17
CA GLY B 29 2.63 -13.67 -5.59
C GLY B 29 1.34 -12.85 -5.79
N PHE B 30 1.07 -12.32 -6.98
CA PHE B 30 -0.15 -11.52 -7.23
C PHE B 30 -1.40 -12.40 -7.04
N HIS B 31 -1.30 -13.74 -7.13
CA HIS B 31 -2.44 -14.65 -6.89
C HIS B 31 -2.90 -14.52 -5.41
N GLU B 32 -2.08 -14.02 -4.49
CA GLU B 32 -2.45 -13.93 -3.06
C GLU B 32 -3.16 -12.58 -2.78
N LEU B 33 -3.11 -11.60 -3.70
CA LEU B 33 -3.62 -10.25 -3.41
C LEU B 33 -5.15 -10.28 -3.24
N ARG B 34 -5.70 -9.78 -2.13
CA ARG B 34 -7.17 -9.62 -1.98
C ARG B 34 -7.56 -8.18 -2.34
N SER B 35 -8.73 -7.94 -2.94
CA SER B 35 -9.15 -6.58 -3.33
C SER B 35 -9.34 -5.70 -2.08
N LEU B 36 -8.91 -4.42 -2.10
CA LEU B 36 -9.13 -3.51 -0.96
C LEU B 36 -10.52 -2.85 -1.08
N THR B 37 -11.38 -2.92 -0.06
CA THR B 37 -12.67 -2.22 -0.09
C THR B 37 -12.44 -0.70 0.08
N ARG B 38 -12.57 0.10 -0.99
CA ARG B 38 -12.27 1.55 -0.92
C ARG B 38 -13.43 2.29 -0.23
N HIS B 39 -13.18 3.11 0.78
CA HIS B 39 -14.24 3.91 1.42
C HIS B 39 -14.70 5.02 0.46
N PRO B 40 -16.00 5.44 0.49
CA PRO B 40 -16.50 6.45 -0.45
C PRO B 40 -15.66 7.76 -0.37
N LYS B 41 -15.08 8.13 0.80
CA LYS B 41 -14.31 9.39 0.93
C LYS B 41 -12.82 9.13 0.60
N TYR B 42 -12.40 7.90 0.31
CA TYR B 42 -10.98 7.57 0.09
C TYR B 42 -10.38 8.46 -1.02
N LYS B 43 -9.30 9.22 -0.75
CA LYS B 43 -8.65 10.11 -1.75
C LYS B 43 -9.71 10.98 -2.46
N THR B 44 -10.52 11.74 -1.73
CA THR B 44 -11.41 12.76 -2.34
C THR B 44 -10.90 14.17 -2.00
N GLU B 45 -10.05 14.33 -0.96
CA GLU B 45 -9.49 15.65 -0.60
C GLU B 45 -7.96 15.66 -0.87
N LEU B 46 -7.36 16.80 -1.24
CA LEU B 46 -5.91 16.89 -1.46
C LEU B 46 -5.16 16.64 -0.14
N CYS B 47 -4.07 15.87 -0.12
CA CYS B 47 -3.27 15.67 1.08
C CYS B 47 -2.56 16.97 1.47
N ARG B 48 -2.91 17.59 2.58
CA ARG B 48 -2.25 18.83 3.05
C ARG B 48 -0.75 18.61 3.18
N THR B 49 -0.29 17.55 3.86
CA THR B 49 1.16 17.31 4.04
C THR B 49 1.86 17.19 2.68
N PHE B 50 1.35 16.41 1.72
CA PHE B 50 2.03 16.26 0.41
C PHE B 50 1.99 17.60 -0.37
N HIS B 51 0.90 18.36 -0.31
CA HIS B 51 0.80 19.63 -1.09
C HIS B 51 1.44 20.81 -0.28
N THR B 52 1.91 20.61 0.96
CA THR B 52 2.55 21.71 1.76
C THR B 52 4.03 21.42 2.00
N ILE B 53 4.45 20.17 2.22
CA ILE B 53 5.88 19.82 2.41
C ILE B 53 6.45 19.23 1.11
N GLY B 54 5.63 18.88 0.11
CA GLY B 54 6.11 18.18 -1.10
C GLY B 54 6.36 16.70 -0.77
N PHE B 55 5.96 16.20 0.40
CA PHE B 55 6.23 14.81 0.81
C PHE B 55 5.17 14.36 1.83
N CYS B 56 5.01 13.05 2.09
CA CYS B 56 4.05 12.56 3.09
C CYS B 56 4.59 11.26 3.72
N PRO B 57 4.65 11.14 5.06
CA PRO B 57 5.22 9.97 5.72
C PRO B 57 4.29 8.75 5.54
N TYR B 58 3.04 8.92 5.08
CA TYR B 58 2.13 7.80 4.85
C TYR B 58 2.41 7.19 3.46
N GLY B 59 3.09 7.89 2.55
CA GLY B 59 3.48 7.32 1.24
C GLY B 59 2.22 6.97 0.42
N PRO B 60 2.24 5.94 -0.44
CA PRO B 60 1.09 5.60 -1.28
C PRO B 60 -0.06 5.05 -0.40
N ARG B 61 0.17 4.72 0.89
CA ARG B 61 -0.91 4.22 1.78
C ARG B 61 -1.69 5.42 2.37
N CYS B 62 -1.38 6.67 2.00
CA CYS B 62 -2.10 7.85 2.53
C CYS B 62 -3.56 7.82 2.03
N HIS B 63 -4.55 8.20 2.84
CA HIS B 63 -5.95 8.17 2.44
C HIS B 63 -6.33 9.48 1.72
N PHE B 64 -5.37 10.37 1.39
CA PHE B 64 -5.68 11.66 0.76
C PHE B 64 -4.97 11.75 -0.62
N ILE B 65 -5.42 12.61 -1.55
CA ILE B 65 -4.86 12.66 -2.93
C ILE B 65 -3.44 13.24 -2.89
N HIS B 66 -2.42 12.51 -3.37
CA HIS B 66 -1.06 13.07 -3.49
C HIS B 66 -0.88 13.70 -4.89
N ASN B 67 -0.35 12.98 -5.88
CA ASN B 67 -0.21 13.51 -7.25
C ASN B 67 -1.41 13.07 -8.10
N ALA B 68 -2.01 13.95 -8.91
CA ALA B 68 -3.08 13.56 -9.83
C ALA B 68 -2.50 12.65 -10.96
N ASP B 69 -3.34 11.96 -11.76
CA ASP B 69 -2.84 11.06 -12.82
C ASP B 69 -3.24 11.63 -14.20
N GLU B 70 -2.34 11.65 -15.19
CA GLU B 70 -2.67 12.16 -16.54
C GLU B 70 -3.53 11.13 -17.28
N SER B 1 -9.87 -3.32 7.55
CA SER B 1 -9.72 -4.57 8.35
C SER B 1 -9.30 -5.72 7.43
N THR B 2 -9.01 -6.93 7.97
CA THR B 2 -8.59 -8.11 7.13
C THR B 2 -7.53 -7.67 6.09
N ARG B 3 -6.39 -7.09 6.51
CA ARG B 3 -5.33 -6.66 5.55
C ARG B 3 -4.43 -7.86 5.17
N TYR B 4 -4.78 -9.10 5.52
CA TYR B 4 -3.90 -10.27 5.28
C TYR B 4 -3.60 -10.38 3.76
N LYS B 5 -2.31 -10.39 3.35
CA LYS B 5 -1.92 -10.56 1.91
C LYS B 5 -2.67 -9.53 1.02
N THR B 6 -2.99 -8.33 1.51
CA THR B 6 -3.54 -7.25 0.65
C THR B 6 -2.39 -6.40 0.08
N GLU B 7 -1.15 -6.57 0.54
CA GLU B 7 0.00 -5.78 0.04
C GLU B 7 1.14 -6.74 -0.36
N LEU B 8 1.94 -6.41 -1.38
CA LEU B 8 3.03 -7.29 -1.84
C LEU B 8 4.07 -7.47 -0.73
N CYS B 9 4.63 -8.67 -0.54
CA CYS B 9 5.76 -8.86 0.35
C CYS B 9 7.03 -8.31 -0.34
N ARG B 10 7.49 -7.09 -0.01
CA ARG B 10 8.55 -6.44 -0.78
C ARG B 10 9.89 -7.19 -0.59
N PRO B 11 10.23 -7.70 0.63
CA PRO B 11 11.46 -8.49 0.83
C PRO B 11 11.46 -9.70 -0.14
N PHE B 12 10.32 -10.38 -0.36
CA PHE B 12 10.26 -11.53 -1.29
C PHE B 12 10.39 -11.01 -2.74
N GLU B 13 9.74 -9.91 -3.12
CA GLU B 13 9.85 -9.37 -4.50
C GLU B 13 11.31 -8.89 -4.76
N GLU B 14 12.05 -8.44 -3.74
CA GLU B 14 13.41 -7.87 -3.94
C GLU B 14 14.45 -9.01 -3.95
N SER B 15 14.40 -9.98 -3.02
CA SER B 15 15.50 -10.98 -2.84
C SER B 15 14.99 -12.40 -3.12
N GLY B 16 13.68 -12.62 -3.34
CA GLY B 16 13.17 -13.96 -3.69
C GLY B 16 13.09 -14.85 -2.44
N THR B 17 13.29 -14.32 -1.22
CA THR B 17 13.26 -15.13 0.01
C THR B 17 12.47 -14.40 1.10
N CYS B 18 11.84 -15.09 2.05
CA CYS B 18 11.13 -14.43 3.16
C CYS B 18 11.28 -15.27 4.44
N LYS B 19 11.77 -14.69 5.55
CA LYS B 19 12.00 -15.44 6.81
C LYS B 19 10.66 -15.89 7.41
N TYR B 20 9.52 -15.32 7.01
CA TYR B 20 8.21 -15.70 7.57
C TYR B 20 7.66 -16.93 6.80
N GLY B 21 8.14 -17.22 5.58
CA GLY B 21 7.77 -18.46 4.86
C GLY B 21 6.25 -18.51 4.65
N GLU B 22 5.59 -19.67 4.79
CA GLU B 22 4.15 -19.81 4.50
C GLU B 22 3.32 -19.03 5.54
N LYS B 23 3.92 -18.51 6.63
CA LYS B 23 3.17 -17.76 7.66
C LYS B 23 3.33 -16.24 7.43
N CYS B 24 3.94 -15.79 6.33
CA CYS B 24 4.07 -14.36 6.03
C CYS B 24 2.67 -13.75 5.83
N GLN B 25 2.33 -12.64 6.49
CA GLN B 25 1.01 -12.02 6.35
C GLN B 25 0.96 -11.17 5.06
N PHE B 26 1.98 -11.21 4.19
CA PHE B 26 2.01 -10.36 2.98
C PHE B 26 2.07 -11.25 1.71
N ALA B 27 1.72 -10.73 0.53
CA ALA B 27 1.56 -11.57 -0.67
C ALA B 27 2.95 -11.92 -1.27
N HIS B 28 3.31 -13.21 -1.38
CA HIS B 28 4.53 -13.61 -2.12
C HIS B 28 4.20 -13.72 -3.62
N GLY B 29 2.94 -13.95 -4.02
CA GLY B 29 2.55 -13.95 -5.44
C GLY B 29 1.34 -13.03 -5.64
N PHE B 30 1.17 -12.39 -6.81
CA PHE B 30 -0.03 -11.58 -7.10
C PHE B 30 -1.28 -12.50 -7.12
N HIS B 31 -1.12 -13.82 -7.29
CA HIS B 31 -2.25 -14.76 -7.19
C HIS B 31 -2.83 -14.75 -5.75
N GLU B 32 -2.11 -14.23 -4.73
CA GLU B 32 -2.60 -14.24 -3.34
C GLU B 32 -3.10 -12.84 -2.95
N LEU B 33 -2.86 -11.78 -3.75
CA LEU B 33 -3.27 -10.42 -3.39
C LEU B 33 -4.78 -10.35 -3.20
N ARG B 34 -5.29 -9.89 -2.06
CA ARG B 34 -6.75 -9.74 -1.84
C ARG B 34 -7.14 -8.27 -1.99
N SER B 35 -8.34 -7.95 -2.51
CA SER B 35 -8.75 -6.55 -2.76
C SER B 35 -8.96 -5.82 -1.42
N LEU B 36 -8.78 -4.49 -1.35
CA LEU B 36 -9.05 -3.71 -0.12
C LEU B 36 -10.36 -2.92 -0.29
N THR B 37 -11.26 -2.90 0.69
CA THR B 37 -12.48 -2.06 0.63
C THR B 37 -12.08 -0.58 0.77
N ARG B 38 -12.09 0.22 -0.30
CA ARG B 38 -11.56 1.60 -0.26
C ARG B 38 -12.56 2.51 0.47
N HIS B 39 -12.09 3.51 1.23
CA HIS B 39 -12.99 4.44 1.94
C HIS B 39 -13.92 5.15 0.92
N PRO B 40 -15.19 5.45 1.26
CA PRO B 40 -16.12 6.10 0.32
C PRO B 40 -15.59 7.50 -0.10
N LYS B 41 -14.71 8.14 0.68
CA LYS B 41 -14.11 9.44 0.30
C LYS B 41 -12.63 9.24 -0.12
N TYR B 42 -12.22 8.04 -0.54
CA TYR B 42 -10.81 7.78 -0.92
C TYR B 42 -10.36 8.77 -2.03
N LYS B 43 -9.19 9.44 -1.87
CA LYS B 43 -8.68 10.46 -2.84
C LYS B 43 -9.82 11.43 -3.26
N THR B 44 -10.47 12.12 -2.33
CA THR B 44 -11.44 13.20 -2.68
C THR B 44 -10.92 14.56 -2.18
N GLU B 45 -9.99 14.62 -1.22
CA GLU B 45 -9.48 15.90 -0.69
C GLU B 45 -7.95 15.96 -0.87
N LEU B 46 -7.35 17.16 -1.06
CA LEU B 46 -5.90 17.28 -1.23
C LEU B 46 -5.18 16.88 0.07
N CYS B 47 -4.10 16.10 0.01
CA CYS B 47 -3.33 15.75 1.20
C CYS B 47 -2.61 16.99 1.73
N ARG B 48 -2.92 17.46 2.94
CA ARG B 48 -2.31 18.69 3.50
C ARG B 48 -0.79 18.54 3.55
N THR B 49 -0.23 17.45 4.10
CA THR B 49 1.24 17.30 4.20
C THR B 49 1.88 17.36 2.80
N PHE B 50 1.37 16.64 1.79
CA PHE B 50 1.97 16.65 0.44
C PHE B 50 1.81 18.05 -0.21
N HIS B 51 0.67 18.72 -0.06
CA HIS B 51 0.46 20.06 -0.68
C HIS B 51 1.12 21.17 0.21
N THR B 52 1.71 20.84 1.37
CA THR B 52 2.42 21.85 2.21
C THR B 52 3.93 21.56 2.21
N ILE B 53 4.39 20.42 2.72
CA ILE B 53 5.84 20.11 2.77
C ILE B 53 6.34 19.69 1.37
N GLY B 54 5.45 19.38 0.41
CA GLY B 54 5.87 18.83 -0.90
C GLY B 54 6.12 17.32 -0.77
N PHE B 55 5.88 16.70 0.40
CA PHE B 55 6.14 15.27 0.60
C PHE B 55 5.10 14.69 1.59
N CYS B 56 4.93 13.37 1.67
CA CYS B 56 4.01 12.76 2.63
C CYS B 56 4.64 11.46 3.19
N PRO B 57 4.70 11.24 4.52
CA PRO B 57 5.35 10.08 5.11
C PRO B 57 4.51 8.81 4.84
N TYR B 58 3.25 8.93 4.36
CA TYR B 58 2.44 7.75 4.01
C TYR B 58 2.73 7.32 2.56
N GLY B 59 3.35 8.17 1.72
CA GLY B 59 3.77 7.78 0.37
C GLY B 59 2.55 7.28 -0.44
N PRO B 60 2.66 6.19 -1.22
CA PRO B 60 1.56 5.72 -2.07
C PRO B 60 0.45 5.09 -1.19
N ARG B 61 0.68 4.83 0.10
CA ARG B 61 -0.36 4.23 0.98
C ARG B 61 -1.26 5.35 1.56
N CYS B 62 -1.04 6.63 1.22
CA CYS B 62 -1.87 7.72 1.74
C CYS B 62 -3.29 7.65 1.15
N HIS B 63 -4.34 8.07 1.87
CA HIS B 63 -5.72 8.00 1.37
C HIS B 63 -6.11 9.34 0.71
N PHE B 64 -5.25 10.37 0.72
CA PHE B 64 -5.64 11.72 0.26
C PHE B 64 -4.93 12.06 -1.09
N ILE B 65 -5.45 13.00 -1.89
CA ILE B 65 -4.90 13.25 -3.25
C ILE B 65 -3.50 13.87 -3.14
N HIS B 66 -2.46 13.24 -3.68
CA HIS B 66 -1.12 13.84 -3.76
C HIS B 66 -0.97 14.64 -5.07
N ASN B 67 -0.43 14.05 -6.15
CA ASN B 67 -0.34 14.74 -7.45
C ASN B 67 -1.54 14.33 -8.33
N ALA B 68 -2.25 15.28 -8.95
CA ALA B 68 -3.40 14.95 -9.82
C ALA B 68 -2.88 14.37 -11.17
N ASP B 69 -1.57 14.43 -11.47
CA ASP B 69 -1.02 13.84 -12.71
C ASP B 69 -0.22 12.56 -12.35
N GLU B 70 -0.36 11.46 -13.11
CA GLU B 70 0.40 10.23 -12.83
C GLU B 70 1.86 10.40 -13.26
N SER B 1 -6.08 -8.34 11.71
CA SER B 1 -6.04 -7.02 11.03
C SER B 1 -6.62 -7.15 9.63
N THR B 2 -7.34 -6.14 9.11
CA THR B 2 -7.88 -6.17 7.73
C THR B 2 -6.74 -5.98 6.72
N ARG B 3 -5.56 -5.47 7.14
CA ARG B 3 -4.41 -5.27 6.21
C ARG B 3 -3.66 -6.60 6.03
N TYR B 4 -4.33 -7.75 5.87
CA TYR B 4 -3.64 -9.03 5.68
C TYR B 4 -3.35 -9.24 4.18
N LYS B 5 -2.06 -9.36 3.77
CA LYS B 5 -1.69 -9.54 2.34
C LYS B 5 -2.34 -8.43 1.47
N THR B 6 -2.55 -7.21 1.99
CA THR B 6 -3.03 -6.08 1.17
C THR B 6 -1.83 -5.30 0.62
N GLU B 7 -0.58 -5.64 0.97
CA GLU B 7 0.61 -4.93 0.47
C GLU B 7 1.66 -5.96 -0.03
N LEU B 8 2.49 -5.62 -1.03
CA LEU B 8 3.49 -6.56 -1.57
C LEU B 8 4.52 -6.91 -0.49
N CYS B 9 5.02 -8.16 -0.44
CA CYS B 9 6.14 -8.51 0.41
C CYS B 9 7.44 -7.98 -0.23
N ARG B 10 7.97 -6.84 0.19
CA ARG B 10 9.08 -6.18 -0.52
C ARG B 10 10.36 -7.07 -0.46
N PRO B 11 10.73 -7.68 0.69
CA PRO B 11 11.93 -8.52 0.77
C PRO B 11 11.80 -9.72 -0.21
N PHE B 12 10.61 -10.29 -0.41
CA PHE B 12 10.43 -11.39 -1.39
C PHE B 12 10.54 -10.82 -2.82
N GLU B 13 9.97 -9.66 -3.13
CA GLU B 13 10.09 -9.06 -4.48
C GLU B 13 11.56 -8.68 -4.76
N GLU B 14 12.37 -8.32 -3.74
CA GLU B 14 13.76 -7.87 -3.97
C GLU B 14 14.70 -9.08 -4.09
N SER B 15 14.61 -10.11 -3.22
CA SER B 15 15.63 -11.19 -3.17
C SER B 15 14.98 -12.56 -3.50
N GLY B 16 13.66 -12.64 -3.71
CA GLY B 16 13.02 -13.91 -4.14
C GLY B 16 12.91 -14.88 -2.93
N THR B 17 13.21 -14.44 -1.69
CA THR B 17 13.14 -15.34 -0.52
C THR B 17 12.48 -14.60 0.64
N CYS B 18 11.80 -15.29 1.58
CA CYS B 18 11.20 -14.65 2.75
C CYS B 18 11.30 -15.59 3.97
N LYS B 19 11.91 -15.17 5.08
CA LYS B 19 12.10 -16.05 6.27
C LYS B 19 10.74 -16.36 6.91
N TYR B 20 9.68 -15.59 6.65
CA TYR B 20 8.37 -15.84 7.26
C TYR B 20 7.64 -16.97 6.48
N GLY B 21 8.01 -17.25 5.22
CA GLY B 21 7.47 -18.43 4.49
C GLY B 21 5.94 -18.33 4.38
N GLU B 22 5.20 -19.42 4.54
CA GLU B 22 3.72 -19.41 4.37
C GLU B 22 3.07 -18.63 5.53
N LYS B 23 3.81 -18.23 6.58
CA LYS B 23 3.25 -17.42 7.67
C LYS B 23 3.49 -15.92 7.40
N CYS B 24 4.08 -15.54 6.25
CA CYS B 24 4.29 -14.13 5.94
C CYS B 24 2.94 -13.43 5.73
N GLN B 25 2.67 -12.32 6.40
CA GLN B 25 1.38 -11.65 6.31
C GLN B 25 1.34 -10.72 5.07
N PHE B 26 2.33 -10.79 4.16
CA PHE B 26 2.38 -9.89 2.99
C PHE B 26 2.34 -10.71 1.68
N ALA B 27 2.09 -10.10 0.53
CA ALA B 27 1.85 -10.85 -0.72
C ALA B 27 3.20 -11.28 -1.35
N HIS B 28 3.46 -12.58 -1.52
CA HIS B 28 4.64 -13.05 -2.30
C HIS B 28 4.29 -13.06 -3.81
N GLY B 29 3.01 -13.14 -4.20
CA GLY B 29 2.61 -12.99 -5.61
C GLY B 29 1.36 -12.11 -5.69
N PHE B 30 1.01 -11.56 -6.86
CA PHE B 30 -0.21 -10.74 -7.00
C PHE B 30 -1.47 -11.61 -6.78
N HIS B 31 -1.36 -12.94 -6.87
CA HIS B 31 -2.49 -13.84 -6.53
C HIS B 31 -2.75 -13.80 -5.00
N GLU B 32 -1.81 -13.34 -4.16
CA GLU B 32 -2.03 -13.23 -2.71
C GLU B 32 -2.65 -11.86 -2.37
N LEU B 33 -2.46 -10.82 -3.20
CA LEU B 33 -2.95 -9.46 -2.89
C LEU B 33 -4.47 -9.48 -2.73
N ARG B 34 -5.02 -9.06 -1.58
CA ARG B 34 -6.48 -9.02 -1.37
C ARG B 34 -6.99 -7.60 -1.63
N SER B 35 -8.20 -7.43 -2.18
CA SER B 35 -8.72 -6.08 -2.53
C SER B 35 -8.96 -5.26 -1.25
N LEU B 36 -8.57 -3.97 -1.20
CA LEU B 36 -8.89 -3.10 -0.06
C LEU B 36 -10.25 -2.43 -0.30
N THR B 37 -11.16 -2.39 0.69
CA THR B 37 -12.45 -1.69 0.54
C THR B 37 -12.23 -0.17 0.56
N ARG B 38 -12.34 0.53 -0.58
CA ARG B 38 -12.01 1.97 -0.65
C ARG B 38 -13.10 2.79 0.03
N HIS B 39 -12.77 3.72 0.94
CA HIS B 39 -13.76 4.59 1.59
C HIS B 39 -14.51 5.41 0.51
N PRO B 40 -15.80 5.78 0.71
CA PRO B 40 -16.58 6.52 -0.30
C PRO B 40 -15.86 7.85 -0.67
N LYS B 41 -15.06 8.46 0.24
CA LYS B 41 -14.34 9.73 -0.05
C LYS B 41 -12.90 9.43 -0.51
N TYR B 42 -12.58 8.21 -0.95
CA TYR B 42 -11.20 7.85 -1.34
C TYR B 42 -10.66 8.86 -2.39
N LYS B 43 -9.50 9.51 -2.14
CA LYS B 43 -8.88 10.50 -3.06
C LYS B 43 -9.95 11.54 -3.52
N THR B 44 -10.59 12.27 -2.60
CA THR B 44 -11.49 13.40 -2.97
C THR B 44 -10.91 14.72 -2.45
N GLU B 45 -10.01 14.71 -1.46
CA GLU B 45 -9.43 15.96 -0.91
C GLU B 45 -7.90 15.92 -1.04
N LEU B 46 -7.21 17.07 -1.22
CA LEU B 46 -5.75 17.10 -1.36
C LEU B 46 -5.09 16.64 -0.05
N CYS B 47 -4.08 15.76 -0.10
CA CYS B 47 -3.35 15.34 1.10
C CYS B 47 -2.54 16.53 1.65
N ARG B 48 -2.84 17.02 2.85
CA ARG B 48 -2.15 18.20 3.42
C ARG B 48 -0.65 17.92 3.51
N THR B 49 -0.20 16.81 4.08
CA THR B 49 1.25 16.53 4.23
C THR B 49 1.94 16.53 2.84
N PHE B 50 1.39 15.85 1.82
CA PHE B 50 2.03 15.80 0.50
C PHE B 50 2.01 17.21 -0.15
N HIS B 51 0.92 17.98 -0.05
CA HIS B 51 0.86 19.33 -0.66
C HIS B 51 1.59 20.36 0.25
N THR B 52 2.14 19.98 1.42
CA THR B 52 2.92 20.91 2.28
C THR B 52 4.39 20.49 2.30
N ILE B 53 4.75 19.31 2.81
CA ILE B 53 6.17 18.89 2.89
C ILE B 53 6.65 18.41 1.49
N GLY B 54 5.76 18.18 0.52
CA GLY B 54 6.15 17.59 -0.77
C GLY B 54 6.24 16.06 -0.64
N PHE B 55 5.93 15.47 0.53
CA PHE B 55 6.04 14.02 0.75
C PHE B 55 4.93 13.55 1.71
N CYS B 56 4.64 12.25 1.81
CA CYS B 56 3.64 11.73 2.76
C CYS B 56 4.14 10.41 3.37
N PRO B 57 4.13 10.24 4.71
CA PRO B 57 4.66 9.04 5.35
C PRO B 57 3.74 7.84 5.08
N TYR B 58 2.50 8.05 4.60
CA TYR B 58 1.59 6.94 4.27
C TYR B 58 1.91 6.41 2.86
N GLY B 59 2.61 7.17 2.00
CA GLY B 59 3.04 6.67 0.69
C GLY B 59 1.82 6.25 -0.16
N PRO B 60 1.92 5.20 -1.00
CA PRO B 60 0.81 4.79 -1.88
C PRO B 60 -0.41 4.33 -1.04
N ARG B 61 -0.25 4.02 0.26
CA ARG B 61 -1.38 3.55 1.11
C ARG B 61 -2.21 4.75 1.58
N CYS B 62 -1.83 6.01 1.25
CA CYS B 62 -2.56 7.19 1.72
C CYS B 62 -3.97 7.24 1.09
N HIS B 63 -4.99 7.73 1.78
CA HIS B 63 -6.35 7.79 1.23
C HIS B 63 -6.61 9.18 0.60
N PHE B 64 -5.66 10.13 0.65
CA PHE B 64 -5.92 11.51 0.19
C PHE B 64 -5.13 11.80 -1.11
N ILE B 65 -5.54 12.78 -1.93
CA ILE B 65 -4.95 12.97 -3.27
C ILE B 65 -3.51 13.48 -3.15
N HIS B 66 -2.50 12.75 -3.65
CA HIS B 66 -1.14 13.27 -3.74
C HIS B 66 -0.96 14.03 -5.08
N ASN B 67 -0.56 13.37 -6.17
CA ASN B 67 -0.55 13.98 -7.50
C ASN B 67 -1.88 13.61 -8.24
N ALA B 68 -2.09 14.06 -9.49
CA ALA B 68 -3.33 13.74 -10.23
C ALA B 68 -3.09 12.49 -11.14
N ASP B 69 -1.88 11.91 -11.16
CA ASP B 69 -1.57 10.78 -12.06
C ASP B 69 -1.29 9.51 -11.22
N GLU B 70 -1.58 8.30 -11.72
CA GLU B 70 -1.29 7.06 -10.99
C GLU B 70 0.21 6.76 -11.04
N SER B 1 -4.79 -11.02 10.13
CA SER B 1 -5.79 -9.94 10.34
C SER B 1 -6.46 -9.61 8.99
N THR B 2 -7.30 -8.56 8.91
CA THR B 2 -7.96 -8.17 7.64
C THR B 2 -6.89 -7.63 6.65
N ARG B 3 -5.69 -7.24 7.10
CA ARG B 3 -4.62 -6.76 6.20
C ARG B 3 -3.87 -7.97 5.59
N TYR B 4 -4.26 -9.21 5.85
CA TYR B 4 -3.48 -10.39 5.42
C TYR B 4 -3.28 -10.36 3.89
N LYS B 5 -2.02 -10.37 3.39
CA LYS B 5 -1.72 -10.39 1.93
C LYS B 5 -2.47 -9.21 1.22
N THR B 6 -2.69 -8.08 1.87
CA THR B 6 -3.22 -6.87 1.18
C THR B 6 -2.05 -6.00 0.69
N GLU B 7 -0.81 -6.27 1.13
CA GLU B 7 0.37 -5.48 0.70
C GLU B 7 1.49 -6.43 0.22
N LEU B 8 2.33 -6.03 -0.74
CA LEU B 8 3.37 -6.92 -1.29
C LEU B 8 4.41 -7.25 -0.21
N CYS B 9 4.91 -8.49 -0.15
CA CYS B 9 6.05 -8.81 0.71
C CYS B 9 7.33 -8.28 0.05
N ARG B 10 7.86 -7.12 0.47
CA ARG B 10 8.97 -6.47 -0.26
C ARG B 10 10.26 -7.31 -0.15
N PRO B 11 10.58 -7.95 1.01
CA PRO B 11 11.74 -8.84 1.11
C PRO B 11 11.66 -9.95 0.02
N PHE B 12 10.48 -10.53 -0.25
CA PHE B 12 10.34 -11.56 -1.28
C PHE B 12 10.48 -10.93 -2.68
N GLU B 13 9.90 -9.74 -2.94
CA GLU B 13 10.03 -9.08 -4.26
C GLU B 13 11.52 -8.67 -4.50
N GLU B 14 12.29 -8.33 -3.46
CA GLU B 14 13.67 -7.83 -3.65
C GLU B 14 14.65 -9.02 -3.77
N SER B 15 14.55 -10.07 -2.94
CA SER B 15 15.59 -11.13 -2.87
C SER B 15 14.99 -12.50 -3.24
N GLY B 16 13.68 -12.62 -3.50
CA GLY B 16 13.08 -13.88 -3.98
C GLY B 16 12.96 -14.89 -2.81
N THR B 17 13.21 -14.49 -1.56
CA THR B 17 13.15 -15.42 -0.41
C THR B 17 12.43 -14.76 0.76
N CYS B 18 11.76 -15.51 1.65
CA CYS B 18 11.13 -14.93 2.84
C CYS B 18 11.23 -15.92 4.02
N LYS B 19 11.81 -15.52 5.17
CA LYS B 19 12.03 -16.46 6.30
C LYS B 19 10.70 -16.84 6.95
N TYR B 20 9.59 -16.13 6.67
CA TYR B 20 8.29 -16.46 7.26
C TYR B 20 7.60 -17.57 6.43
N GLY B 21 7.97 -17.77 5.15
CA GLY B 21 7.43 -18.88 4.33
C GLY B 21 5.90 -18.78 4.26
N GLU B 22 5.17 -19.90 4.41
CA GLU B 22 3.69 -19.88 4.28
C GLU B 22 3.05 -19.16 5.49
N LYS B 23 3.82 -18.78 6.53
CA LYS B 23 3.27 -18.02 7.67
C LYS B 23 3.44 -16.52 7.43
N CYS B 24 4.03 -16.08 6.30
CA CYS B 24 4.19 -14.65 6.02
C CYS B 24 2.81 -14.01 5.79
N GLN B 25 2.45 -12.94 6.49
CA GLN B 25 1.14 -12.32 6.36
C GLN B 25 1.14 -11.32 5.17
N PHE B 26 2.16 -11.31 4.30
CA PHE B 26 2.22 -10.37 3.17
C PHE B 26 2.22 -11.15 1.83
N ALA B 27 1.93 -10.51 0.70
CA ALA B 27 1.72 -11.22 -0.57
C ALA B 27 3.08 -11.59 -1.20
N HIS B 28 3.38 -12.88 -1.43
CA HIS B 28 4.56 -13.29 -2.21
C HIS B 28 4.22 -13.27 -3.72
N GLY B 29 2.94 -13.38 -4.12
CA GLY B 29 2.55 -13.26 -5.54
C GLY B 29 1.34 -12.33 -5.65
N PHE B 30 1.20 -11.56 -6.74
CA PHE B 30 0.02 -10.72 -6.96
C PHE B 30 -1.23 -11.61 -7.11
N HIS B 31 -1.09 -12.91 -7.44
CA HIS B 31 -2.22 -13.85 -7.48
C HIS B 31 -2.86 -14.00 -6.08
N GLU B 32 -2.17 -13.61 -4.99
CA GLU B 32 -2.70 -13.79 -3.62
C GLU B 32 -3.05 -12.42 -3.00
N LEU B 33 -2.86 -11.29 -3.71
CA LEU B 33 -3.20 -9.97 -3.17
C LEU B 33 -4.71 -9.88 -2.94
N ARG B 34 -5.18 -9.49 -1.75
CA ARG B 34 -6.64 -9.36 -1.48
C ARG B 34 -7.04 -7.88 -1.52
N SER B 35 -8.24 -7.53 -1.99
CA SER B 35 -8.63 -6.12 -2.16
C SER B 35 -8.82 -5.46 -0.79
N LEU B 36 -8.54 -4.15 -0.64
CA LEU B 36 -8.87 -3.41 0.59
C LEU B 36 -10.21 -2.68 0.41
N THR B 37 -11.08 -2.60 1.43
CA THR B 37 -12.35 -1.84 1.33
C THR B 37 -12.06 -0.33 1.45
N ARG B 38 -12.06 0.43 0.34
CA ARG B 38 -11.65 1.84 0.37
C ARG B 38 -12.83 2.72 0.81
N HIS B 39 -12.61 3.76 1.63
CA HIS B 39 -13.68 4.68 2.05
C HIS B 39 -14.30 5.35 0.79
N PRO B 40 -15.62 5.67 0.78
CA PRO B 40 -16.28 6.24 -0.40
C PRO B 40 -15.64 7.62 -0.78
N LYS B 41 -15.01 8.34 0.17
CA LYS B 41 -14.34 9.63 -0.14
C LYS B 41 -12.86 9.36 -0.56
N TYR B 42 -12.51 8.16 -1.01
CA TYR B 42 -11.11 7.84 -1.38
C TYR B 42 -10.57 8.85 -2.42
N LYS B 43 -9.38 9.47 -2.18
CA LYS B 43 -8.79 10.49 -3.09
C LYS B 43 -9.86 11.52 -3.54
N THR B 44 -10.53 12.22 -2.62
CA THR B 44 -11.46 13.33 -3.00
C THR B 44 -10.90 14.68 -2.50
N GLU B 45 -10.00 14.71 -1.51
CA GLU B 45 -9.47 15.98 -0.98
C GLU B 45 -7.93 16.01 -1.14
N LEU B 46 -7.32 17.19 -1.36
CA LEU B 46 -5.86 17.30 -1.49
C LEU B 46 -5.18 16.89 -0.17
N CYS B 47 -4.11 16.09 -0.19
CA CYS B 47 -3.39 15.72 1.01
C CYS B 47 -2.67 16.96 1.57
N ARG B 48 -3.05 17.45 2.77
CA ARG B 48 -2.44 18.65 3.36
C ARG B 48 -0.93 18.44 3.49
N THR B 49 -0.44 17.34 4.07
CA THR B 49 1.01 17.11 4.24
C THR B 49 1.72 17.16 2.87
N PHE B 50 1.24 16.49 1.83
CA PHE B 50 1.91 16.49 0.51
C PHE B 50 1.85 17.91 -0.11
N HIS B 51 0.75 18.65 0.01
CA HIS B 51 0.63 19.99 -0.61
C HIS B 51 1.23 21.08 0.33
N THR B 52 1.71 20.75 1.54
CA THR B 52 2.31 21.76 2.47
C THR B 52 3.82 21.47 2.67
N ILE B 53 4.25 20.21 2.73
CA ILE B 53 5.70 19.88 2.88
C ILE B 53 6.28 19.45 1.51
N GLY B 54 5.45 19.20 0.48
CA GLY B 54 5.95 18.64 -0.79
C GLY B 54 6.15 17.13 -0.65
N PHE B 55 5.85 16.51 0.51
CA PHE B 55 6.10 15.09 0.73
C PHE B 55 5.03 14.52 1.69
N CYS B 56 4.80 13.20 1.74
CA CYS B 56 3.86 12.60 2.68
C CYS B 56 4.42 11.25 3.18
N PRO B 57 4.46 10.98 4.50
CA PRO B 57 5.06 9.77 5.05
C PRO B 57 4.17 8.55 4.73
N TYR B 58 2.95 8.72 4.20
CA TYR B 58 2.10 7.58 3.80
C TYR B 58 2.44 7.16 2.35
N GLY B 59 3.13 8.00 1.56
CA GLY B 59 3.55 7.61 0.20
C GLY B 59 2.32 7.24 -0.65
N PRO B 60 2.40 6.21 -1.53
CA PRO B 60 1.29 5.85 -2.42
C PRO B 60 0.14 5.22 -1.60
N ARG B 61 0.34 4.84 -0.33
CA ARG B 61 -0.72 4.23 0.50
C ARG B 61 -1.56 5.35 1.16
N CYS B 62 -1.31 6.63 0.90
CA CYS B 62 -2.10 7.73 1.47
C CYS B 62 -3.52 7.70 0.86
N HIS B 63 -4.57 7.97 1.65
CA HIS B 63 -5.96 7.96 1.13
C HIS B 63 -6.31 9.35 0.54
N PHE B 64 -5.41 10.35 0.58
CA PHE B 64 -5.73 11.70 0.12
C PHE B 64 -4.96 12.03 -1.18
N ILE B 65 -5.39 13.01 -1.98
CA ILE B 65 -4.82 13.23 -3.34
C ILE B 65 -3.41 13.85 -3.23
N HIS B 66 -2.37 13.20 -3.74
CA HIS B 66 -1.04 13.84 -3.85
C HIS B 66 -0.93 14.55 -5.22
N ASN B 67 -0.52 13.86 -6.29
CA ASN B 67 -0.61 14.42 -7.65
C ASN B 67 -1.92 13.93 -8.33
N ALA B 68 -2.22 14.29 -9.58
CA ALA B 68 -3.45 13.86 -10.25
C ALA B 68 -3.19 12.55 -11.04
N ASP B 69 -2.87 12.61 -12.34
CA ASP B 69 -2.64 11.40 -13.15
C ASP B 69 -1.33 11.56 -13.96
N GLU B 70 -0.15 11.25 -13.40
CA GLU B 70 1.12 11.40 -14.11
C GLU B 70 1.27 10.30 -15.16
N SER B 1 -12.60 -6.83 6.15
CA SER B 1 -11.37 -7.53 5.72
C SER B 1 -10.15 -6.85 6.35
N THR B 2 -9.20 -7.60 6.91
CA THR B 2 -7.98 -7.00 7.52
C THR B 2 -6.96 -6.67 6.41
N ARG B 3 -5.79 -6.12 6.75
CA ARG B 3 -4.75 -5.81 5.73
C ARG B 3 -3.95 -7.09 5.38
N TYR B 4 -4.39 -8.29 5.79
CA TYR B 4 -3.62 -9.52 5.56
C TYR B 4 -3.34 -9.68 4.04
N LYS B 5 -2.06 -9.79 3.62
CA LYS B 5 -1.69 -10.01 2.19
C LYS B 5 -2.37 -8.94 1.30
N THR B 6 -2.53 -7.69 1.76
CA THR B 6 -3.04 -6.60 0.89
C THR B 6 -1.86 -5.84 0.29
N GLU B 7 -0.61 -6.04 0.78
CA GLU B 7 0.55 -5.27 0.31
C GLU B 7 1.65 -6.24 -0.14
N LEU B 8 2.47 -5.89 -1.15
CA LEU B 8 3.52 -6.79 -1.67
C LEU B 8 4.55 -7.10 -0.57
N CYS B 9 5.04 -8.35 -0.47
CA CYS B 9 6.17 -8.66 0.40
C CYS B 9 7.47 -8.20 -0.27
N ARG B 10 8.02 -7.02 0.08
CA ARG B 10 9.14 -6.43 -0.67
C ARG B 10 10.41 -7.31 -0.52
N PRO B 11 10.71 -7.89 0.68
CA PRO B 11 11.87 -8.79 0.84
C PRO B 11 11.77 -9.95 -0.17
N PHE B 12 10.58 -10.51 -0.43
CA PHE B 12 10.42 -11.60 -1.40
C PHE B 12 10.56 -11.04 -2.83
N GLU B 13 10.01 -9.86 -3.15
CA GLU B 13 10.12 -9.29 -4.50
C GLU B 13 11.60 -8.93 -4.80
N GLU B 14 12.40 -8.55 -3.80
CA GLU B 14 13.78 -8.07 -4.02
C GLU B 14 14.75 -9.28 -4.09
N SER B 15 14.65 -10.27 -3.19
CA SER B 15 15.68 -11.33 -3.06
C SER B 15 15.07 -12.71 -3.37
N GLY B 16 13.75 -12.83 -3.58
CA GLY B 16 13.13 -14.11 -3.98
C GLY B 16 13.00 -15.05 -2.76
N THR B 17 13.27 -14.59 -1.54
CA THR B 17 13.21 -15.45 -0.34
C THR B 17 12.53 -14.70 0.81
N CYS B 18 11.85 -15.37 1.75
CA CYS B 18 11.24 -14.70 2.89
C CYS B 18 11.33 -15.62 4.13
N LYS B 19 11.91 -15.16 5.25
CA LYS B 19 12.13 -16.02 6.43
C LYS B 19 10.78 -16.37 7.08
N TYR B 20 9.69 -15.66 6.78
CA TYR B 20 8.38 -15.95 7.39
C TYR B 20 7.68 -17.10 6.61
N GLY B 21 8.09 -17.41 5.37
CA GLY B 21 7.58 -18.58 4.63
C GLY B 21 6.04 -18.49 4.51
N GLU B 22 5.30 -19.57 4.71
CA GLU B 22 3.82 -19.57 4.52
C GLU B 22 3.14 -18.75 5.65
N LYS B 23 3.87 -18.32 6.70
CA LYS B 23 3.29 -17.49 7.78
C LYS B 23 3.53 -16.01 7.48
N CYS B 24 4.15 -15.64 6.35
CA CYS B 24 4.32 -14.23 5.97
C CYS B 24 2.93 -13.58 5.79
N GLN B 25 2.64 -12.46 6.45
CA GLN B 25 1.32 -11.81 6.32
C GLN B 25 1.31 -10.88 5.08
N PHE B 26 2.31 -10.94 4.18
CA PHE B 26 2.37 -10.04 3.01
C PHE B 26 2.34 -10.87 1.71
N ALA B 27 2.05 -10.28 0.55
CA ALA B 27 1.80 -11.05 -0.68
C ALA B 27 3.15 -11.44 -1.33
N HIS B 28 3.47 -12.73 -1.45
CA HIS B 28 4.64 -13.18 -2.24
C HIS B 28 4.26 -13.19 -3.74
N GLY B 29 2.98 -13.36 -4.11
CA GLY B 29 2.55 -13.27 -5.52
C GLY B 29 1.27 -12.45 -5.62
N PHE B 30 0.98 -11.81 -6.76
CA PHE B 30 -0.25 -10.99 -6.92
C PHE B 30 -1.49 -11.91 -6.84
N HIS B 31 -1.37 -13.23 -7.05
CA HIS B 31 -2.50 -14.16 -6.91
C HIS B 31 -2.96 -14.19 -5.42
N GLU B 32 -2.14 -13.77 -4.46
CA GLU B 32 -2.52 -13.81 -3.03
C GLU B 32 -3.21 -12.48 -2.64
N LEU B 33 -3.14 -11.42 -3.47
CA LEU B 33 -3.72 -10.12 -3.11
C LEU B 33 -5.24 -10.26 -2.93
N ARG B 34 -5.81 -9.84 -1.79
CA ARG B 34 -7.26 -10.04 -1.52
C ARG B 34 -8.06 -8.83 -2.04
N SER B 35 -9.31 -9.02 -2.52
CA SER B 35 -10.13 -7.89 -3.01
C SER B 35 -10.60 -7.04 -1.80
N LEU B 36 -10.36 -5.71 -1.79
CA LEU B 36 -10.84 -4.84 -0.71
C LEU B 36 -11.48 -3.57 -1.30
N THR B 37 -12.72 -3.24 -0.96
CA THR B 37 -13.36 -1.97 -1.40
C THR B 37 -12.68 -0.78 -0.70
N ARG B 38 -12.63 0.41 -1.32
CA ARG B 38 -11.92 1.58 -0.74
C ARG B 38 -12.90 2.46 0.03
N HIS B 39 -12.43 3.31 0.96
CA HIS B 39 -13.32 4.23 1.70
C HIS B 39 -14.09 5.13 0.71
N PRO B 40 -15.36 5.52 0.98
CA PRO B 40 -16.16 6.30 0.05
C PRO B 40 -15.50 7.70 -0.19
N LYS B 41 -14.65 8.21 0.72
CA LYS B 41 -13.96 9.51 0.53
C LYS B 41 -12.47 9.27 0.18
N TYR B 42 -12.04 8.02 -0.10
CA TYR B 42 -10.63 7.73 -0.45
C TYR B 42 -10.13 8.71 -1.55
N LYS B 43 -9.08 9.51 -1.27
CA LYS B 43 -8.47 10.44 -2.25
C LYS B 43 -9.56 11.31 -2.92
N THR B 44 -10.41 11.98 -2.16
CA THR B 44 -11.35 13.00 -2.71
C THR B 44 -10.87 14.42 -2.34
N GLU B 45 -9.98 14.59 -1.35
CA GLU B 45 -9.47 15.93 -0.97
C GLU B 45 -7.93 15.96 -1.11
N LEU B 46 -7.31 17.14 -1.30
CA LEU B 46 -5.85 17.23 -1.48
C LEU B 46 -5.14 16.88 -0.17
N CYS B 47 -4.05 16.11 -0.20
CA CYS B 47 -3.28 15.82 1.00
C CYS B 47 -2.55 17.08 1.48
N ARG B 48 -2.93 17.65 2.63
CA ARG B 48 -2.31 18.89 3.13
C ARG B 48 -0.79 18.69 3.28
N THR B 49 -0.32 17.63 3.93
CA THR B 49 1.14 17.38 4.11
C THR B 49 1.83 17.31 2.73
N PHE B 50 1.33 16.54 1.75
CA PHE B 50 1.99 16.44 0.43
C PHE B 50 1.98 17.83 -0.27
N HIS B 51 0.90 18.59 -0.21
CA HIS B 51 0.80 19.91 -0.90
C HIS B 51 1.43 21.03 -0.01
N THR B 52 1.96 20.72 1.18
CA THR B 52 2.66 21.73 2.03
C THR B 52 4.15 21.40 2.11
N ILE B 53 4.55 20.25 2.65
CA ILE B 53 5.98 19.89 2.78
C ILE B 53 6.52 19.36 1.43
N GLY B 54 5.66 19.10 0.43
CA GLY B 54 6.10 18.49 -0.83
C GLY B 54 6.33 16.97 -0.62
N PHE B 55 6.02 16.42 0.56
CA PHE B 55 6.23 14.99 0.84
C PHE B 55 5.18 14.51 1.84
N CYS B 56 5.01 13.19 2.03
CA CYS B 56 4.02 12.66 2.97
C CYS B 56 4.54 11.36 3.59
N PRO B 57 4.55 11.19 4.94
CA PRO B 57 5.09 10.01 5.58
C PRO B 57 4.17 8.80 5.33
N TYR B 58 2.96 8.97 4.77
CA TYR B 58 2.08 7.84 4.45
C TYR B 58 2.37 7.35 3.01
N GLY B 59 3.11 8.10 2.19
CA GLY B 59 3.55 7.61 0.86
C GLY B 59 2.33 7.21 0.01
N PRO B 60 2.42 6.18 -0.86
CA PRO B 60 1.32 5.80 -1.74
C PRO B 60 0.16 5.17 -0.92
N ARG B 61 0.36 4.84 0.38
CA ARG B 61 -0.73 4.32 1.24
C ARG B 61 -1.57 5.50 1.79
N CYS B 62 -1.30 6.76 1.42
CA CYS B 62 -2.02 7.91 1.96
C CYS B 62 -3.48 7.91 1.45
N HIS B 63 -4.47 8.23 2.28
CA HIS B 63 -5.89 8.20 1.88
C HIS B 63 -6.28 9.55 1.24
N PHE B 64 -5.33 10.43 0.89
CA PHE B 64 -5.64 11.78 0.37
C PHE B 64 -4.89 12.01 -0.97
N ILE B 65 -5.30 12.98 -1.80
CA ILE B 65 -4.76 13.10 -3.17
C ILE B 65 -3.35 13.71 -3.13
N HIS B 66 -2.32 12.99 -3.53
CA HIS B 66 -0.98 13.58 -3.72
C HIS B 66 -0.91 14.25 -5.10
N ASN B 67 -0.51 13.55 -6.16
CA ASN B 67 -0.60 14.08 -7.53
C ASN B 67 -1.93 13.59 -8.19
N ALA B 68 -2.22 13.96 -9.44
CA ALA B 68 -3.46 13.52 -10.11
C ALA B 68 -3.19 12.23 -10.93
N ASP B 69 -1.97 11.66 -10.91
CA ASP B 69 -1.64 10.48 -11.72
C ASP B 69 -1.35 9.28 -10.80
N GLU B 70 -1.72 8.05 -11.17
CA GLU B 70 -1.47 6.87 -10.32
C GLU B 70 -0.88 5.73 -11.17
N SER B 1 -7.49 -10.50 10.54
CA SER B 1 -7.05 -9.14 10.22
C SER B 1 -7.42 -8.80 8.78
N THR B 2 -8.03 -7.64 8.49
CA THR B 2 -8.41 -7.28 7.11
C THR B 2 -7.16 -7.02 6.26
N ARG B 3 -6.08 -6.44 6.83
CA ARG B 3 -4.84 -6.14 6.07
C ARG B 3 -3.98 -7.41 5.93
N TYR B 4 -4.56 -8.59 5.68
CA TYR B 4 -3.78 -9.83 5.51
C TYR B 4 -3.40 -10.01 4.03
N LYS B 5 -2.10 -10.05 3.67
CA LYS B 5 -1.65 -10.20 2.26
C LYS B 5 -2.31 -9.12 1.37
N THR B 6 -2.59 -7.92 1.87
CA THR B 6 -3.10 -6.80 1.03
C THR B 6 -1.92 -5.97 0.51
N GLU B 7 -0.69 -6.15 1.02
CA GLU B 7 0.48 -5.36 0.56
C GLU B 7 1.59 -6.33 0.09
N LEU B 8 2.41 -5.96 -0.91
CA LEU B 8 3.42 -6.87 -1.47
C LEU B 8 4.49 -7.20 -0.42
N CYS B 9 5.01 -8.43 -0.37
CA CYS B 9 6.17 -8.76 0.46
C CYS B 9 7.44 -8.23 -0.23
N ARG B 10 8.00 -7.08 0.21
CA ARG B 10 9.10 -6.42 -0.53
C ARG B 10 10.40 -7.28 -0.43
N PRO B 11 10.75 -7.88 0.73
CA PRO B 11 12.00 -8.67 0.85
C PRO B 11 11.94 -9.87 -0.10
N PHE B 12 10.77 -10.49 -0.35
CA PHE B 12 10.64 -11.59 -1.30
C PHE B 12 10.85 -11.08 -2.73
N GLU B 13 10.34 -9.90 -3.10
CA GLU B 13 10.55 -9.34 -4.45
C GLU B 13 12.04 -9.00 -4.65
N GLU B 14 12.80 -8.65 -3.60
CA GLU B 14 14.21 -8.21 -3.76
C GLU B 14 15.14 -9.45 -3.76
N SER B 15 14.93 -10.45 -2.88
CA SER B 15 15.91 -11.56 -2.70
C SER B 15 15.28 -12.91 -3.11
N GLY B 16 13.99 -12.97 -3.44
CA GLY B 16 13.38 -14.22 -3.98
C GLY B 16 13.13 -15.22 -2.84
N THR B 17 13.33 -14.86 -1.56
CA THR B 17 13.11 -15.79 -0.43
C THR B 17 12.43 -15.04 0.72
N CYS B 18 11.74 -15.72 1.64
CA CYS B 18 11.09 -15.07 2.79
C CYS B 18 11.19 -15.96 4.02
N LYS B 19 11.73 -15.49 5.15
CA LYS B 19 11.93 -16.33 6.36
C LYS B 19 10.57 -16.66 6.98
N TYR B 20 9.49 -15.95 6.66
CA TYR B 20 8.17 -16.21 7.25
C TYR B 20 7.45 -17.33 6.47
N GLY B 21 7.80 -17.59 5.20
CA GLY B 21 7.23 -18.71 4.44
C GLY B 21 5.70 -18.58 4.39
N GLU B 22 4.93 -19.66 4.62
CA GLU B 22 3.46 -19.63 4.48
C GLU B 22 2.83 -18.82 5.64
N LYS B 23 3.61 -18.37 6.64
CA LYS B 23 3.08 -17.56 7.75
C LYS B 23 3.26 -16.06 7.46
N CYS B 24 3.88 -15.67 6.33
CA CYS B 24 4.12 -14.25 6.02
C CYS B 24 2.77 -13.55 5.79
N GLN B 25 2.50 -12.42 6.46
CA GLN B 25 1.22 -11.72 6.32
C GLN B 25 1.24 -10.81 5.06
N PHE B 26 2.23 -10.95 4.15
CA PHE B 26 2.33 -10.05 2.98
C PHE B 26 2.32 -10.89 1.68
N ALA B 27 2.04 -10.31 0.51
CA ALA B 27 1.81 -11.07 -0.73
C ALA B 27 3.15 -11.42 -1.40
N HIS B 28 3.50 -12.70 -1.58
CA HIS B 28 4.66 -13.09 -2.41
C HIS B 28 4.27 -13.05 -3.90
N GLY B 29 2.99 -13.22 -4.27
CA GLY B 29 2.55 -13.08 -5.67
C GLY B 29 1.25 -12.27 -5.72
N PHE B 30 0.92 -11.59 -6.83
CA PHE B 30 -0.32 -10.80 -6.94
C PHE B 30 -1.55 -11.73 -6.85
N HIS B 31 -1.41 -13.04 -7.13
CA HIS B 31 -2.52 -14.01 -6.95
C HIS B 31 -2.94 -14.09 -5.47
N GLU B 32 -2.07 -13.70 -4.51
CA GLU B 32 -2.40 -13.80 -3.07
C GLU B 32 -3.09 -12.51 -2.60
N LEU B 33 -3.07 -11.42 -3.38
CA LEU B 33 -3.68 -10.15 -2.96
C LEU B 33 -5.19 -10.33 -2.80
N ARG B 34 -5.78 -10.04 -1.63
CA ARG B 34 -7.22 -10.26 -1.39
C ARG B 34 -8.02 -9.04 -1.87
N SER B 35 -9.23 -9.20 -2.42
CA SER B 35 -10.03 -8.06 -2.91
C SER B 35 -10.53 -7.22 -1.71
N LEU B 36 -10.39 -5.88 -1.74
CA LEU B 36 -10.92 -5.02 -0.66
C LEU B 36 -11.46 -3.72 -1.27
N THR B 37 -12.71 -3.33 -1.00
CA THR B 37 -13.25 -2.05 -1.49
C THR B 37 -12.55 -0.87 -0.78
N ARG B 38 -12.41 0.30 -1.40
CA ARG B 38 -11.67 1.44 -0.80
C ARG B 38 -12.63 2.30 0.04
N HIS B 39 -12.13 3.10 0.99
CA HIS B 39 -12.99 4.00 1.79
C HIS B 39 -13.79 4.95 0.85
N PRO B 40 -15.05 5.32 1.18
CA PRO B 40 -15.89 6.11 0.29
C PRO B 40 -15.26 7.51 0.04
N LYS B 41 -14.39 8.02 0.93
CA LYS B 41 -13.72 9.33 0.72
C LYS B 41 -12.23 9.10 0.35
N TYR B 42 -11.82 7.90 -0.07
CA TYR B 42 -10.42 7.62 -0.44
C TYR B 42 -9.94 8.65 -1.50
N LYS B 43 -8.93 9.49 -1.18
CA LYS B 43 -8.41 10.52 -2.10
C LYS B 43 -9.57 11.34 -2.72
N THR B 44 -10.41 11.99 -1.91
CA THR B 44 -11.40 12.96 -2.42
C THR B 44 -10.91 14.40 -2.16
N GLU B 45 -10.06 14.63 -1.15
CA GLU B 45 -9.56 16.00 -0.84
C GLU B 45 -8.02 16.04 -1.01
N LEU B 46 -7.41 17.22 -1.23
CA LEU B 46 -5.94 17.32 -1.40
C LEU B 46 -5.23 16.97 -0.09
N CYS B 47 -4.11 16.24 -0.12
CA CYS B 47 -3.32 15.96 1.08
C CYS B 47 -2.63 17.25 1.56
N ARG B 48 -2.98 17.77 2.73
CA ARG B 48 -2.34 18.99 3.28
C ARG B 48 -0.84 18.78 3.39
N THR B 49 -0.35 17.66 3.95
CA THR B 49 1.09 17.42 4.10
C THR B 49 1.79 17.46 2.72
N PHE B 50 1.29 16.75 1.70
CA PHE B 50 1.96 16.71 0.38
C PHE B 50 1.87 18.10 -0.29
N HIS B 51 0.75 18.81 -0.23
CA HIS B 51 0.61 20.13 -0.90
C HIS B 51 1.24 21.25 -0.03
N THR B 52 1.73 20.98 1.19
CA THR B 52 2.42 22.00 2.03
C THR B 52 3.92 21.68 2.14
N ILE B 53 4.32 20.52 2.69
CA ILE B 53 5.76 20.18 2.83
C ILE B 53 6.33 19.72 1.47
N GLY B 54 5.49 19.47 0.45
CA GLY B 54 5.96 18.91 -0.83
C GLY B 54 6.22 17.40 -0.67
N PHE B 55 5.84 16.78 0.45
CA PHE B 55 6.13 15.36 0.69
C PHE B 55 5.09 14.79 1.68
N CYS B 56 4.98 13.46 1.81
CA CYS B 56 4.04 12.86 2.78
C CYS B 56 4.61 11.53 3.29
N PRO B 57 4.71 11.29 4.62
CA PRO B 57 5.31 10.08 5.17
C PRO B 57 4.40 8.86 4.90
N TYR B 58 3.15 9.05 4.42
CA TYR B 58 2.27 7.92 4.08
C TYR B 58 2.54 7.48 2.63
N GLY B 59 3.20 8.29 1.80
CA GLY B 59 3.62 7.87 0.44
C GLY B 59 2.38 7.44 -0.38
N PRO B 60 2.47 6.38 -1.22
CA PRO B 60 1.36 5.98 -2.09
C PRO B 60 0.24 5.32 -1.25
N ARG B 61 0.39 5.16 0.08
CA ARG B 61 -0.67 4.58 0.93
C ARG B 61 -1.48 5.71 1.60
N CYS B 62 -1.22 6.99 1.30
CA CYS B 62 -1.98 8.09 1.89
C CYS B 62 -3.43 8.04 1.40
N HIS B 63 -4.43 8.36 2.24
CA HIS B 63 -5.84 8.33 1.83
C HIS B 63 -6.25 9.70 1.28
N PHE B 64 -5.32 10.61 0.95
CA PHE B 64 -5.66 11.94 0.41
C PHE B 64 -4.94 12.15 -0.95
N ILE B 65 -5.42 13.06 -1.82
CA ILE B 65 -4.86 13.21 -3.18
C ILE B 65 -3.46 13.84 -3.11
N HIS B 66 -2.42 13.18 -3.63
CA HIS B 66 -1.09 13.81 -3.78
C HIS B 66 -1.01 14.44 -5.19
N ASN B 67 -0.58 13.71 -6.22
CA ASN B 67 -0.68 14.18 -7.61
C ASN B 67 -1.99 13.61 -8.25
N ALA B 68 -2.31 13.92 -9.51
CA ALA B 68 -3.43 13.27 -10.21
C ALA B 68 -2.89 12.08 -11.05
N ASP B 69 -3.75 11.20 -11.61
CA ASP B 69 -3.30 10.08 -12.45
C ASP B 69 -3.73 10.32 -13.92
N GLU B 70 -2.83 10.21 -14.90
CA GLU B 70 -3.18 10.44 -16.31
C GLU B 70 -3.98 9.26 -16.85
#